data_3QQA
# 
_entry.id   3QQA 
# 
_audit_conform.dict_name       mmcif_pdbx.dic 
_audit_conform.dict_version    5.387 
_audit_conform.dict_location   http://mmcif.pdb.org/dictionaries/ascii/mmcif_pdbx.dic 
# 
loop_
_database_2.database_id 
_database_2.database_code 
_database_2.pdbx_database_accession 
_database_2.pdbx_DOI 
PDB   3QQA         pdb_00003qqa 10.2210/pdb3qqa/pdb 
RCSB  RCSB063967   ?            ?                   
WWPDB D_1000063967 ?            ?                   
# 
loop_
_pdbx_audit_revision_history.ordinal 
_pdbx_audit_revision_history.data_content_type 
_pdbx_audit_revision_history.major_revision 
_pdbx_audit_revision_history.minor_revision 
_pdbx_audit_revision_history.revision_date 
1 'Structure model' 1 0 2011-03-16 
2 'Structure model' 1 1 2011-07-13 
3 'Structure model' 1 2 2012-02-29 
4 'Structure model' 1 3 2024-02-21 
# 
_pdbx_audit_revision_details.ordinal             1 
_pdbx_audit_revision_details.revision_ordinal    1 
_pdbx_audit_revision_details.data_content_type   'Structure model' 
_pdbx_audit_revision_details.provider            repository 
_pdbx_audit_revision_details.type                'Initial release' 
_pdbx_audit_revision_details.description         ? 
_pdbx_audit_revision_details.details             ? 
# 
loop_
_pdbx_audit_revision_group.ordinal 
_pdbx_audit_revision_group.revision_ordinal 
_pdbx_audit_revision_group.data_content_type 
_pdbx_audit_revision_group.group 
1 2 'Structure model' 'Version format compliance' 
2 3 'Structure model' 'Database references'       
3 4 'Structure model' 'Data collection'           
4 4 'Structure model' 'Database references'       
5 4 'Structure model' 'Derived calculations'      
# 
loop_
_pdbx_audit_revision_category.ordinal 
_pdbx_audit_revision_category.revision_ordinal 
_pdbx_audit_revision_category.data_content_type 
_pdbx_audit_revision_category.category 
1 4 'Structure model' chem_comp_atom     
2 4 'Structure model' chem_comp_bond     
3 4 'Structure model' database_2         
4 4 'Structure model' struct_ref_seq_dif 
5 4 'Structure model' struct_site        
# 
loop_
_pdbx_audit_revision_item.ordinal 
_pdbx_audit_revision_item.revision_ordinal 
_pdbx_audit_revision_item.data_content_type 
_pdbx_audit_revision_item.item 
1 4 'Structure model' '_database_2.pdbx_DOI'                
2 4 'Structure model' '_database_2.pdbx_database_accession' 
3 4 'Structure model' '_struct_ref_seq_dif.details'         
4 4 'Structure model' '_struct_site.pdbx_auth_asym_id'      
5 4 'Structure model' '_struct_site.pdbx_auth_comp_id'      
6 4 'Structure model' '_struct_site.pdbx_auth_seq_id'       
# 
_pdbx_database_status.entry_id                        3QQA 
_pdbx_database_status.deposit_site                    RCSB 
_pdbx_database_status.process_site                    RCSB 
_pdbx_database_status.recvd_initial_deposition_date   2011-02-15 
_pdbx_database_status.status_code                     REL 
_pdbx_database_status.status_code_sf                  REL 
_pdbx_database_status.status_code_mr                  ? 
_pdbx_database_status.SG_entry                        ? 
_pdbx_database_status.status_code_cs                  ? 
_pdbx_database_status.methods_development_category    ? 
_pdbx_database_status.pdb_format_compatible           Y 
_pdbx_database_status.status_code_nmr_data            ? 
# 
loop_
_pdbx_database_related.db_name 
_pdbx_database_related.db_id 
_pdbx_database_related.details 
_pdbx_database_related.content_type 
PDB 3QPS . unspecified 
PDB 3OQU . unspecified 
# 
loop_
_audit_author.name 
_audit_author.pdbx_ordinal 
'Lei, H.T.'   1 
'Routh, M.D.' 2 
'Shen, Z.'    3 
'Su, C.-C.'   4 
'Zhang, Q.'   5 
'Yu, E.W.'    6 
# 
_citation.id                        primary 
_citation.title                     'Crystal structures of CmeR-bile acid complexes from Campylobacter jejuni.' 
_citation.journal_abbrev            'Protein Sci.' 
_citation.journal_volume            20 
_citation.page_first                712 
_citation.page_last                 723 
_citation.year                      2011 
_citation.journal_id_ASTM           PRCIEI 
_citation.country                   US 
_citation.journal_id_ISSN           0961-8368 
_citation.journal_id_CSD            0795 
_citation.book_publisher            ? 
_citation.pdbx_database_id_PubMed   21328631 
_citation.pdbx_database_id_DOI      10.1002/pro.602 
# 
loop_
_citation_author.citation_id 
_citation_author.name 
_citation_author.ordinal 
_citation_author.identifier_ORCID 
primary 'Lei, H.T.'   1 ? 
primary 'Shen, Z.'    2 ? 
primary 'Surana, P.'  3 ? 
primary 'Routh, M.D.' 4 ? 
primary 'Su, C.C.'    5 ? 
primary 'Zhang, Q.'   6 ? 
primary 'Yu, E.W.'    7 ? 
# 
loop_
_entity.id 
_entity.type 
_entity.src_method 
_entity.pdbx_description 
_entity.formula_weight 
_entity.pdbx_number_of_molecules 
_entity.pdbx_ec 
_entity.pdbx_mutation 
_entity.pdbx_fragment 
_entity.details 
1 polymer     man CmeR               25091.781 1  ? ? ? ? 
2 non-polymer syn 'TAUROCHOLIC ACID' 515.703   1  ? ? ? ? 
3 water       nat water              18.015    54 ? ? ? ? 
# 
_entity_name_com.entity_id   1 
_entity_name_com.name        'Transcriptional repressor' 
# 
_entity_poly.entity_id                      1 
_entity_poly.type                           'polypeptide(L)' 
_entity_poly.nstd_linkage                   no 
_entity_poly.nstd_monomer                   no 
_entity_poly.pdbx_seq_one_letter_code       
;HHHHHHMNSNRTPSQKVLARQEKIKAVALELFLTKGYQETSLSDIIKLSGGSYSNIYDGFKSKEGLFFEILDDICKKHFH
LIYSKTQEIKNGTLKEILTSFGLAFIEIFNQPEAVAFGKIIYSQVYDKDRHLANWIENNQQNFSYNILMGFFKQQNNSYM
KKNAEKLAVLFCTMLKEPYHHLNVLINAPLKNKKEQKEHVEFVVNVFLNGINSSKA
;
_entity_poly.pdbx_seq_one_letter_code_can   
;HHHHHHMNSNRTPSQKVLARQEKIKAVALELFLTKGYQETSLSDIIKLSGGSYSNIYDGFKSKEGLFFEILDDICKKHFH
LIYSKTQEIKNGTLKEILTSFGLAFIEIFNQPEAVAFGKIIYSQVYDKDRHLANWIENNQQNFSYNILMGFFKQQNNSYM
KKNAEKLAVLFCTMLKEPYHHLNVLINAPLKNKKEQKEHVEFVVNVFLNGINSSKA
;
_entity_poly.pdbx_strand_id                 A 
_entity_poly.pdbx_target_identifier         ? 
# 
loop_
_pdbx_entity_nonpoly.entity_id 
_pdbx_entity_nonpoly.name 
_pdbx_entity_nonpoly.comp_id 
2 'TAUROCHOLIC ACID' TCH 
3 water              HOH 
# 
loop_
_entity_poly_seq.entity_id 
_entity_poly_seq.num 
_entity_poly_seq.mon_id 
_entity_poly_seq.hetero 
1 1   HIS n 
1 2   HIS n 
1 3   HIS n 
1 4   HIS n 
1 5   HIS n 
1 6   HIS n 
1 7   MET n 
1 8   ASN n 
1 9   SER n 
1 10  ASN n 
1 11  ARG n 
1 12  THR n 
1 13  PRO n 
1 14  SER n 
1 15  GLN n 
1 16  LYS n 
1 17  VAL n 
1 18  LEU n 
1 19  ALA n 
1 20  ARG n 
1 21  GLN n 
1 22  GLU n 
1 23  LYS n 
1 24  ILE n 
1 25  LYS n 
1 26  ALA n 
1 27  VAL n 
1 28  ALA n 
1 29  LEU n 
1 30  GLU n 
1 31  LEU n 
1 32  PHE n 
1 33  LEU n 
1 34  THR n 
1 35  LYS n 
1 36  GLY n 
1 37  TYR n 
1 38  GLN n 
1 39  GLU n 
1 40  THR n 
1 41  SER n 
1 42  LEU n 
1 43  SER n 
1 44  ASP n 
1 45  ILE n 
1 46  ILE n 
1 47  LYS n 
1 48  LEU n 
1 49  SER n 
1 50  GLY n 
1 51  GLY n 
1 52  SER n 
1 53  TYR n 
1 54  SER n 
1 55  ASN n 
1 56  ILE n 
1 57  TYR n 
1 58  ASP n 
1 59  GLY n 
1 60  PHE n 
1 61  LYS n 
1 62  SER n 
1 63  LYS n 
1 64  GLU n 
1 65  GLY n 
1 66  LEU n 
1 67  PHE n 
1 68  PHE n 
1 69  GLU n 
1 70  ILE n 
1 71  LEU n 
1 72  ASP n 
1 73  ASP n 
1 74  ILE n 
1 75  CYS n 
1 76  LYS n 
1 77  LYS n 
1 78  HIS n 
1 79  PHE n 
1 80  HIS n 
1 81  LEU n 
1 82  ILE n 
1 83  TYR n 
1 84  SER n 
1 85  LYS n 
1 86  THR n 
1 87  GLN n 
1 88  GLU n 
1 89  ILE n 
1 90  LYS n 
1 91  ASN n 
1 92  GLY n 
1 93  THR n 
1 94  LEU n 
1 95  LYS n 
1 96  GLU n 
1 97  ILE n 
1 98  LEU n 
1 99  THR n 
1 100 SER n 
1 101 PHE n 
1 102 GLY n 
1 103 LEU n 
1 104 ALA n 
1 105 PHE n 
1 106 ILE n 
1 107 GLU n 
1 108 ILE n 
1 109 PHE n 
1 110 ASN n 
1 111 GLN n 
1 112 PRO n 
1 113 GLU n 
1 114 ALA n 
1 115 VAL n 
1 116 ALA n 
1 117 PHE n 
1 118 GLY n 
1 119 LYS n 
1 120 ILE n 
1 121 ILE n 
1 122 TYR n 
1 123 SER n 
1 124 GLN n 
1 125 VAL n 
1 126 TYR n 
1 127 ASP n 
1 128 LYS n 
1 129 ASP n 
1 130 ARG n 
1 131 HIS n 
1 132 LEU n 
1 133 ALA n 
1 134 ASN n 
1 135 TRP n 
1 136 ILE n 
1 137 GLU n 
1 138 ASN n 
1 139 ASN n 
1 140 GLN n 
1 141 GLN n 
1 142 ASN n 
1 143 PHE n 
1 144 SER n 
1 145 TYR n 
1 146 ASN n 
1 147 ILE n 
1 148 LEU n 
1 149 MET n 
1 150 GLY n 
1 151 PHE n 
1 152 PHE n 
1 153 LYS n 
1 154 GLN n 
1 155 GLN n 
1 156 ASN n 
1 157 ASN n 
1 158 SER n 
1 159 TYR n 
1 160 MET n 
1 161 LYS n 
1 162 LYS n 
1 163 ASN n 
1 164 ALA n 
1 165 GLU n 
1 166 LYS n 
1 167 LEU n 
1 168 ALA n 
1 169 VAL n 
1 170 LEU n 
1 171 PHE n 
1 172 CYS n 
1 173 THR n 
1 174 MET n 
1 175 LEU n 
1 176 LYS n 
1 177 GLU n 
1 178 PRO n 
1 179 TYR n 
1 180 HIS n 
1 181 HIS n 
1 182 LEU n 
1 183 ASN n 
1 184 VAL n 
1 185 LEU n 
1 186 ILE n 
1 187 ASN n 
1 188 ALA n 
1 189 PRO n 
1 190 LEU n 
1 191 LYS n 
1 192 ASN n 
1 193 LYS n 
1 194 LYS n 
1 195 GLU n 
1 196 GLN n 
1 197 LYS n 
1 198 GLU n 
1 199 HIS n 
1 200 VAL n 
1 201 GLU n 
1 202 PHE n 
1 203 VAL n 
1 204 VAL n 
1 205 ASN n 
1 206 VAL n 
1 207 PHE n 
1 208 LEU n 
1 209 ASN n 
1 210 GLY n 
1 211 ILE n 
1 212 ASN n 
1 213 SER n 
1 214 SER n 
1 215 LYS n 
1 216 ALA n 
# 
_entity_src_gen.entity_id                          1 
_entity_src_gen.pdbx_src_id                        1 
_entity_src_gen.pdbx_alt_source_flag               sample 
_entity_src_gen.pdbx_seq_type                      ? 
_entity_src_gen.pdbx_beg_seq_num                   ? 
_entity_src_gen.pdbx_end_seq_num                   ? 
_entity_src_gen.gene_src_common_name               ? 
_entity_src_gen.gene_src_genus                     ? 
_entity_src_gen.pdbx_gene_src_gene                 'cmeR, CmeR' 
_entity_src_gen.gene_src_species                   ? 
_entity_src_gen.gene_src_strain                    ? 
_entity_src_gen.gene_src_tissue                    ? 
_entity_src_gen.gene_src_tissue_fraction           ? 
_entity_src_gen.gene_src_details                   ? 
_entity_src_gen.pdbx_gene_src_fragment             ? 
_entity_src_gen.pdbx_gene_src_scientific_name      'Campylobacter jejuni' 
_entity_src_gen.pdbx_gene_src_ncbi_taxonomy_id     197 
_entity_src_gen.pdbx_gene_src_variant              ? 
_entity_src_gen.pdbx_gene_src_cell_line            ? 
_entity_src_gen.pdbx_gene_src_atcc                 ? 
_entity_src_gen.pdbx_gene_src_organ                ? 
_entity_src_gen.pdbx_gene_src_organelle            ? 
_entity_src_gen.pdbx_gene_src_cell                 ? 
_entity_src_gen.pdbx_gene_src_cellular_location    ? 
_entity_src_gen.host_org_common_name               ? 
_entity_src_gen.pdbx_host_org_scientific_name      'Escherichia coli' 
_entity_src_gen.pdbx_host_org_ncbi_taxonomy_id     562 
_entity_src_gen.host_org_genus                     ? 
_entity_src_gen.pdbx_host_org_gene                 ? 
_entity_src_gen.pdbx_host_org_organ                ? 
_entity_src_gen.host_org_species                   ? 
_entity_src_gen.pdbx_host_org_tissue               ? 
_entity_src_gen.pdbx_host_org_tissue_fraction      ? 
_entity_src_gen.pdbx_host_org_strain               ? 
_entity_src_gen.pdbx_host_org_variant              ? 
_entity_src_gen.pdbx_host_org_cell_line            ? 
_entity_src_gen.pdbx_host_org_atcc                 ? 
_entity_src_gen.pdbx_host_org_culture_collection   ? 
_entity_src_gen.pdbx_host_org_cell                 ? 
_entity_src_gen.pdbx_host_org_organelle            ? 
_entity_src_gen.pdbx_host_org_cellular_location    ? 
_entity_src_gen.pdbx_host_org_vector_type          ? 
_entity_src_gen.pdbx_host_org_vector               ? 
_entity_src_gen.host_org_details                   ? 
_entity_src_gen.expression_system_id               ? 
_entity_src_gen.plasmid_name                       ? 
_entity_src_gen.plasmid_details                    ? 
_entity_src_gen.pdbx_description                   ? 
# 
loop_
_chem_comp.id 
_chem_comp.type 
_chem_comp.mon_nstd_flag 
_chem_comp.name 
_chem_comp.pdbx_synonyms 
_chem_comp.formula 
_chem_comp.formula_weight 
ALA 'L-peptide linking' y ALANINE            ? 'C3 H7 N O2'     89.093  
ARG 'L-peptide linking' y ARGININE           ? 'C6 H15 N4 O2 1' 175.209 
ASN 'L-peptide linking' y ASPARAGINE         ? 'C4 H8 N2 O3'    132.118 
ASP 'L-peptide linking' y 'ASPARTIC ACID'    ? 'C4 H7 N O4'     133.103 
CYS 'L-peptide linking' y CYSTEINE           ? 'C3 H7 N O2 S'   121.158 
GLN 'L-peptide linking' y GLUTAMINE          ? 'C5 H10 N2 O3'   146.144 
GLU 'L-peptide linking' y 'GLUTAMIC ACID'    ? 'C5 H9 N O4'     147.129 
GLY 'peptide linking'   y GLYCINE            ? 'C2 H5 N O2'     75.067  
HIS 'L-peptide linking' y HISTIDINE          ? 'C6 H10 N3 O2 1' 156.162 
HOH non-polymer         . WATER              ? 'H2 O'           18.015  
ILE 'L-peptide linking' y ISOLEUCINE         ? 'C6 H13 N O2'    131.173 
LEU 'L-peptide linking' y LEUCINE            ? 'C6 H13 N O2'    131.173 
LYS 'L-peptide linking' y LYSINE             ? 'C6 H15 N2 O2 1' 147.195 
MET 'L-peptide linking' y METHIONINE         ? 'C5 H11 N O2 S'  149.211 
PHE 'L-peptide linking' y PHENYLALANINE      ? 'C9 H11 N O2'    165.189 
PRO 'L-peptide linking' y PROLINE            ? 'C5 H9 N O2'     115.130 
SER 'L-peptide linking' y SERINE             ? 'C3 H7 N O3'     105.093 
TCH non-polymer         . 'TAUROCHOLIC ACID' ? 'C26 H45 N O7 S' 515.703 
THR 'L-peptide linking' y THREONINE          ? 'C4 H9 N O3'     119.119 
TRP 'L-peptide linking' y TRYPTOPHAN         ? 'C11 H12 N2 O2'  204.225 
TYR 'L-peptide linking' y TYROSINE           ? 'C9 H11 N O3'    181.189 
VAL 'L-peptide linking' y VALINE             ? 'C5 H11 N O2'    117.146 
# 
loop_
_pdbx_poly_seq_scheme.asym_id 
_pdbx_poly_seq_scheme.entity_id 
_pdbx_poly_seq_scheme.seq_id 
_pdbx_poly_seq_scheme.mon_id 
_pdbx_poly_seq_scheme.ndb_seq_num 
_pdbx_poly_seq_scheme.pdb_seq_num 
_pdbx_poly_seq_scheme.auth_seq_num 
_pdbx_poly_seq_scheme.pdb_mon_id 
_pdbx_poly_seq_scheme.auth_mon_id 
_pdbx_poly_seq_scheme.pdb_strand_id 
_pdbx_poly_seq_scheme.pdb_ins_code 
_pdbx_poly_seq_scheme.hetero 
A 1 1   HIS 1   -5  ?   ?   ?   A . n 
A 1 2   HIS 2   -4  ?   ?   ?   A . n 
A 1 3   HIS 3   -3  ?   ?   ?   A . n 
A 1 4   HIS 4   -2  ?   ?   ?   A . n 
A 1 5   HIS 5   -1  ?   ?   ?   A . n 
A 1 6   HIS 6   0   ?   ?   ?   A . n 
A 1 7   MET 7   1   ?   ?   ?   A . n 
A 1 8   ASN 8   2   ?   ?   ?   A . n 
A 1 9   SER 9   3   ?   ?   ?   A . n 
A 1 10  ASN 10  4   ?   ?   ?   A . n 
A 1 11  ARG 11  5   ?   ?   ?   A . n 
A 1 12  THR 12  6   6   THR THR A . n 
A 1 13  PRO 13  7   7   PRO PRO A . n 
A 1 14  SER 14  8   8   SER SER A . n 
A 1 15  GLN 15  9   9   GLN GLN A . n 
A 1 16  LYS 16  10  10  LYS LYS A . n 
A 1 17  VAL 17  11  11  VAL VAL A . n 
A 1 18  LEU 18  12  12  LEU LEU A . n 
A 1 19  ALA 19  13  13  ALA ALA A . n 
A 1 20  ARG 20  14  14  ARG ARG A . n 
A 1 21  GLN 21  15  15  GLN GLN A . n 
A 1 22  GLU 22  16  16  GLU GLU A . n 
A 1 23  LYS 23  17  17  LYS LYS A . n 
A 1 24  ILE 24  18  18  ILE ILE A . n 
A 1 25  LYS 25  19  19  LYS LYS A . n 
A 1 26  ALA 26  20  20  ALA ALA A . n 
A 1 27  VAL 27  21  21  VAL VAL A . n 
A 1 28  ALA 28  22  22  ALA ALA A . n 
A 1 29  LEU 29  23  23  LEU LEU A . n 
A 1 30  GLU 30  24  24  GLU GLU A . n 
A 1 31  LEU 31  25  25  LEU LEU A . n 
A 1 32  PHE 32  26  26  PHE PHE A . n 
A 1 33  LEU 33  27  27  LEU LEU A . n 
A 1 34  THR 34  28  28  THR THR A . n 
A 1 35  LYS 35  29  29  LYS LYS A . n 
A 1 36  GLY 36  30  30  GLY GLY A . n 
A 1 37  TYR 37  31  31  TYR TYR A . n 
A 1 38  GLN 38  32  32  GLN GLN A . n 
A 1 39  GLU 39  33  33  GLU GLU A . n 
A 1 40  THR 40  34  34  THR THR A . n 
A 1 41  SER 41  35  35  SER SER A . n 
A 1 42  LEU 42  36  36  LEU LEU A . n 
A 1 43  SER 43  37  37  SER SER A . n 
A 1 44  ASP 44  38  38  ASP ASP A . n 
A 1 45  ILE 45  39  39  ILE ILE A . n 
A 1 46  ILE 46  40  40  ILE ILE A . n 
A 1 47  LYS 47  41  41  LYS LYS A . n 
A 1 48  LEU 48  42  42  LEU LEU A . n 
A 1 49  SER 49  43  43  SER SER A . n 
A 1 50  GLY 50  44  44  GLY GLY A . n 
A 1 51  GLY 51  45  45  GLY GLY A . n 
A 1 52  SER 52  46  46  SER SER A . n 
A 1 53  TYR 53  47  47  TYR TYR A . n 
A 1 54  SER 54  48  48  SER SER A . n 
A 1 55  ASN 55  49  49  ASN ASN A . n 
A 1 56  ILE 56  50  50  ILE ILE A . n 
A 1 57  TYR 57  51  51  TYR TYR A . n 
A 1 58  ASP 58  52  52  ASP ASP A . n 
A 1 59  GLY 59  53  53  GLY GLY A . n 
A 1 60  PHE 60  54  54  PHE PHE A . n 
A 1 61  LYS 61  55  55  LYS LYS A . n 
A 1 62  SER 62  56  56  SER SER A . n 
A 1 63  LYS 63  57  57  LYS LYS A . n 
A 1 64  GLU 64  58  58  GLU GLU A . n 
A 1 65  GLY 65  59  59  GLY GLY A . n 
A 1 66  LEU 66  60  60  LEU LEU A . n 
A 1 67  PHE 67  61  61  PHE PHE A . n 
A 1 68  PHE 68  62  62  PHE PHE A . n 
A 1 69  GLU 69  63  63  GLU GLU A . n 
A 1 70  ILE 70  64  64  ILE ILE A . n 
A 1 71  LEU 71  65  65  LEU LEU A . n 
A 1 72  ASP 72  66  66  ASP ASP A . n 
A 1 73  ASP 73  67  67  ASP ASP A . n 
A 1 74  ILE 74  68  68  ILE ILE A . n 
A 1 75  CYS 75  69  69  CYS CYS A . n 
A 1 76  LYS 76  70  70  LYS LYS A . n 
A 1 77  LYS 77  71  71  LYS LYS A . n 
A 1 78  HIS 78  72  72  HIS HIS A . n 
A 1 79  PHE 79  73  73  PHE PHE A . n 
A 1 80  HIS 80  74  74  HIS HIS A . n 
A 1 81  LEU 81  75  75  LEU LEU A . n 
A 1 82  ILE 82  76  76  ILE ILE A . n 
A 1 83  TYR 83  77  77  TYR TYR A . n 
A 1 84  SER 84  78  78  SER SER A . n 
A 1 85  LYS 85  79  79  LYS LYS A . n 
A 1 86  THR 86  80  80  THR THR A . n 
A 1 87  GLN 87  81  81  GLN GLN A . n 
A 1 88  GLU 88  82  82  GLU GLU A . n 
A 1 89  ILE 89  83  83  ILE ILE A . n 
A 1 90  LYS 90  84  84  LYS LYS A . n 
A 1 91  ASN 91  85  85  ASN ASN A . n 
A 1 92  GLY 92  86  86  GLY GLY A . n 
A 1 93  THR 93  87  87  THR THR A . n 
A 1 94  LEU 94  88  88  LEU LEU A . n 
A 1 95  LYS 95  89  89  LYS LYS A . n 
A 1 96  GLU 96  90  90  GLU GLU A . n 
A 1 97  ILE 97  91  91  ILE ILE A . n 
A 1 98  LEU 98  92  92  LEU LEU A . n 
A 1 99  THR 99  93  93  THR THR A . n 
A 1 100 SER 100 94  94  SER SER A . n 
A 1 101 PHE 101 95  95  PHE PHE A . n 
A 1 102 GLY 102 96  96  GLY GLY A . n 
A 1 103 LEU 103 97  97  LEU LEU A . n 
A 1 104 ALA 104 98  98  ALA ALA A . n 
A 1 105 PHE 105 99  99  PHE PHE A . n 
A 1 106 ILE 106 100 100 ILE ILE A . n 
A 1 107 GLU 107 101 101 GLU GLU A . n 
A 1 108 ILE 108 102 102 ILE ILE A . n 
A 1 109 PHE 109 103 103 PHE PHE A . n 
A 1 110 ASN 110 104 104 ASN ASN A . n 
A 1 111 GLN 111 105 105 GLN GLN A . n 
A 1 112 PRO 112 106 106 PRO PRO A . n 
A 1 113 GLU 113 107 107 GLU GLU A . n 
A 1 114 ALA 114 108 108 ALA ALA A . n 
A 1 115 VAL 115 109 109 VAL VAL A . n 
A 1 116 ALA 116 110 110 ALA ALA A . n 
A 1 117 PHE 117 111 111 PHE PHE A . n 
A 1 118 GLY 118 112 112 GLY GLY A . n 
A 1 119 LYS 119 113 113 LYS LYS A . n 
A 1 120 ILE 120 114 114 ILE ILE A . n 
A 1 121 ILE 121 115 115 ILE ILE A . n 
A 1 122 TYR 122 116 116 TYR TYR A . n 
A 1 123 SER 123 117 117 SER SER A . n 
A 1 124 GLN 124 118 118 GLN GLN A . n 
A 1 125 VAL 125 119 119 VAL VAL A . n 
A 1 126 TYR 126 120 120 TYR TYR A . n 
A 1 127 ASP 127 121 121 ASP ASP A . n 
A 1 128 LYS 128 122 122 LYS LYS A . n 
A 1 129 ASP 129 123 123 ASP ASP A . n 
A 1 130 ARG 130 124 124 ARG ARG A . n 
A 1 131 HIS 131 125 125 HIS HIS A . n 
A 1 132 LEU 132 126 126 LEU LEU A . n 
A 1 133 ALA 133 127 127 ALA ALA A . n 
A 1 134 ASN 134 128 128 ASN ASN A . n 
A 1 135 TRP 135 129 129 TRP TRP A . n 
A 1 136 ILE 136 130 130 ILE ILE A . n 
A 1 137 GLU 137 131 131 GLU GLU A . n 
A 1 138 ASN 138 132 132 ASN ASN A . n 
A 1 139 ASN 139 133 133 ASN ASN A . n 
A 1 140 GLN 140 134 134 GLN GLN A . n 
A 1 141 GLN 141 135 135 GLN GLN A . n 
A 1 142 ASN 142 136 136 ASN ASN A . n 
A 1 143 PHE 143 137 137 PHE PHE A . n 
A 1 144 SER 144 138 138 SER SER A . n 
A 1 145 TYR 145 139 139 TYR TYR A . n 
A 1 146 ASN 146 140 140 ASN ASN A . n 
A 1 147 ILE 147 141 141 ILE ILE A . n 
A 1 148 LEU 148 142 142 LEU LEU A . n 
A 1 149 MET 149 143 143 MET MET A . n 
A 1 150 GLY 150 144 144 GLY GLY A . n 
A 1 151 PHE 151 145 145 PHE PHE A . n 
A 1 152 PHE 152 146 146 PHE PHE A . n 
A 1 153 LYS 153 147 147 LYS LYS A . n 
A 1 154 GLN 154 148 148 GLN GLN A . n 
A 1 155 GLN 155 149 149 GLN GLN A . n 
A 1 156 ASN 156 150 150 ASN ASN A . n 
A 1 157 ASN 157 151 151 ASN ASN A . n 
A 1 158 SER 158 152 152 SER SER A . n 
A 1 159 TYR 159 153 153 TYR TYR A . n 
A 1 160 MET 160 154 154 MET MET A . n 
A 1 161 LYS 161 155 155 LYS LYS A . n 
A 1 162 LYS 162 156 156 LYS LYS A . n 
A 1 163 ASN 163 157 157 ASN ASN A . n 
A 1 164 ALA 164 158 158 ALA ALA A . n 
A 1 165 GLU 165 159 159 GLU GLU A . n 
A 1 166 LYS 166 160 160 LYS LYS A . n 
A 1 167 LEU 167 161 161 LEU LEU A . n 
A 1 168 ALA 168 162 162 ALA ALA A . n 
A 1 169 VAL 169 163 163 VAL VAL A . n 
A 1 170 LEU 170 164 164 LEU LEU A . n 
A 1 171 PHE 171 165 165 PHE PHE A . n 
A 1 172 CYS 172 166 166 CYS CYS A . n 
A 1 173 THR 173 167 167 THR THR A . n 
A 1 174 MET 174 168 168 MET MET A . n 
A 1 175 LEU 175 169 169 LEU LEU A . n 
A 1 176 LYS 176 170 170 LYS LYS A . n 
A 1 177 GLU 177 171 171 GLU GLU A . n 
A 1 178 PRO 178 172 172 PRO PRO A . n 
A 1 179 TYR 179 173 173 TYR TYR A . n 
A 1 180 HIS 180 174 174 HIS HIS A . n 
A 1 181 HIS 181 175 175 HIS HIS A . n 
A 1 182 LEU 182 176 176 LEU LEU A . n 
A 1 183 ASN 183 177 177 ASN ASN A . n 
A 1 184 VAL 184 178 178 VAL VAL A . n 
A 1 185 LEU 185 179 179 LEU LEU A . n 
A 1 186 ILE 186 180 180 ILE ILE A . n 
A 1 187 ASN 187 181 181 ASN ASN A . n 
A 1 188 ALA 188 182 182 ALA ALA A . n 
A 1 189 PRO 189 183 183 PRO PRO A . n 
A 1 190 LEU 190 184 184 LEU LEU A . n 
A 1 191 LYS 191 185 185 LYS LYS A . n 
A 1 192 ASN 192 186 186 ASN ASN A . n 
A 1 193 LYS 193 187 187 LYS LYS A . n 
A 1 194 LYS 194 188 188 LYS LYS A . n 
A 1 195 GLU 195 189 189 GLU GLU A . n 
A 1 196 GLN 196 190 190 GLN GLN A . n 
A 1 197 LYS 197 191 191 LYS LYS A . n 
A 1 198 GLU 198 192 192 GLU GLU A . n 
A 1 199 HIS 199 193 193 HIS HIS A . n 
A 1 200 VAL 200 194 194 VAL VAL A . n 
A 1 201 GLU 201 195 195 GLU GLU A . n 
A 1 202 PHE 202 196 196 PHE PHE A . n 
A 1 203 VAL 203 197 197 VAL VAL A . n 
A 1 204 VAL 204 198 198 VAL VAL A . n 
A 1 205 ASN 205 199 199 ASN ASN A . n 
A 1 206 VAL 206 200 200 VAL VAL A . n 
A 1 207 PHE 207 201 201 PHE PHE A . n 
A 1 208 LEU 208 202 202 LEU LEU A . n 
A 1 209 ASN 209 203 203 ASN ASN A . n 
A 1 210 GLY 210 204 204 GLY GLY A . n 
A 1 211 ILE 211 205 205 ILE ILE A . n 
A 1 212 ASN 212 206 ?   ?   ?   A . n 
A 1 213 SER 213 207 ?   ?   ?   A . n 
A 1 214 SER 214 208 ?   ?   ?   A . n 
A 1 215 LYS 215 209 ?   ?   ?   A . n 
A 1 216 ALA 216 210 ?   ?   ?   A . n 
# 
loop_
_pdbx_nonpoly_scheme.asym_id 
_pdbx_nonpoly_scheme.entity_id 
_pdbx_nonpoly_scheme.mon_id 
_pdbx_nonpoly_scheme.ndb_seq_num 
_pdbx_nonpoly_scheme.pdb_seq_num 
_pdbx_nonpoly_scheme.auth_seq_num 
_pdbx_nonpoly_scheme.pdb_mon_id 
_pdbx_nonpoly_scheme.auth_mon_id 
_pdbx_nonpoly_scheme.pdb_strand_id 
_pdbx_nonpoly_scheme.pdb_ins_code 
B 2 TCH 1  211 1  TCH TCH A . 
C 3 HOH 1  212 1  HOH HOH A . 
C 3 HOH 2  213 2  HOH HOH A . 
C 3 HOH 3  214 3  HOH HOH A . 
C 3 HOH 4  215 4  HOH HOH A . 
C 3 HOH 5  216 5  HOH HOH A . 
C 3 HOH 6  217 6  HOH HOH A . 
C 3 HOH 7  218 7  HOH HOH A . 
C 3 HOH 8  219 8  HOH HOH A . 
C 3 HOH 9  220 9  HOH HOH A . 
C 3 HOH 10 221 10 HOH HOH A . 
C 3 HOH 11 222 11 HOH HOH A . 
C 3 HOH 12 223 12 HOH HOH A . 
C 3 HOH 13 224 13 HOH HOH A . 
C 3 HOH 14 225 14 HOH HOH A . 
C 3 HOH 15 226 15 HOH HOH A . 
C 3 HOH 16 227 16 HOH HOH A . 
C 3 HOH 17 228 17 HOH HOH A . 
C 3 HOH 18 229 18 HOH HOH A . 
C 3 HOH 19 230 19 HOH HOH A . 
C 3 HOH 20 231 20 HOH HOH A . 
C 3 HOH 21 232 21 HOH HOH A . 
C 3 HOH 22 233 22 HOH HOH A . 
C 3 HOH 23 234 23 HOH HOH A . 
C 3 HOH 24 235 24 HOH HOH A . 
C 3 HOH 25 236 25 HOH HOH A . 
C 3 HOH 26 237 26 HOH HOH A . 
C 3 HOH 27 238 27 HOH HOH A . 
C 3 HOH 28 239 29 HOH HOH A . 
C 3 HOH 29 240 30 HOH HOH A . 
C 3 HOH 30 241 31 HOH HOH A . 
C 3 HOH 31 242 32 HOH HOH A . 
C 3 HOH 32 243 33 HOH HOH A . 
C 3 HOH 33 244 34 HOH HOH A . 
C 3 HOH 34 245 35 HOH HOH A . 
C 3 HOH 35 246 36 HOH HOH A . 
C 3 HOH 36 247 37 HOH HOH A . 
C 3 HOH 37 248 38 HOH HOH A . 
C 3 HOH 38 249 39 HOH HOH A . 
C 3 HOH 39 250 40 HOH HOH A . 
C 3 HOH 40 251 41 HOH HOH A . 
C 3 HOH 41 252 42 HOH HOH A . 
C 3 HOH 42 253 43 HOH HOH A . 
C 3 HOH 43 254 44 HOH HOH A . 
C 3 HOH 44 255 45 HOH HOH A . 
C 3 HOH 45 256 46 HOH HOH A . 
C 3 HOH 46 257 47 HOH HOH A . 
C 3 HOH 47 258 48 HOH HOH A . 
C 3 HOH 48 259 49 HOH HOH A . 
C 3 HOH 49 260 50 HOH HOH A . 
C 3 HOH 50 261 51 HOH HOH A . 
C 3 HOH 51 262 52 HOH HOH A . 
C 3 HOH 52 263 53 HOH HOH A . 
C 3 HOH 53 264 54 HOH HOH A . 
C 3 HOH 54 265 56 HOH HOH A . 
# 
loop_
_software.pdbx_ordinal 
_software.name 
_software.version 
_software.date 
_software.type 
_software.contact_author 
_software.contact_author_email 
_software.classification 
_software.location 
_software.language 
_software.citation_id 
1 SCALEPACK   .       ?               program 'Zbyszek Otwinowski' hkl@hkl-xray.com         'data scaling'    
http://www.hkl-xray.com/                  ?   ? 
2 PHENIX      .       ?               package 'Paul D. Adams'      PDAdams@lbl.gov          refinement        
http://www.phenix-online.org/             C++ ? 
3 PDB_EXTRACT 3.10    'June 10, 2010' package PDB                  deposit@deposit.rcsb.org 'data extraction' 
http://sw-tools.pdb.org/apps/PDB_EXTRACT/ C++ ? 
4 ADSC        Quantum ?               ?       ?                    ?                        'data collection' ? ?   ? 
5 DENZO       .       ?               ?       ?                    ?                        'data reduction'  ? ?   ? 
6 PHASER      .       ?               ?       ?                    ?                        phasing           ? ?   ? 
# 
_cell.entry_id           3QQA 
_cell.length_a           93.992 
_cell.length_b           37.774 
_cell.length_c           57.642 
_cell.angle_alpha        90.00 
_cell.angle_beta         90.00 
_cell.angle_gamma        90.00 
_cell.Z_PDB              4 
_cell.pdbx_unique_axis   ? 
_cell.length_a_esd       ? 
_cell.length_b_esd       ? 
_cell.length_c_esd       ? 
_cell.angle_alpha_esd    ? 
_cell.angle_beta_esd     ? 
_cell.angle_gamma_esd    ? 
# 
_symmetry.entry_id                         3QQA 
_symmetry.space_group_name_H-M             'P 21 21 2' 
_symmetry.pdbx_full_space_group_name_H-M   ? 
_symmetry.cell_setting                     ? 
_symmetry.Int_Tables_number                18 
_symmetry.space_group_name_Hall            ? 
# 
_exptl.entry_id          3QQA 
_exptl.method            'X-RAY DIFFRACTION' 
_exptl.crystals_number   1 
# 
_exptl_crystal.id                    1 
_exptl_crystal.density_meas          ? 
_exptl_crystal.density_Matthews      2.04 
_exptl_crystal.density_percent_sol   39.68 
_exptl_crystal.description           ? 
_exptl_crystal.F_000                 ? 
_exptl_crystal.preparation           ? 
# 
_exptl_crystal_grow.crystal_id      1 
_exptl_crystal_grow.method          'VAPOR DIFFUSION' 
_exptl_crystal_grow.temp            298 
_exptl_crystal_grow.temp_details    ? 
_exptl_crystal_grow.pH              8.0 
_exptl_crystal_grow.pdbx_pH_range   ? 
_exptl_crystal_grow.pdbx_details    '30 % PEG3350, 0.1 M Tris, and 0.16 M MgCl2, pH 8.0, VAPOR DIFFUSION, temperature 298K' 
# 
_diffrn.id                     1 
_diffrn.ambient_temp           298 
_diffrn.ambient_temp_details   ? 
_diffrn.crystal_id             1 
# 
_diffrn_detector.diffrn_id              1 
_diffrn_detector.detector               CCD 
_diffrn_detector.type                   'ADSC QUANTUM 315' 
_diffrn_detector.pdbx_collection_date   2010-11-02 
_diffrn_detector.details                ? 
# 
_diffrn_radiation.diffrn_id                        1 
_diffrn_radiation.wavelength_id                    1 
_diffrn_radiation.pdbx_monochromatic_or_laue_m_l   M 
_diffrn_radiation.monochromator                    'double crystal Si(111)' 
_diffrn_radiation.pdbx_diffrn_protocol             'SINGLE WAVELENGTH' 
_diffrn_radiation.pdbx_scattering_type             x-ray 
# 
_diffrn_radiation_wavelength.id           1 
_diffrn_radiation_wavelength.wavelength   0.9792 
_diffrn_radiation_wavelength.wt           1.0 
# 
_diffrn_source.diffrn_id                   1 
_diffrn_source.source                      SYNCHROTRON 
_diffrn_source.type                        'APS BEAMLINE 24-ID-E' 
_diffrn_source.pdbx_synchrotron_site       APS 
_diffrn_source.pdbx_synchrotron_beamline   24-ID-E 
_diffrn_source.pdbx_wavelength             ? 
_diffrn_source.pdbx_wavelength_list        0.9792 
# 
_reflns.entry_id                     3QQA 
_reflns.observed_criterion_sigma_I   2 
_reflns.observed_criterion_sigma_F   2 
_reflns.d_resolution_low             50.000 
_reflns.d_resolution_high            2.200 
_reflns.number_obs                   10812 
_reflns.number_all                   11011 
_reflns.percent_possible_obs         98.200 
_reflns.pdbx_Rmerge_I_obs            0.045 
_reflns.pdbx_Rsym_value              ? 
_reflns.pdbx_netI_over_sigmaI        16.000 
_reflns.B_iso_Wilson_estimate        ? 
_reflns.pdbx_redundancy              4.700 
_reflns.R_free_details               ? 
_reflns.limit_h_max                  ? 
_reflns.limit_h_min                  ? 
_reflns.limit_k_max                  ? 
_reflns.limit_k_min                  ? 
_reflns.limit_l_max                  ? 
_reflns.limit_l_min                  ? 
_reflns.observed_criterion_F_max     ? 
_reflns.observed_criterion_F_min     ? 
_reflns.pdbx_chi_squared             ? 
_reflns.pdbx_scaling_rejects         ? 
_reflns.pdbx_ordinal                 1 
_reflns.pdbx_diffrn_id               1 
# 
loop_
_reflns_shell.d_res_high 
_reflns_shell.d_res_low 
_reflns_shell.percent_possible_all 
_reflns_shell.Rmerge_I_obs 
_reflns_shell.pdbx_Rsym_value 
_reflns_shell.meanI_over_sigI_obs 
_reflns_shell.pdbx_redundancy 
_reflns_shell.percent_possible_obs 
_reflns_shell.number_unique_all 
_reflns_shell.number_measured_all 
_reflns_shell.number_measured_obs 
_reflns_shell.number_unique_obs 
_reflns_shell.pdbx_chi_squared 
_reflns_shell.pdbx_ordinal 
_reflns_shell.pdbx_diffrn_id 
2.200 2.280  99.800 0.255 ? ? 4.800 ? ? ? ? ? ? 1  1 
2.280 2.370  99.400 0.189 ? ? 4.800 ? ? ? ? ? ? 2  1 
2.370 2.480  99.200 0.146 ? ? 4.800 ? ? ? ? ? ? 3  1 
2.480 2.610  99.300 0.109 ? ? 4.800 ? ? ? ? ? ? 4  1 
2.610 2.770  99.100 0.080 ? ? 4.800 ? ? ? ? ? ? 5  1 
2.770 2.990  99.000 0.062 ? ? 4.700 ? ? ? ? ? ? 6  1 
2.990 3.290  98.400 0.053 ? ? 4.700 ? ? ? ? ? ? 7  1 
3.290 3.760  97.900 0.052 ? ? 4.600 ? ? ? ? ? ? 8  1 
3.760 4.740  97.300 0.037 ? ? 4.400 ? ? ? ? ? ? 9  1 
4.740 50.000 93.400 0.021 ? ? 4.500 ? ? ? ? ? ? 10 1 
# 
_refine.pdbx_refine_id                           'X-RAY DIFFRACTION' 
_refine.entry_id                                 3QQA 
_refine.ls_number_reflns_obs                     10457 
_refine.ls_number_reflns_all                     11011 
_refine.pdbx_ls_sigma_I                          ? 
_refine.pdbx_ls_sigma_F                          0.21 
_refine.pdbx_data_cutoff_high_absF               ? 
_refine.pdbx_data_cutoff_low_absF                ? 
_refine.pdbx_data_cutoff_high_rms_absF           ? 
_refine.ls_d_res_low                             31.594 
_refine.ls_d_res_high                            2.20 
_refine.ls_percent_reflns_obs                    95.00 
_refine.ls_R_factor_obs                          0.2248 
_refine.ls_R_factor_all                          ? 
_refine.ls_R_factor_R_work                       0.2218 
_refine.ls_R_factor_R_free                       0.2841 
_refine.ls_R_factor_R_free_error                 ? 
_refine.ls_R_factor_R_free_error_details         ? 
_refine.ls_percent_reflns_R_free                 4.83 
_refine.ls_number_reflns_R_free                  505 
_refine.ls_number_parameters                     ? 
_refine.ls_number_restraints                     ? 
_refine.occupancy_min                            1.000 
_refine.occupancy_max                            1.000 
_refine.correlation_coeff_Fo_to_Fc               ? 
_refine.correlation_coeff_Fo_to_Fc_free          ? 
_refine.B_iso_mean                               ? 
_refine.aniso_B[1][1]                            -2.1460 
_refine.aniso_B[2][2]                            3.5022 
_refine.aniso_B[3][3]                            -1.3562 
_refine.aniso_B[1][2]                            0.0000 
_refine.aniso_B[1][3]                            -0.0000 
_refine.aniso_B[2][3]                            0.0000 
_refine.solvent_model_details                    'FLAT BULK SOLVENT MODEL' 
_refine.solvent_model_param_ksol                 0.348 
_refine.solvent_model_param_bsol                 56.419 
_refine.pdbx_solvent_vdw_probe_radii             1.11 
_refine.pdbx_solvent_ion_probe_radii             ? 
_refine.pdbx_solvent_shrinkage_radii             0.90 
_refine.pdbx_ls_cross_valid_method               ? 
_refine.details                                  ? 
_refine.pdbx_starting_model                      ? 
_refine.pdbx_method_to_determine_struct          'MOLECULAR REPLACEMENT' 
_refine.pdbx_isotropic_thermal_model             ? 
_refine.pdbx_stereochemistry_target_values       ML 
_refine.pdbx_stereochem_target_val_spec_case     ? 
_refine.pdbx_R_Free_selection_details            ? 
_refine.pdbx_overall_ESU_R_Free                  ? 
_refine.overall_SU_ML                            0.40 
_refine.pdbx_overall_phase_error                 28.38 
_refine.overall_SU_B                             ? 
_refine.overall_SU_R_Cruickshank_DPI             ? 
_refine.pdbx_overall_SU_R_free_Cruickshank_DPI   ? 
_refine.pdbx_overall_SU_R_Blow_DPI               ? 
_refine.pdbx_overall_SU_R_free_Blow_DPI          ? 
_refine.ls_redundancy_reflns_obs                 ? 
_refine.B_iso_min                                ? 
_refine.B_iso_max                                ? 
_refine.overall_SU_R_free                        ? 
_refine.ls_wR_factor_R_free                      ? 
_refine.ls_wR_factor_R_work                      ? 
_refine.overall_FOM_free_R_set                   ? 
_refine.overall_FOM_work_R_set                   ? 
_refine.pdbx_overall_ESU_R                       ? 
_refine.pdbx_diffrn_id                           1 
_refine.pdbx_TLS_residual_ADP_flag               ? 
# 
_refine_hist.pdbx_refine_id                   'X-RAY DIFFRACTION' 
_refine_hist.cycle_id                         LAST 
_refine_hist.pdbx_number_atoms_protein        1635 
_refine_hist.pdbx_number_atoms_nucleic_acid   0 
_refine_hist.pdbx_number_atoms_ligand         35 
_refine_hist.number_atoms_solvent             54 
_refine_hist.number_atoms_total               1724 
_refine_hist.d_res_high                       2.20 
_refine_hist.d_res_low                        31.594 
# 
loop_
_refine_ls_restr.type 
_refine_ls_restr.dev_ideal 
_refine_ls_restr.dev_ideal_target 
_refine_ls_restr.weight 
_refine_ls_restr.number 
_refine_ls_restr.pdbx_refine_id 
_refine_ls_restr.pdbx_restraint_function 
f_bond_d           0.006  ? ? 1708 'X-RAY DIFFRACTION' ? 
f_angle_d          1.069  ? ? 2305 'X-RAY DIFFRACTION' ? 
f_dihedral_angle_d 19.405 ? ? 640  'X-RAY DIFFRACTION' ? 
f_chiral_restr     0.069  ? ? 257  'X-RAY DIFFRACTION' ? 
f_plane_restr      0.003  ? ? 285  'X-RAY DIFFRACTION' ? 
# 
loop_
_refine_ls_shell.pdbx_refine_id 
_refine_ls_shell.pdbx_total_number_of_bins_used 
_refine_ls_shell.d_res_high 
_refine_ls_shell.d_res_low 
_refine_ls_shell.number_reflns_R_work 
_refine_ls_shell.R_factor_R_work 
_refine_ls_shell.percent_reflns_obs 
_refine_ls_shell.R_factor_R_free 
_refine_ls_shell.R_factor_R_free_error 
_refine_ls_shell.percent_reflns_R_free 
_refine_ls_shell.number_reflns_R_free 
_refine_ls_shell.number_reflns_all 
_refine_ls_shell.R_factor_all 
_refine_ls_shell.redundancy_reflns_obs 
_refine_ls_shell.number_reflns_obs 
'X-RAY DIFFRACTION' . 2.1960 2.4170  2321 0.2524 91.00 0.3489 . . 117 . . . . 
'X-RAY DIFFRACTION' . 2.4170 2.7665  2468 0.2429 96.00 0.3103 . . 126 . . . . 
'X-RAY DIFFRACTION' . 2.7665 3.4848  2522 0.2304 97.00 0.3157 . . 128 . . . . 
'X-RAY DIFFRACTION' . 3.4848 31.5976 2641 0.2049 96.00 0.2513 . . 134 . . . . 
# 
_struct.entry_id                  3QQA 
_struct.title                     'Crystal structures of CmeR-bile acid complexes from Campylobacter jejuni' 
_struct.pdbx_model_details        ? 
_struct.pdbx_CASP_flag            ? 
_struct.pdbx_model_type_details   ? 
# 
_struct_keywords.entry_id        3QQA 
_struct_keywords.pdbx_keywords   TRANSCRIPTION 
_struct_keywords.text            
'Alpha-helical, Helix-Turn-Helix, DNA-binding, Transcription regulation, Transcription repressor, drug binding, TRANSCRIPTION' 
# 
loop_
_struct_asym.id 
_struct_asym.pdbx_blank_PDB_chainid_flag 
_struct_asym.pdbx_modified 
_struct_asym.entity_id 
_struct_asym.details 
A N N 1 ? 
B N N 2 ? 
C N N 3 ? 
# 
_struct_ref.id                         1 
_struct_ref.db_name                    UNP 
_struct_ref.db_code                    Q7B8P6_CAMJE 
_struct_ref.pdbx_db_accession          Q7B8P6 
_struct_ref.entity_id                  1 
_struct_ref.pdbx_seq_one_letter_code   
;MNSNRTPSQKVLARQEKIKAVALELFLTKGYQETSLSDIIKLSGGSYSNIYDGFKSKEGLFFEILDDICKKHFHLIYSKT
QEIKNGTLKEILTSFGLAFIEIFNQPEAVAFGKIIYSQVYDKDRHLANWIENNQQNFSYNILMGFFKQQNNSYMKKNAEK
LAVLFCTMLKEPYHHLNVLINAPLKNKKEQKEHVEFVVNVFLNGINSSKA
;
_struct_ref.pdbx_align_begin           1 
_struct_ref.pdbx_db_isoform            ? 
# 
_struct_ref_seq.align_id                      1 
_struct_ref_seq.ref_id                        1 
_struct_ref_seq.pdbx_PDB_id_code              3QQA 
_struct_ref_seq.pdbx_strand_id                A 
_struct_ref_seq.seq_align_beg                 7 
_struct_ref_seq.pdbx_seq_align_beg_ins_code   ? 
_struct_ref_seq.seq_align_end                 216 
_struct_ref_seq.pdbx_seq_align_end_ins_code   ? 
_struct_ref_seq.pdbx_db_accession             Q7B8P6 
_struct_ref_seq.db_align_beg                  1 
_struct_ref_seq.pdbx_db_align_beg_ins_code    ? 
_struct_ref_seq.db_align_end                  210 
_struct_ref_seq.pdbx_db_align_end_ins_code    ? 
_struct_ref_seq.pdbx_auth_seq_align_beg       1 
_struct_ref_seq.pdbx_auth_seq_align_end       210 
# 
loop_
_struct_ref_seq_dif.align_id 
_struct_ref_seq_dif.pdbx_pdb_id_code 
_struct_ref_seq_dif.mon_id 
_struct_ref_seq_dif.pdbx_pdb_strand_id 
_struct_ref_seq_dif.seq_num 
_struct_ref_seq_dif.pdbx_pdb_ins_code 
_struct_ref_seq_dif.pdbx_seq_db_name 
_struct_ref_seq_dif.pdbx_seq_db_accession_code 
_struct_ref_seq_dif.db_mon_id 
_struct_ref_seq_dif.pdbx_seq_db_seq_num 
_struct_ref_seq_dif.details 
_struct_ref_seq_dif.pdbx_auth_seq_num 
_struct_ref_seq_dif.pdbx_ordinal 
1 3QQA HIS A 1 ? UNP Q7B8P6 ? ? 'expression tag' -5 1 
1 3QQA HIS A 2 ? UNP Q7B8P6 ? ? 'expression tag' -4 2 
1 3QQA HIS A 3 ? UNP Q7B8P6 ? ? 'expression tag' -3 3 
1 3QQA HIS A 4 ? UNP Q7B8P6 ? ? 'expression tag' -2 4 
1 3QQA HIS A 5 ? UNP Q7B8P6 ? ? 'expression tag' -1 5 
1 3QQA HIS A 6 ? UNP Q7B8P6 ? ? 'expression tag' 0  6 
# 
_pdbx_struct_assembly.id                   1 
_pdbx_struct_assembly.details              author_and_software_defined_assembly 
_pdbx_struct_assembly.method_details       PISA 
_pdbx_struct_assembly.oligomeric_details   dimeric 
_pdbx_struct_assembly.oligomeric_count     2 
# 
loop_
_pdbx_struct_assembly_prop.biol_id 
_pdbx_struct_assembly_prop.type 
_pdbx_struct_assembly_prop.value 
_pdbx_struct_assembly_prop.details 
1 'ABSA (A^2)' 5840  ? 
1 MORE         -34   ? 
1 'SSA (A^2)'  19850 ? 
# 
_pdbx_struct_assembly_gen.assembly_id       1 
_pdbx_struct_assembly_gen.oper_expression   1,2 
_pdbx_struct_assembly_gen.asym_id_list      A,B,C 
# 
loop_
_pdbx_struct_oper_list.id 
_pdbx_struct_oper_list.type 
_pdbx_struct_oper_list.name 
_pdbx_struct_oper_list.symmetry_operation 
_pdbx_struct_oper_list.matrix[1][1] 
_pdbx_struct_oper_list.matrix[1][2] 
_pdbx_struct_oper_list.matrix[1][3] 
_pdbx_struct_oper_list.vector[1] 
_pdbx_struct_oper_list.matrix[2][1] 
_pdbx_struct_oper_list.matrix[2][2] 
_pdbx_struct_oper_list.matrix[2][3] 
_pdbx_struct_oper_list.vector[2] 
_pdbx_struct_oper_list.matrix[3][1] 
_pdbx_struct_oper_list.matrix[3][2] 
_pdbx_struct_oper_list.matrix[3][3] 
_pdbx_struct_oper_list.vector[3] 
1 'identity operation'         1_555 x,y,z     1.0000000000  0.0000000000  0.0000000000  0.0000000000  0.0000000000  1.0000000000  0.0000000000 0.0000000000  0.0000000000  0.0000000000 1.0000000000  0.0000000000  
2 'crystal symmetry operation' 2_545 -x,-y-1,z -0.1076657434 -0.8045623887 -0.5840269261 14.1450830685 -0.8045623887 -0.2745760543 0.5265808135 -1.1420750836 -0.5840269261 0.5265808135 -0.6177582023 23.1855968218 
# 
_struct_biol.id        1 
_struct_biol.details   ? 
# 
loop_
_struct_conf.conf_type_id 
_struct_conf.id 
_struct_conf.pdbx_PDB_helix_id 
_struct_conf.beg_label_comp_id 
_struct_conf.beg_label_asym_id 
_struct_conf.beg_label_seq_id 
_struct_conf.pdbx_beg_PDB_ins_code 
_struct_conf.end_label_comp_id 
_struct_conf.end_label_asym_id 
_struct_conf.end_label_seq_id 
_struct_conf.pdbx_end_PDB_ins_code 
_struct_conf.beg_auth_comp_id 
_struct_conf.beg_auth_asym_id 
_struct_conf.beg_auth_seq_id 
_struct_conf.end_auth_comp_id 
_struct_conf.end_auth_asym_id 
_struct_conf.end_auth_seq_id 
_struct_conf.pdbx_PDB_helix_class 
_struct_conf.details 
_struct_conf.pdbx_PDB_helix_length 
HELX_P HELX_P1  1  THR A 12  ? LYS A 35  ? THR A 6   LYS A 29  1 ? 24 
HELX_P HELX_P2  2  SER A 41  ? GLY A 50  ? SER A 35  GLY A 44  1 ? 10 
HELX_P HELX_P3  3  SER A 62  ? ILE A 89  ? SER A 56  ILE A 83  1 ? 28 
HELX_P HELX_P4  4  THR A 93  ? ASN A 110 ? THR A 87  ASN A 104 1 ? 18 
HELX_P HELX_P5  5  GLN A 111 ? GLN A 124 ? GLN A 105 GLN A 118 1 ? 14 
HELX_P HELX_P6  6  ARG A 130 ? ASN A 139 ? ARG A 124 ASN A 133 1 ? 10 
HELX_P HELX_P7  7  GLN A 140 ? PHE A 143 ? GLN A 134 PHE A 137 5 ? 4  
HELX_P HELX_P8  8  SER A 144 ? GLN A 155 ? SER A 138 GLN A 149 1 ? 12 
HELX_P HELX_P9  9  ASN A 157 ? ASN A 163 ? ASN A 151 ASN A 157 1 ? 7  
HELX_P HELX_P10 10 ASN A 163 ? GLU A 177 ? ASN A 157 GLU A 171 1 ? 15 
HELX_P HELX_P11 11 PRO A 178 ? ASN A 187 ? PRO A 172 ASN A 181 1 ? 10 
HELX_P HELX_P12 12 ASN A 192 ? GLY A 210 ? ASN A 186 GLY A 204 1 ? 19 
# 
_struct_conf_type.id          HELX_P 
_struct_conf_type.criteria    ? 
_struct_conf_type.reference   ? 
# 
_struct_mon_prot_cis.pdbx_id                1 
_struct_mon_prot_cis.label_comp_id          GLU 
_struct_mon_prot_cis.label_seq_id           177 
_struct_mon_prot_cis.label_asym_id          A 
_struct_mon_prot_cis.label_alt_id           . 
_struct_mon_prot_cis.pdbx_PDB_ins_code      ? 
_struct_mon_prot_cis.auth_comp_id           GLU 
_struct_mon_prot_cis.auth_seq_id            171 
_struct_mon_prot_cis.auth_asym_id           A 
_struct_mon_prot_cis.pdbx_label_comp_id_2   PRO 
_struct_mon_prot_cis.pdbx_label_seq_id_2    178 
_struct_mon_prot_cis.pdbx_label_asym_id_2   A 
_struct_mon_prot_cis.pdbx_PDB_ins_code_2    ? 
_struct_mon_prot_cis.pdbx_auth_comp_id_2    PRO 
_struct_mon_prot_cis.pdbx_auth_seq_id_2     172 
_struct_mon_prot_cis.pdbx_auth_asym_id_2    A 
_struct_mon_prot_cis.pdbx_PDB_model_num     1 
_struct_mon_prot_cis.pdbx_omega_angle       3.45 
# 
_struct_site.id                   AC1 
_struct_site.pdbx_evidence_code   Software 
_struct_site.pdbx_auth_asym_id    A 
_struct_site.pdbx_auth_comp_id    TCH 
_struct_site.pdbx_auth_seq_id     211 
_struct_site.pdbx_auth_ins_code   ? 
_struct_site.pdbx_num_residues    7 
_struct_site.details              'BINDING SITE FOR RESIDUE TCH A 211' 
# 
loop_
_struct_site_gen.id 
_struct_site_gen.site_id 
_struct_site_gen.pdbx_num_res 
_struct_site_gen.label_comp_id 
_struct_site_gen.label_asym_id 
_struct_site_gen.label_seq_id 
_struct_site_gen.pdbx_auth_ins_code 
_struct_site_gen.auth_comp_id 
_struct_site_gen.auth_asym_id 
_struct_site_gen.auth_seq_id 
_struct_site_gen.label_atom_id 
_struct_site_gen.label_alt_id 
_struct_site_gen.symmetry 
_struct_site_gen.details 
1 AC1 7 TYR A 57  ? TYR A 51  . ? 3_455 ? 
2 AC1 7 HIS A 78  ? HIS A 72  . ? 1_555 ? 
3 AC1 7 PHE A 109 ? PHE A 103 . ? 1_555 ? 
4 AC1 7 ALA A 114 ? ALA A 108 . ? 1_555 ? 
5 AC1 7 GLN A 140 ? GLN A 134 . ? 1_555 ? 
6 AC1 7 HIS A 181 ? HIS A 175 . ? 2_545 ? 
7 AC1 7 HOH C .   ? HOH A 257 . ? 1_555 ? 
# 
_pdbx_validate_rmsd_bond.id                        1 
_pdbx_validate_rmsd_bond.PDB_model_num             1 
_pdbx_validate_rmsd_bond.auth_atom_id_1            CE 
_pdbx_validate_rmsd_bond.auth_asym_id_1            A 
_pdbx_validate_rmsd_bond.auth_comp_id_1            LYS 
_pdbx_validate_rmsd_bond.auth_seq_id_1             170 
_pdbx_validate_rmsd_bond.PDB_ins_code_1            ? 
_pdbx_validate_rmsd_bond.label_alt_id_1            ? 
_pdbx_validate_rmsd_bond.auth_atom_id_2            NZ 
_pdbx_validate_rmsd_bond.auth_asym_id_2            A 
_pdbx_validate_rmsd_bond.auth_comp_id_2            LYS 
_pdbx_validate_rmsd_bond.auth_seq_id_2             170 
_pdbx_validate_rmsd_bond.PDB_ins_code_2            ? 
_pdbx_validate_rmsd_bond.label_alt_id_2            ? 
_pdbx_validate_rmsd_bond.bond_value                1.637 
_pdbx_validate_rmsd_bond.bond_target_value         1.486 
_pdbx_validate_rmsd_bond.bond_deviation            0.151 
_pdbx_validate_rmsd_bond.bond_standard_deviation   0.025 
_pdbx_validate_rmsd_bond.linker_flag               N 
# 
loop_
_pdbx_validate_torsion.id 
_pdbx_validate_torsion.PDB_model_num 
_pdbx_validate_torsion.auth_comp_id 
_pdbx_validate_torsion.auth_asym_id 
_pdbx_validate_torsion.auth_seq_id 
_pdbx_validate_torsion.PDB_ins_code 
_pdbx_validate_torsion.label_alt_id 
_pdbx_validate_torsion.phi 
_pdbx_validate_torsion.psi 
1 1 ASN A 49 ? ? 76.09  -21.67 
2 1 ILE A 50 ? ? -90.63 -72.21 
# 
loop_
_pdbx_validate_chiral.id 
_pdbx_validate_chiral.PDB_model_num 
_pdbx_validate_chiral.auth_atom_id 
_pdbx_validate_chiral.label_alt_id 
_pdbx_validate_chiral.auth_asym_id 
_pdbx_validate_chiral.auth_comp_id 
_pdbx_validate_chiral.auth_seq_id 
_pdbx_validate_chiral.PDB_ins_code 
_pdbx_validate_chiral.details 
_pdbx_validate_chiral.omega 
1 1 C3  ? A TCH 211 ? 'WRONG HAND' . 
2 1 C5  ? A TCH 211 ? 'WRONG HAND' . 
3 1 C20 ? A TCH 211 ? 'WRONG HAND' . 
# 
loop_
_pdbx_unobs_or_zero_occ_residues.id 
_pdbx_unobs_or_zero_occ_residues.PDB_model_num 
_pdbx_unobs_or_zero_occ_residues.polymer_flag 
_pdbx_unobs_or_zero_occ_residues.occupancy_flag 
_pdbx_unobs_or_zero_occ_residues.auth_asym_id 
_pdbx_unobs_or_zero_occ_residues.auth_comp_id 
_pdbx_unobs_or_zero_occ_residues.auth_seq_id 
_pdbx_unobs_or_zero_occ_residues.PDB_ins_code 
_pdbx_unobs_or_zero_occ_residues.label_asym_id 
_pdbx_unobs_or_zero_occ_residues.label_comp_id 
_pdbx_unobs_or_zero_occ_residues.label_seq_id 
1  1 Y 1 A HIS -5  ? A HIS 1   
2  1 Y 1 A HIS -4  ? A HIS 2   
3  1 Y 1 A HIS -3  ? A HIS 3   
4  1 Y 1 A HIS -2  ? A HIS 4   
5  1 Y 1 A HIS -1  ? A HIS 5   
6  1 Y 1 A HIS 0   ? A HIS 6   
7  1 Y 1 A MET 1   ? A MET 7   
8  1 Y 1 A ASN 2   ? A ASN 8   
9  1 Y 1 A SER 3   ? A SER 9   
10 1 Y 1 A ASN 4   ? A ASN 10  
11 1 Y 1 A ARG 5   ? A ARG 11  
12 1 Y 1 A ASN 206 ? A ASN 212 
13 1 Y 1 A SER 207 ? A SER 213 
14 1 Y 1 A SER 208 ? A SER 214 
15 1 Y 1 A LYS 209 ? A LYS 215 
16 1 Y 1 A ALA 210 ? A ALA 216 
# 
loop_
_chem_comp_atom.comp_id 
_chem_comp_atom.atom_id 
_chem_comp_atom.type_symbol 
_chem_comp_atom.pdbx_aromatic_flag 
_chem_comp_atom.pdbx_stereo_config 
_chem_comp_atom.pdbx_ordinal 
ALA N    N N N 1   
ALA CA   C N S 2   
ALA C    C N N 3   
ALA O    O N N 4   
ALA CB   C N N 5   
ALA OXT  O N N 6   
ALA H    H N N 7   
ALA H2   H N N 8   
ALA HA   H N N 9   
ALA HB1  H N N 10  
ALA HB2  H N N 11  
ALA HB3  H N N 12  
ALA HXT  H N N 13  
ARG N    N N N 14  
ARG CA   C N S 15  
ARG C    C N N 16  
ARG O    O N N 17  
ARG CB   C N N 18  
ARG CG   C N N 19  
ARG CD   C N N 20  
ARG NE   N N N 21  
ARG CZ   C N N 22  
ARG NH1  N N N 23  
ARG NH2  N N N 24  
ARG OXT  O N N 25  
ARG H    H N N 26  
ARG H2   H N N 27  
ARG HA   H N N 28  
ARG HB2  H N N 29  
ARG HB3  H N N 30  
ARG HG2  H N N 31  
ARG HG3  H N N 32  
ARG HD2  H N N 33  
ARG HD3  H N N 34  
ARG HE   H N N 35  
ARG HH11 H N N 36  
ARG HH12 H N N 37  
ARG HH21 H N N 38  
ARG HH22 H N N 39  
ARG HXT  H N N 40  
ASN N    N N N 41  
ASN CA   C N S 42  
ASN C    C N N 43  
ASN O    O N N 44  
ASN CB   C N N 45  
ASN CG   C N N 46  
ASN OD1  O N N 47  
ASN ND2  N N N 48  
ASN OXT  O N N 49  
ASN H    H N N 50  
ASN H2   H N N 51  
ASN HA   H N N 52  
ASN HB2  H N N 53  
ASN HB3  H N N 54  
ASN HD21 H N N 55  
ASN HD22 H N N 56  
ASN HXT  H N N 57  
ASP N    N N N 58  
ASP CA   C N S 59  
ASP C    C N N 60  
ASP O    O N N 61  
ASP CB   C N N 62  
ASP CG   C N N 63  
ASP OD1  O N N 64  
ASP OD2  O N N 65  
ASP OXT  O N N 66  
ASP H    H N N 67  
ASP H2   H N N 68  
ASP HA   H N N 69  
ASP HB2  H N N 70  
ASP HB3  H N N 71  
ASP HD2  H N N 72  
ASP HXT  H N N 73  
CYS N    N N N 74  
CYS CA   C N R 75  
CYS C    C N N 76  
CYS O    O N N 77  
CYS CB   C N N 78  
CYS SG   S N N 79  
CYS OXT  O N N 80  
CYS H    H N N 81  
CYS H2   H N N 82  
CYS HA   H N N 83  
CYS HB2  H N N 84  
CYS HB3  H N N 85  
CYS HG   H N N 86  
CYS HXT  H N N 87  
GLN N    N N N 88  
GLN CA   C N S 89  
GLN C    C N N 90  
GLN O    O N N 91  
GLN CB   C N N 92  
GLN CG   C N N 93  
GLN CD   C N N 94  
GLN OE1  O N N 95  
GLN NE2  N N N 96  
GLN OXT  O N N 97  
GLN H    H N N 98  
GLN H2   H N N 99  
GLN HA   H N N 100 
GLN HB2  H N N 101 
GLN HB3  H N N 102 
GLN HG2  H N N 103 
GLN HG3  H N N 104 
GLN HE21 H N N 105 
GLN HE22 H N N 106 
GLN HXT  H N N 107 
GLU N    N N N 108 
GLU CA   C N S 109 
GLU C    C N N 110 
GLU O    O N N 111 
GLU CB   C N N 112 
GLU CG   C N N 113 
GLU CD   C N N 114 
GLU OE1  O N N 115 
GLU OE2  O N N 116 
GLU OXT  O N N 117 
GLU H    H N N 118 
GLU H2   H N N 119 
GLU HA   H N N 120 
GLU HB2  H N N 121 
GLU HB3  H N N 122 
GLU HG2  H N N 123 
GLU HG3  H N N 124 
GLU HE2  H N N 125 
GLU HXT  H N N 126 
GLY N    N N N 127 
GLY CA   C N N 128 
GLY C    C N N 129 
GLY O    O N N 130 
GLY OXT  O N N 131 
GLY H    H N N 132 
GLY H2   H N N 133 
GLY HA2  H N N 134 
GLY HA3  H N N 135 
GLY HXT  H N N 136 
HIS N    N N N 137 
HIS CA   C N S 138 
HIS C    C N N 139 
HIS O    O N N 140 
HIS CB   C N N 141 
HIS CG   C Y N 142 
HIS ND1  N Y N 143 
HIS CD2  C Y N 144 
HIS CE1  C Y N 145 
HIS NE2  N Y N 146 
HIS OXT  O N N 147 
HIS H    H N N 148 
HIS H2   H N N 149 
HIS HA   H N N 150 
HIS HB2  H N N 151 
HIS HB3  H N N 152 
HIS HD1  H N N 153 
HIS HD2  H N N 154 
HIS HE1  H N N 155 
HIS HE2  H N N 156 
HIS HXT  H N N 157 
HOH O    O N N 158 
HOH H1   H N N 159 
HOH H2   H N N 160 
ILE N    N N N 161 
ILE CA   C N S 162 
ILE C    C N N 163 
ILE O    O N N 164 
ILE CB   C N S 165 
ILE CG1  C N N 166 
ILE CG2  C N N 167 
ILE CD1  C N N 168 
ILE OXT  O N N 169 
ILE H    H N N 170 
ILE H2   H N N 171 
ILE HA   H N N 172 
ILE HB   H N N 173 
ILE HG12 H N N 174 
ILE HG13 H N N 175 
ILE HG21 H N N 176 
ILE HG22 H N N 177 
ILE HG23 H N N 178 
ILE HD11 H N N 179 
ILE HD12 H N N 180 
ILE HD13 H N N 181 
ILE HXT  H N N 182 
LEU N    N N N 183 
LEU CA   C N S 184 
LEU C    C N N 185 
LEU O    O N N 186 
LEU CB   C N N 187 
LEU CG   C N N 188 
LEU CD1  C N N 189 
LEU CD2  C N N 190 
LEU OXT  O N N 191 
LEU H    H N N 192 
LEU H2   H N N 193 
LEU HA   H N N 194 
LEU HB2  H N N 195 
LEU HB3  H N N 196 
LEU HG   H N N 197 
LEU HD11 H N N 198 
LEU HD12 H N N 199 
LEU HD13 H N N 200 
LEU HD21 H N N 201 
LEU HD22 H N N 202 
LEU HD23 H N N 203 
LEU HXT  H N N 204 
LYS N    N N N 205 
LYS CA   C N S 206 
LYS C    C N N 207 
LYS O    O N N 208 
LYS CB   C N N 209 
LYS CG   C N N 210 
LYS CD   C N N 211 
LYS CE   C N N 212 
LYS NZ   N N N 213 
LYS OXT  O N N 214 
LYS H    H N N 215 
LYS H2   H N N 216 
LYS HA   H N N 217 
LYS HB2  H N N 218 
LYS HB3  H N N 219 
LYS HG2  H N N 220 
LYS HG3  H N N 221 
LYS HD2  H N N 222 
LYS HD3  H N N 223 
LYS HE2  H N N 224 
LYS HE3  H N N 225 
LYS HZ1  H N N 226 
LYS HZ2  H N N 227 
LYS HZ3  H N N 228 
LYS HXT  H N N 229 
MET N    N N N 230 
MET CA   C N S 231 
MET C    C N N 232 
MET O    O N N 233 
MET CB   C N N 234 
MET CG   C N N 235 
MET SD   S N N 236 
MET CE   C N N 237 
MET OXT  O N N 238 
MET H    H N N 239 
MET H2   H N N 240 
MET HA   H N N 241 
MET HB2  H N N 242 
MET HB3  H N N 243 
MET HG2  H N N 244 
MET HG3  H N N 245 
MET HE1  H N N 246 
MET HE2  H N N 247 
MET HE3  H N N 248 
MET HXT  H N N 249 
PHE N    N N N 250 
PHE CA   C N S 251 
PHE C    C N N 252 
PHE O    O N N 253 
PHE CB   C N N 254 
PHE CG   C Y N 255 
PHE CD1  C Y N 256 
PHE CD2  C Y N 257 
PHE CE1  C Y N 258 
PHE CE2  C Y N 259 
PHE CZ   C Y N 260 
PHE OXT  O N N 261 
PHE H    H N N 262 
PHE H2   H N N 263 
PHE HA   H N N 264 
PHE HB2  H N N 265 
PHE HB3  H N N 266 
PHE HD1  H N N 267 
PHE HD2  H N N 268 
PHE HE1  H N N 269 
PHE HE2  H N N 270 
PHE HZ   H N N 271 
PHE HXT  H N N 272 
PRO N    N N N 273 
PRO CA   C N S 274 
PRO C    C N N 275 
PRO O    O N N 276 
PRO CB   C N N 277 
PRO CG   C N N 278 
PRO CD   C N N 279 
PRO OXT  O N N 280 
PRO H    H N N 281 
PRO HA   H N N 282 
PRO HB2  H N N 283 
PRO HB3  H N N 284 
PRO HG2  H N N 285 
PRO HG3  H N N 286 
PRO HD2  H N N 287 
PRO HD3  H N N 288 
PRO HXT  H N N 289 
SER N    N N N 290 
SER CA   C N S 291 
SER C    C N N 292 
SER O    O N N 293 
SER CB   C N N 294 
SER OG   O N N 295 
SER OXT  O N N 296 
SER H    H N N 297 
SER H2   H N N 298 
SER HA   H N N 299 
SER HB2  H N N 300 
SER HB3  H N N 301 
SER HG   H N N 302 
SER HXT  H N N 303 
TCH C1   C N N 304 
TCH C2   C N N 305 
TCH C3   C N R 306 
TCH O3   O N N 307 
TCH C4   C N N 308 
TCH C5   C N S 309 
TCH C6   C N N 310 
TCH C7   C N R 311 
TCH O7   O N N 312 
TCH C8   C N R 313 
TCH C9   C N S 314 
TCH C10  C N S 315 
TCH C11  C N N 316 
TCH C12  C N S 317 
TCH O12  O N N 318 
TCH C13  C N R 319 
TCH C14  C N S 320 
TCH C15  C N N 321 
TCH C16  C N N 322 
TCH C17  C N R 323 
TCH C18  C N N 324 
TCH C19  C N N 325 
TCH O1S  O N N 326 
TCH C20  C N R 327 
TCH C21  C N N 328 
TCH C22  C N N 329 
TCH C23  C N N 330 
TCH C24  C N N 331 
TCH N24  N N N 332 
TCH O24  O N N 333 
TCH C25  C N N 334 
TCH C26  C N N 335 
TCH S26  S N N 336 
TCH O2S  O N N 337 
TCH O3S  O N N 338 
TCH H1   H N N 339 
TCH H1A  H N N 340 
TCH H2   H N N 341 
TCH H2A  H N N 342 
TCH H3   H N N 343 
TCH HO3  H N N 344 
TCH H4   H N N 345 
TCH H4A  H N N 346 
TCH H5   H N N 347 
TCH H6   H N N 348 
TCH H6A  H N N 349 
TCH H7   H N N 350 
TCH HO7  H N N 351 
TCH H8   H N N 352 
TCH H9   H N N 353 
TCH H11  H N N 354 
TCH H11A H N N 355 
TCH H12  H N N 356 
TCH HO12 H N N 357 
TCH H14  H N N 358 
TCH H15  H N N 359 
TCH H15A H N N 360 
TCH H16  H N N 361 
TCH H16A H N N 362 
TCH H17  H N N 363 
TCH H18  H N N 364 
TCH H18A H N N 365 
TCH H18B H N N 366 
TCH H19  H N N 367 
TCH H19A H N N 368 
TCH H19B H N N 369 
TCH H20  H N N 370 
TCH H21  H N N 371 
TCH H21A H N N 372 
TCH H21B H N N 373 
TCH H22  H N N 374 
TCH H37  H N N 375 
TCH H23  H N N 376 
TCH H39  H N N 377 
TCH HN24 H N N 378 
TCH H25  H N N 379 
TCH H25A H N N 380 
TCH H26  H N N 381 
TCH H26A H N N 382 
TCH HO3S H N N 383 
THR N    N N N 384 
THR CA   C N S 385 
THR C    C N N 386 
THR O    O N N 387 
THR CB   C N R 388 
THR OG1  O N N 389 
THR CG2  C N N 390 
THR OXT  O N N 391 
THR H    H N N 392 
THR H2   H N N 393 
THR HA   H N N 394 
THR HB   H N N 395 
THR HG1  H N N 396 
THR HG21 H N N 397 
THR HG22 H N N 398 
THR HG23 H N N 399 
THR HXT  H N N 400 
TRP N    N N N 401 
TRP CA   C N S 402 
TRP C    C N N 403 
TRP O    O N N 404 
TRP CB   C N N 405 
TRP CG   C Y N 406 
TRP CD1  C Y N 407 
TRP CD2  C Y N 408 
TRP NE1  N Y N 409 
TRP CE2  C Y N 410 
TRP CE3  C Y N 411 
TRP CZ2  C Y N 412 
TRP CZ3  C Y N 413 
TRP CH2  C Y N 414 
TRP OXT  O N N 415 
TRP H    H N N 416 
TRP H2   H N N 417 
TRP HA   H N N 418 
TRP HB2  H N N 419 
TRP HB3  H N N 420 
TRP HD1  H N N 421 
TRP HE1  H N N 422 
TRP HE3  H N N 423 
TRP HZ2  H N N 424 
TRP HZ3  H N N 425 
TRP HH2  H N N 426 
TRP HXT  H N N 427 
TYR N    N N N 428 
TYR CA   C N S 429 
TYR C    C N N 430 
TYR O    O N N 431 
TYR CB   C N N 432 
TYR CG   C Y N 433 
TYR CD1  C Y N 434 
TYR CD2  C Y N 435 
TYR CE1  C Y N 436 
TYR CE2  C Y N 437 
TYR CZ   C Y N 438 
TYR OH   O N N 439 
TYR OXT  O N N 440 
TYR H    H N N 441 
TYR H2   H N N 442 
TYR HA   H N N 443 
TYR HB2  H N N 444 
TYR HB3  H N N 445 
TYR HD1  H N N 446 
TYR HD2  H N N 447 
TYR HE1  H N N 448 
TYR HE2  H N N 449 
TYR HH   H N N 450 
TYR HXT  H N N 451 
VAL N    N N N 452 
VAL CA   C N S 453 
VAL C    C N N 454 
VAL O    O N N 455 
VAL CB   C N N 456 
VAL CG1  C N N 457 
VAL CG2  C N N 458 
VAL OXT  O N N 459 
VAL H    H N N 460 
VAL H2   H N N 461 
VAL HA   H N N 462 
VAL HB   H N N 463 
VAL HG11 H N N 464 
VAL HG12 H N N 465 
VAL HG13 H N N 466 
VAL HG21 H N N 467 
VAL HG22 H N N 468 
VAL HG23 H N N 469 
VAL HXT  H N N 470 
# 
loop_
_chem_comp_bond.comp_id 
_chem_comp_bond.atom_id_1 
_chem_comp_bond.atom_id_2 
_chem_comp_bond.value_order 
_chem_comp_bond.pdbx_aromatic_flag 
_chem_comp_bond.pdbx_stereo_config 
_chem_comp_bond.pdbx_ordinal 
ALA N   CA   sing N N 1   
ALA N   H    sing N N 2   
ALA N   H2   sing N N 3   
ALA CA  C    sing N N 4   
ALA CA  CB   sing N N 5   
ALA CA  HA   sing N N 6   
ALA C   O    doub N N 7   
ALA C   OXT  sing N N 8   
ALA CB  HB1  sing N N 9   
ALA CB  HB2  sing N N 10  
ALA CB  HB3  sing N N 11  
ALA OXT HXT  sing N N 12  
ARG N   CA   sing N N 13  
ARG N   H    sing N N 14  
ARG N   H2   sing N N 15  
ARG CA  C    sing N N 16  
ARG CA  CB   sing N N 17  
ARG CA  HA   sing N N 18  
ARG C   O    doub N N 19  
ARG C   OXT  sing N N 20  
ARG CB  CG   sing N N 21  
ARG CB  HB2  sing N N 22  
ARG CB  HB3  sing N N 23  
ARG CG  CD   sing N N 24  
ARG CG  HG2  sing N N 25  
ARG CG  HG3  sing N N 26  
ARG CD  NE   sing N N 27  
ARG CD  HD2  sing N N 28  
ARG CD  HD3  sing N N 29  
ARG NE  CZ   sing N N 30  
ARG NE  HE   sing N N 31  
ARG CZ  NH1  sing N N 32  
ARG CZ  NH2  doub N N 33  
ARG NH1 HH11 sing N N 34  
ARG NH1 HH12 sing N N 35  
ARG NH2 HH21 sing N N 36  
ARG NH2 HH22 sing N N 37  
ARG OXT HXT  sing N N 38  
ASN N   CA   sing N N 39  
ASN N   H    sing N N 40  
ASN N   H2   sing N N 41  
ASN CA  C    sing N N 42  
ASN CA  CB   sing N N 43  
ASN CA  HA   sing N N 44  
ASN C   O    doub N N 45  
ASN C   OXT  sing N N 46  
ASN CB  CG   sing N N 47  
ASN CB  HB2  sing N N 48  
ASN CB  HB3  sing N N 49  
ASN CG  OD1  doub N N 50  
ASN CG  ND2  sing N N 51  
ASN ND2 HD21 sing N N 52  
ASN ND2 HD22 sing N N 53  
ASN OXT HXT  sing N N 54  
ASP N   CA   sing N N 55  
ASP N   H    sing N N 56  
ASP N   H2   sing N N 57  
ASP CA  C    sing N N 58  
ASP CA  CB   sing N N 59  
ASP CA  HA   sing N N 60  
ASP C   O    doub N N 61  
ASP C   OXT  sing N N 62  
ASP CB  CG   sing N N 63  
ASP CB  HB2  sing N N 64  
ASP CB  HB3  sing N N 65  
ASP CG  OD1  doub N N 66  
ASP CG  OD2  sing N N 67  
ASP OD2 HD2  sing N N 68  
ASP OXT HXT  sing N N 69  
CYS N   CA   sing N N 70  
CYS N   H    sing N N 71  
CYS N   H2   sing N N 72  
CYS CA  C    sing N N 73  
CYS CA  CB   sing N N 74  
CYS CA  HA   sing N N 75  
CYS C   O    doub N N 76  
CYS C   OXT  sing N N 77  
CYS CB  SG   sing N N 78  
CYS CB  HB2  sing N N 79  
CYS CB  HB3  sing N N 80  
CYS SG  HG   sing N N 81  
CYS OXT HXT  sing N N 82  
GLN N   CA   sing N N 83  
GLN N   H    sing N N 84  
GLN N   H2   sing N N 85  
GLN CA  C    sing N N 86  
GLN CA  CB   sing N N 87  
GLN CA  HA   sing N N 88  
GLN C   O    doub N N 89  
GLN C   OXT  sing N N 90  
GLN CB  CG   sing N N 91  
GLN CB  HB2  sing N N 92  
GLN CB  HB3  sing N N 93  
GLN CG  CD   sing N N 94  
GLN CG  HG2  sing N N 95  
GLN CG  HG3  sing N N 96  
GLN CD  OE1  doub N N 97  
GLN CD  NE2  sing N N 98  
GLN NE2 HE21 sing N N 99  
GLN NE2 HE22 sing N N 100 
GLN OXT HXT  sing N N 101 
GLU N   CA   sing N N 102 
GLU N   H    sing N N 103 
GLU N   H2   sing N N 104 
GLU CA  C    sing N N 105 
GLU CA  CB   sing N N 106 
GLU CA  HA   sing N N 107 
GLU C   O    doub N N 108 
GLU C   OXT  sing N N 109 
GLU CB  CG   sing N N 110 
GLU CB  HB2  sing N N 111 
GLU CB  HB3  sing N N 112 
GLU CG  CD   sing N N 113 
GLU CG  HG2  sing N N 114 
GLU CG  HG3  sing N N 115 
GLU CD  OE1  doub N N 116 
GLU CD  OE2  sing N N 117 
GLU OE2 HE2  sing N N 118 
GLU OXT HXT  sing N N 119 
GLY N   CA   sing N N 120 
GLY N   H    sing N N 121 
GLY N   H2   sing N N 122 
GLY CA  C    sing N N 123 
GLY CA  HA2  sing N N 124 
GLY CA  HA3  sing N N 125 
GLY C   O    doub N N 126 
GLY C   OXT  sing N N 127 
GLY OXT HXT  sing N N 128 
HIS N   CA   sing N N 129 
HIS N   H    sing N N 130 
HIS N   H2   sing N N 131 
HIS CA  C    sing N N 132 
HIS CA  CB   sing N N 133 
HIS CA  HA   sing N N 134 
HIS C   O    doub N N 135 
HIS C   OXT  sing N N 136 
HIS CB  CG   sing N N 137 
HIS CB  HB2  sing N N 138 
HIS CB  HB3  sing N N 139 
HIS CG  ND1  sing Y N 140 
HIS CG  CD2  doub Y N 141 
HIS ND1 CE1  doub Y N 142 
HIS ND1 HD1  sing N N 143 
HIS CD2 NE2  sing Y N 144 
HIS CD2 HD2  sing N N 145 
HIS CE1 NE2  sing Y N 146 
HIS CE1 HE1  sing N N 147 
HIS NE2 HE2  sing N N 148 
HIS OXT HXT  sing N N 149 
HOH O   H1   sing N N 150 
HOH O   H2   sing N N 151 
ILE N   CA   sing N N 152 
ILE N   H    sing N N 153 
ILE N   H2   sing N N 154 
ILE CA  C    sing N N 155 
ILE CA  CB   sing N N 156 
ILE CA  HA   sing N N 157 
ILE C   O    doub N N 158 
ILE C   OXT  sing N N 159 
ILE CB  CG1  sing N N 160 
ILE CB  CG2  sing N N 161 
ILE CB  HB   sing N N 162 
ILE CG1 CD1  sing N N 163 
ILE CG1 HG12 sing N N 164 
ILE CG1 HG13 sing N N 165 
ILE CG2 HG21 sing N N 166 
ILE CG2 HG22 sing N N 167 
ILE CG2 HG23 sing N N 168 
ILE CD1 HD11 sing N N 169 
ILE CD1 HD12 sing N N 170 
ILE CD1 HD13 sing N N 171 
ILE OXT HXT  sing N N 172 
LEU N   CA   sing N N 173 
LEU N   H    sing N N 174 
LEU N   H2   sing N N 175 
LEU CA  C    sing N N 176 
LEU CA  CB   sing N N 177 
LEU CA  HA   sing N N 178 
LEU C   O    doub N N 179 
LEU C   OXT  sing N N 180 
LEU CB  CG   sing N N 181 
LEU CB  HB2  sing N N 182 
LEU CB  HB3  sing N N 183 
LEU CG  CD1  sing N N 184 
LEU CG  CD2  sing N N 185 
LEU CG  HG   sing N N 186 
LEU CD1 HD11 sing N N 187 
LEU CD1 HD12 sing N N 188 
LEU CD1 HD13 sing N N 189 
LEU CD2 HD21 sing N N 190 
LEU CD2 HD22 sing N N 191 
LEU CD2 HD23 sing N N 192 
LEU OXT HXT  sing N N 193 
LYS N   CA   sing N N 194 
LYS N   H    sing N N 195 
LYS N   H2   sing N N 196 
LYS CA  C    sing N N 197 
LYS CA  CB   sing N N 198 
LYS CA  HA   sing N N 199 
LYS C   O    doub N N 200 
LYS C   OXT  sing N N 201 
LYS CB  CG   sing N N 202 
LYS CB  HB2  sing N N 203 
LYS CB  HB3  sing N N 204 
LYS CG  CD   sing N N 205 
LYS CG  HG2  sing N N 206 
LYS CG  HG3  sing N N 207 
LYS CD  CE   sing N N 208 
LYS CD  HD2  sing N N 209 
LYS CD  HD3  sing N N 210 
LYS CE  NZ   sing N N 211 
LYS CE  HE2  sing N N 212 
LYS CE  HE3  sing N N 213 
LYS NZ  HZ1  sing N N 214 
LYS NZ  HZ2  sing N N 215 
LYS NZ  HZ3  sing N N 216 
LYS OXT HXT  sing N N 217 
MET N   CA   sing N N 218 
MET N   H    sing N N 219 
MET N   H2   sing N N 220 
MET CA  C    sing N N 221 
MET CA  CB   sing N N 222 
MET CA  HA   sing N N 223 
MET C   O    doub N N 224 
MET C   OXT  sing N N 225 
MET CB  CG   sing N N 226 
MET CB  HB2  sing N N 227 
MET CB  HB3  sing N N 228 
MET CG  SD   sing N N 229 
MET CG  HG2  sing N N 230 
MET CG  HG3  sing N N 231 
MET SD  CE   sing N N 232 
MET CE  HE1  sing N N 233 
MET CE  HE2  sing N N 234 
MET CE  HE3  sing N N 235 
MET OXT HXT  sing N N 236 
PHE N   CA   sing N N 237 
PHE N   H    sing N N 238 
PHE N   H2   sing N N 239 
PHE CA  C    sing N N 240 
PHE CA  CB   sing N N 241 
PHE CA  HA   sing N N 242 
PHE C   O    doub N N 243 
PHE C   OXT  sing N N 244 
PHE CB  CG   sing N N 245 
PHE CB  HB2  sing N N 246 
PHE CB  HB3  sing N N 247 
PHE CG  CD1  doub Y N 248 
PHE CG  CD2  sing Y N 249 
PHE CD1 CE1  sing Y N 250 
PHE CD1 HD1  sing N N 251 
PHE CD2 CE2  doub Y N 252 
PHE CD2 HD2  sing N N 253 
PHE CE1 CZ   doub Y N 254 
PHE CE1 HE1  sing N N 255 
PHE CE2 CZ   sing Y N 256 
PHE CE2 HE2  sing N N 257 
PHE CZ  HZ   sing N N 258 
PHE OXT HXT  sing N N 259 
PRO N   CA   sing N N 260 
PRO N   CD   sing N N 261 
PRO N   H    sing N N 262 
PRO CA  C    sing N N 263 
PRO CA  CB   sing N N 264 
PRO CA  HA   sing N N 265 
PRO C   O    doub N N 266 
PRO C   OXT  sing N N 267 
PRO CB  CG   sing N N 268 
PRO CB  HB2  sing N N 269 
PRO CB  HB3  sing N N 270 
PRO CG  CD   sing N N 271 
PRO CG  HG2  sing N N 272 
PRO CG  HG3  sing N N 273 
PRO CD  HD2  sing N N 274 
PRO CD  HD3  sing N N 275 
PRO OXT HXT  sing N N 276 
SER N   CA   sing N N 277 
SER N   H    sing N N 278 
SER N   H2   sing N N 279 
SER CA  C    sing N N 280 
SER CA  CB   sing N N 281 
SER CA  HA   sing N N 282 
SER C   O    doub N N 283 
SER C   OXT  sing N N 284 
SER CB  OG   sing N N 285 
SER CB  HB2  sing N N 286 
SER CB  HB3  sing N N 287 
SER OG  HG   sing N N 288 
SER OXT HXT  sing N N 289 
TCH C1  C2   sing N N 290 
TCH C2  C3   sing N N 291 
TCH C3  O3   sing N N 292 
TCH C4  C3   sing N N 293 
TCH C5  C4   sing N N 294 
TCH C6  C5   sing N N 295 
TCH C7  C6   sing N N 296 
TCH C7  O7   sing N N 297 
TCH C8  C7   sing N N 298 
TCH C8  C9   sing N N 299 
TCH C9  C10  sing N N 300 
TCH C10 C1   sing N N 301 
TCH C10 C5   sing N N 302 
TCH C11 C9   sing N N 303 
TCH C12 C11  sing N N 304 
TCH C12 O12  sing N N 305 
TCH C13 C12  sing N N 306 
TCH C13 C14  sing N N 307 
TCH C14 C8   sing N N 308 
TCH C15 C14  sing N N 309 
TCH C16 C15  sing N N 310 
TCH C16 C17  sing N N 311 
TCH C17 C13  sing N N 312 
TCH C18 C13  sing N N 313 
TCH C19 C10  sing N N 314 
TCH O1S S26  doub N N 315 
TCH C20 C17  sing N N 316 
TCH C21 C20  sing N N 317 
TCH C22 C20  sing N N 318 
TCH C23 C22  sing N N 319 
TCH C23 C24  sing N N 320 
TCH C24 O24  doub N N 321 
TCH N24 C24  sing N N 322 
TCH N24 C25  sing N N 323 
TCH C25 C26  sing N N 324 
TCH C26 S26  sing N N 325 
TCH S26 O3S  sing N N 326 
TCH O2S S26  doub N N 327 
TCH C1  H1   sing N N 328 
TCH C1  H1A  sing N N 329 
TCH C2  H2   sing N N 330 
TCH C2  H2A  sing N N 331 
TCH C3  H3   sing N N 332 
TCH O3  HO3  sing N N 333 
TCH C4  H4   sing N N 334 
TCH C4  H4A  sing N N 335 
TCH C5  H5   sing N N 336 
TCH C6  H6   sing N N 337 
TCH C6  H6A  sing N N 338 
TCH C7  H7   sing N N 339 
TCH O7  HO7  sing N N 340 
TCH C8  H8   sing N N 341 
TCH C9  H9   sing N N 342 
TCH C11 H11  sing N N 343 
TCH C11 H11A sing N N 344 
TCH C12 H12  sing N N 345 
TCH O12 HO12 sing N N 346 
TCH C14 H14  sing N N 347 
TCH C15 H15  sing N N 348 
TCH C15 H15A sing N N 349 
TCH C16 H16  sing N N 350 
TCH C16 H16A sing N N 351 
TCH C17 H17  sing N N 352 
TCH C18 H18  sing N N 353 
TCH C18 H18A sing N N 354 
TCH C18 H18B sing N N 355 
TCH C19 H19  sing N N 356 
TCH C19 H19A sing N N 357 
TCH C19 H19B sing N N 358 
TCH C20 H20  sing N N 359 
TCH C21 H21  sing N N 360 
TCH C21 H21A sing N N 361 
TCH C21 H21B sing N N 362 
TCH C22 H22  sing N N 363 
TCH C22 H37  sing N N 364 
TCH C23 H23  sing N N 365 
TCH C23 H39  sing N N 366 
TCH N24 HN24 sing N N 367 
TCH C25 H25  sing N N 368 
TCH C25 H25A sing N N 369 
TCH C26 H26  sing N N 370 
TCH C26 H26A sing N N 371 
TCH O3S HO3S sing N N 372 
THR N   CA   sing N N 373 
THR N   H    sing N N 374 
THR N   H2   sing N N 375 
THR CA  C    sing N N 376 
THR CA  CB   sing N N 377 
THR CA  HA   sing N N 378 
THR C   O    doub N N 379 
THR C   OXT  sing N N 380 
THR CB  OG1  sing N N 381 
THR CB  CG2  sing N N 382 
THR CB  HB   sing N N 383 
THR OG1 HG1  sing N N 384 
THR CG2 HG21 sing N N 385 
THR CG2 HG22 sing N N 386 
THR CG2 HG23 sing N N 387 
THR OXT HXT  sing N N 388 
TRP N   CA   sing N N 389 
TRP N   H    sing N N 390 
TRP N   H2   sing N N 391 
TRP CA  C    sing N N 392 
TRP CA  CB   sing N N 393 
TRP CA  HA   sing N N 394 
TRP C   O    doub N N 395 
TRP C   OXT  sing N N 396 
TRP CB  CG   sing N N 397 
TRP CB  HB2  sing N N 398 
TRP CB  HB3  sing N N 399 
TRP CG  CD1  doub Y N 400 
TRP CG  CD2  sing Y N 401 
TRP CD1 NE1  sing Y N 402 
TRP CD1 HD1  sing N N 403 
TRP CD2 CE2  doub Y N 404 
TRP CD2 CE3  sing Y N 405 
TRP NE1 CE2  sing Y N 406 
TRP NE1 HE1  sing N N 407 
TRP CE2 CZ2  sing Y N 408 
TRP CE3 CZ3  doub Y N 409 
TRP CE3 HE3  sing N N 410 
TRP CZ2 CH2  doub Y N 411 
TRP CZ2 HZ2  sing N N 412 
TRP CZ3 CH2  sing Y N 413 
TRP CZ3 HZ3  sing N N 414 
TRP CH2 HH2  sing N N 415 
TRP OXT HXT  sing N N 416 
TYR N   CA   sing N N 417 
TYR N   H    sing N N 418 
TYR N   H2   sing N N 419 
TYR CA  C    sing N N 420 
TYR CA  CB   sing N N 421 
TYR CA  HA   sing N N 422 
TYR C   O    doub N N 423 
TYR C   OXT  sing N N 424 
TYR CB  CG   sing N N 425 
TYR CB  HB2  sing N N 426 
TYR CB  HB3  sing N N 427 
TYR CG  CD1  doub Y N 428 
TYR CG  CD2  sing Y N 429 
TYR CD1 CE1  sing Y N 430 
TYR CD1 HD1  sing N N 431 
TYR CD2 CE2  doub Y N 432 
TYR CD2 HD2  sing N N 433 
TYR CE1 CZ   doub Y N 434 
TYR CE1 HE1  sing N N 435 
TYR CE2 CZ   sing Y N 436 
TYR CE2 HE2  sing N N 437 
TYR CZ  OH   sing N N 438 
TYR OH  HH   sing N N 439 
TYR OXT HXT  sing N N 440 
VAL N   CA   sing N N 441 
VAL N   H    sing N N 442 
VAL N   H2   sing N N 443 
VAL CA  C    sing N N 444 
VAL CA  CB   sing N N 445 
VAL CA  HA   sing N N 446 
VAL C   O    doub N N 447 
VAL C   OXT  sing N N 448 
VAL CB  CG1  sing N N 449 
VAL CB  CG2  sing N N 450 
VAL CB  HB   sing N N 451 
VAL CG1 HG11 sing N N 452 
VAL CG1 HG12 sing N N 453 
VAL CG1 HG13 sing N N 454 
VAL CG2 HG21 sing N N 455 
VAL CG2 HG22 sing N N 456 
VAL CG2 HG23 sing N N 457 
VAL OXT HXT  sing N N 458 
# 
_atom_sites.entry_id                    3QQA 
_atom_sites.fract_transf_matrix[1][1]   0.00531834 
_atom_sites.fract_transf_matrix[1][2]   -0.00076687 
_atom_sites.fract_transf_matrix[1][3]   0.00918235 
_atom_sites.fract_transf_matrix[2][1]   -0.01459481 
_atom_sites.fract_transf_matrix[2][2]   -0.02104716 
_atom_sites.fract_transf_matrix[2][3]   0.00669542 
_atom_sites.fract_transf_matrix[3][1]   0.01158773 
_atom_sites.fract_transf_matrix[3][2]   -0.01044793 
_atom_sites.fract_transf_matrix[3][3]   -0.00758409 
_atom_sites.fract_transf_vector[1]      -0.144501 
_atom_sites.fract_transf_vector[2]      -0.486411 
_atom_sites.fract_transf_vector[3]      -0.206596 
# 
loop_
_atom_type.symbol 
C 
N 
O 
S 
# 
loop_
_atom_site.group_PDB 
_atom_site.id 
_atom_site.type_symbol 
_atom_site.label_atom_id 
_atom_site.label_alt_id 
_atom_site.label_comp_id 
_atom_site.label_asym_id 
_atom_site.label_entity_id 
_atom_site.label_seq_id 
_atom_site.pdbx_PDB_ins_code 
_atom_site.Cartn_x 
_atom_site.Cartn_y 
_atom_site.Cartn_z 
_atom_site.occupancy 
_atom_site.B_iso_or_equiv 
_atom_site.pdbx_formal_charge 
_atom_site.auth_seq_id 
_atom_site.auth_comp_id 
_atom_site.auth_asym_id 
_atom_site.auth_atom_id 
_atom_site.pdbx_PDB_model_num 
ATOM   1    N N   . THR A 1 12  ? -3.431  -3.442  -30.863 1.00 45.61  ? 6   THR A N   1 
ATOM   2    C CA  . THR A 1 12  ? -2.444  -2.397  -31.107 1.00 40.66  ? 6   THR A CA  1 
ATOM   3    C C   . THR A 1 12  ? -1.063  -2.800  -30.571 1.00 42.18  ? 6   THR A C   1 
ATOM   4    O O   . THR A 1 12  ? -0.951  -3.596  -29.628 1.00 40.01  ? 6   THR A O   1 
ATOM   5    C CB  . THR A 1 12  ? -2.887  -1.020  -30.531 1.00 40.37  ? 6   THR A CB  1 
ATOM   6    O OG1 . THR A 1 12  ? -2.369  0.036   -31.347 1.00 57.51  ? 6   THR A OG1 1 
ATOM   7    C CG2 . THR A 1 12  ? -2.391  -0.817  -29.133 1.00 31.93  ? 6   THR A CG2 1 
ATOM   8    N N   . PRO A 1 13  ? 0.000   -2.281  -31.199 1.00 37.86  ? 7   PRO A N   1 
ATOM   9    C CA  . PRO A 1 13  ? 1.331   -2.599  -30.669 1.00 38.45  ? 7   PRO A CA  1 
ATOM   10   C C   . PRO A 1 13  ? 1.428   -2.204  -29.187 1.00 34.70  ? 7   PRO A C   1 
ATOM   11   O O   . PRO A 1 13  ? 1.940   -2.975  -28.378 1.00 37.53  ? 7   PRO A O   1 
ATOM   12   C CB  . PRO A 1 13  ? 2.268   -1.750  -31.539 1.00 36.95  ? 7   PRO A CB  1 
ATOM   13   C CG  . PRO A 1 13  ? 1.485   -1.524  -32.841 1.00 36.73  ? 7   PRO A CG  1 
ATOM   14   C CD  . PRO A 1 13  ? 0.048   -1.446  -32.418 1.00 36.02  ? 7   PRO A CD  1 
ATOM   15   N N   . SER A 1 14  ? 0.918   -1.023  -28.849 1.00 38.15  ? 8   SER A N   1 
ATOM   16   C CA  . SER A 1 14  ? 0.936   -0.516  -27.476 1.00 39.38  ? 8   SER A CA  1 
ATOM   17   C C   . SER A 1 14  ? 0.209   -1.438  -26.484 1.00 37.38  ? 8   SER A C   1 
ATOM   18   O O   . SER A 1 14  ? 0.622   -1.559  -25.332 1.00 32.91  ? 8   SER A O   1 
ATOM   19   C CB  . SER A 1 14  ? 0.353   0.897   -27.425 1.00 35.88  ? 8   SER A CB  1 
ATOM   20   O OG  . SER A 1 14  ? 1.236   1.827   -28.030 1.00 33.04  ? 8   SER A OG  1 
ATOM   21   N N   . GLN A 1 15  ? -0.854  -2.096  -26.941 1.00 36.53  ? 9   GLN A N   1 
ATOM   22   C CA  . GLN A 1 15  ? -1.609  -3.023  -26.100 1.00 37.60  ? 9   GLN A CA  1 
ATOM   23   C C   . GLN A 1 15  ? -0.870  -4.329  -25.876 1.00 36.24  ? 9   GLN A C   1 
ATOM   24   O O   . GLN A 1 15  ? -0.983  -4.932  -24.816 1.00 38.50  ? 9   GLN A O   1 
ATOM   25   C CB  . GLN A 1 15  ? -2.991  -3.301  -26.686 1.00 36.07  ? 9   GLN A CB  1 
ATOM   26   C CG  . GLN A 1 15  ? -3.978  -2.193  -26.376 1.00 43.43  ? 9   GLN A CG  1 
ATOM   27   C CD  . GLN A 1 15  ? -5.240  -2.275  -27.203 1.00 51.13  ? 9   GLN A CD  1 
ATOM   28   O OE1 . GLN A 1 15  ? -5.249  -2.835  -28.301 1.00 54.47  ? 9   GLN A OE1 1 
ATOM   29   N NE2 . GLN A 1 15  ? -6.321  -1.705  -26.681 1.00 47.24  ? 9   GLN A NE2 1 
ATOM   30   N N   . LYS A 1 16  ? -0.119  -4.761  -26.884 1.00 38.22  ? 10  LYS A N   1 
ATOM   31   C CA  . LYS A 1 16  ? 0.667   -5.973  -26.775 1.00 33.76  ? 10  LYS A CA  1 
ATOM   32   C C   . LYS A 1 16  ? 1.855   -5.701  -25.862 1.00 34.62  ? 10  LYS A C   1 
ATOM   33   O O   . LYS A 1 16  ? 2.254   -6.556  -25.083 1.00 29.82  ? 10  LYS A O   1 
ATOM   34   C CB  . LYS A 1 16  ? 1.136   -6.435  -28.152 1.00 35.83  ? 10  LYS A CB  1 
ATOM   35   C CG  . LYS A 1 16  ? 0.010   -6.972  -29.037 1.00 39.91  ? 10  LYS A CG  1 
ATOM   36   C CD  . LYS A 1 16  ? 0.476   -7.265  -30.461 1.00 45.56  ? 10  LYS A CD  1 
ATOM   37   C CE  . LYS A 1 16  ? 1.155   -8.622  -30.574 1.00 47.28  ? 10  LYS A CE  1 
ATOM   38   N NZ  . LYS A 1 16  ? 1.870   -8.795  -31.877 1.00 49.49  ? 10  LYS A NZ  1 
ATOM   39   N N   . VAL A 1 17  ? 2.414   -4.498  -25.973 1.00 29.85  ? 11  VAL A N   1 
ATOM   40   C CA  . VAL A 1 17  ? 3.484   -4.062  -25.086 1.00 34.04  ? 11  VAL A CA  1 
ATOM   41   C C   . VAL A 1 17  ? 3.030   -4.165  -23.623 1.00 33.87  ? 11  VAL A C   1 
ATOM   42   O O   . VAL A 1 17  ? 3.738   -4.710  -22.783 1.00 33.26  ? 11  VAL A O   1 
ATOM   43   C CB  . VAL A 1 17  ? 3.901   -2.608  -25.360 1.00 33.80  ? 11  VAL A CB  1 
ATOM   44   C CG1 . VAL A 1 17  ? 4.866   -2.127  -24.279 1.00 32.10  ? 11  VAL A CG1 1 
ATOM   45   C CG2 . VAL A 1 17  ? 4.515   -2.457  -26.773 1.00 32.92  ? 11  VAL A CG2 1 
ATOM   46   N N   . LEU A 1 18  ? 1.842   -3.642  -23.340 1.00 30.80  ? 12  LEU A N   1 
ATOM   47   C CA  . LEU A 1 18  ? 1.304   -3.643  -21.990 1.00 32.66  ? 12  LEU A CA  1 
ATOM   48   C C   . LEU A 1 18  ? 0.928   -5.047  -21.534 1.00 34.89  ? 12  LEU A C   1 
ATOM   49   O O   . LEU A 1 18  ? 1.136   -5.401  -20.374 1.00 36.27  ? 12  LEU A O   1 
ATOM   50   C CB  . LEU A 1 18  ? 0.103   -2.700  -21.885 1.00 34.77  ? 12  LEU A CB  1 
ATOM   51   C CG  . LEU A 1 18  ? 0.387   -1.217  -22.146 1.00 33.65  ? 12  LEU A CG  1 
ATOM   52   C CD1 . LEU A 1 18  ? -0.910  -0.449  -22.420 1.00 36.66  ? 12  LEU A CD1 1 
ATOM   53   C CD2 . LEU A 1 18  ? 1.152   -0.583  -21.009 1.00 33.10  ? 12  LEU A CD2 1 
ATOM   54   N N   . ALA A 1 19  ? 0.389   -5.856  -22.441 1.00 33.82  ? 13  ALA A N   1 
ATOM   55   C CA  . ALA A 1 19  ? 0.082   -7.237  -22.096 1.00 32.43  ? 13  ALA A CA  1 
ATOM   56   C C   . ALA A 1 19  ? 1.348   -8.011  -21.715 1.00 36.37  ? 13  ALA A C   1 
ATOM   57   O O   . ALA A 1 19  ? 1.330   -8.847  -20.813 1.00 37.48  ? 13  ALA A O   1 
ATOM   58   C CB  . ALA A 1 19  ? -0.644  -7.924  -23.222 1.00 36.07  ? 13  ALA A CB  1 
ATOM   59   N N   . ARG A 1 20  ? 2.441   -7.724  -22.414 1.00 31.27  ? 14  ARG A N   1 
ATOM   60   C CA  . ARG A 1 20  ? 3.735   -8.357  -22.149 1.00 33.82  ? 14  ARG A CA  1 
ATOM   61   C C   . ARG A 1 20  ? 4.257   -7.970  -20.756 1.00 33.75  ? 14  ARG A C   1 
ATOM   62   O O   . ARG A 1 20  ? 4.649   -8.827  -19.979 1.00 34.88  ? 14  ARG A O   1 
ATOM   63   C CB  . ARG A 1 20  ? 4.744   -7.953  -23.230 1.00 34.67  ? 14  ARG A CB  1 
ATOM   64   C CG  . ARG A 1 20  ? 6.208   -8.252  -22.910 1.00 49.30  ? 14  ARG A CG  1 
ATOM   65   C CD  . ARG A 1 20  ? 7.113   -7.941  -24.110 1.00 49.17  ? 14  ARG A CD  1 
ATOM   66   N NE  . ARG A 1 20  ? 6.646   -8.628  -25.314 1.00 54.12  ? 14  ARG A NE  1 
ATOM   67   C CZ  . ARG A 1 20  ? 7.258   -8.604  -26.495 1.00 54.97  ? 14  ARG A CZ  1 
ATOM   68   N NH1 . ARG A 1 20  ? 8.387   -7.921  -26.658 1.00 51.00  ? 14  ARG A NH1 1 
ATOM   69   N NH2 . ARG A 1 20  ? 6.736   -9.272  -27.517 1.00 55.04  ? 14  ARG A NH2 1 
ATOM   70   N N   . GLN A 1 21  ? 4.249   -6.673  -20.461 1.00 35.17  ? 15  GLN A N   1 
ATOM   71   C CA  . GLN A 1 21  ? 4.637   -6.159  -19.149 1.00 38.03  ? 15  GLN A CA  1 
ATOM   72   C C   . GLN A 1 21  ? 3.842   -6.829  -18.045 1.00 34.05  ? 15  GLN A C   1 
ATOM   73   O O   . GLN A 1 21  ? 4.388   -7.193  -17.006 1.00 32.94  ? 15  GLN A O   1 
ATOM   74   C CB  . GLN A 1 21  ? 4.418   -4.645  -19.083 1.00 36.35  ? 15  GLN A CB  1 
ATOM   75   C CG  . GLN A 1 21  ? 5.363   -3.867  -19.967 1.00 35.62  ? 15  GLN A CG  1 
ATOM   76   C CD  . GLN A 1 21  ? 5.224   -2.377  -19.798 1.00 45.72  ? 15  GLN A CD  1 
ATOM   77   O OE1 . GLN A 1 21  ? 4.428   -1.906  -18.986 1.00 59.69  ? 15  GLN A OE1 1 
ATOM   78   N NE2 . GLN A 1 21  ? 6.001   -1.618  -20.565 1.00 45.88  ? 15  GLN A NE2 1 
ATOM   79   N N   . GLU A 1 22  ? 2.546   -7.003  -18.276 1.00 30.81  ? 16  GLU A N   1 
ATOM   80   C CA  . GLU A 1 22  ? 1.688   -7.598  -17.265 1.00 37.40  ? 16  GLU A CA  1 
ATOM   81   C C   . GLU A 1 22  ? 2.007   -9.086  -17.035 1.00 36.63  ? 16  GLU A C   1 
ATOM   82   O O   . GLU A 1 22  ? 1.886   -9.592  -15.914 1.00 34.36  ? 16  GLU A O   1 
ATOM   83   C CB  . GLU A 1 22  ? 0.210   -7.391  -17.618 1.00 35.61  ? 16  GLU A CB  1 
ATOM   84   C CG  . GLU A 1 22  ? -0.235  -5.934  -17.547 1.00 43.44  ? 16  GLU A CG  1 
ATOM   85   C CD  . GLU A 1 22  ? -0.048  -5.328  -16.162 1.00 49.10  ? 16  GLU A CD  1 
ATOM   86   O OE1 . GLU A 1 22  ? -0.205  -6.060  -15.166 1.00 55.80  ? 16  GLU A OE1 1 
ATOM   87   O OE2 . GLU A 1 22  ? 0.254   -4.121  -16.062 1.00 47.72  ? 16  GLU A OE2 1 
ATOM   88   N N   . LYS A 1 23  ? 2.408   -9.776  -18.099 1.00 32.54  ? 17  LYS A N   1 
ATOM   89   C CA  . LYS A 1 23  ? 2.791   -11.179 -18.004 1.00 33.87  ? 17  LYS A CA  1 
ATOM   90   C C   . LYS A 1 23  ? 4.045   -11.318 -17.144 1.00 32.10  ? 17  LYS A C   1 
ATOM   91   O O   . LYS A 1 23  ? 4.131   -12.203 -16.303 1.00 30.13  ? 17  LYS A O   1 
ATOM   92   C CB  . LYS A 1 23  ? 3.041   -11.773 -19.396 1.00 35.35  ? 17  LYS A CB  1 
ATOM   93   C CG  . LYS A 1 23  ? 3.673   -13.162 -19.411 1.00 36.32  ? 17  LYS A CG  1 
ATOM   94   C CD  . LYS A 1 23  ? 2.811   -14.193 -18.681 1.00 37.24  ? 17  LYS A CD  1 
ATOM   95   C CE  . LYS A 1 23  ? 3.379   -15.610 -18.825 1.00 42.62  ? 17  LYS A CE  1 
ATOM   96   N NZ  . LYS A 1 23  ? 2.546   -16.634 -18.114 1.00 42.39  ? 17  LYS A NZ  1 
ATOM   97   N N   . ILE A 1 24  ? 5.010   -10.440 -17.368 1.00 29.27  ? 18  ILE A N   1 
ATOM   98   C CA  . ILE A 1 24  ? 6.250   -10.469 -16.598 1.00 35.16  ? 18  ILE A CA  1 
ATOM   99   C C   . ILE A 1 24  ? 6.007   -10.183 -15.105 1.00 35.42  ? 18  ILE A C   1 
ATOM   100  O O   . ILE A 1 24  ? 6.586   -10.853 -14.231 1.00 29.43  ? 18  ILE A O   1 
ATOM   101  C CB  . ILE A 1 24  ? 7.283   -9.495  -17.172 1.00 34.57  ? 18  ILE A CB  1 
ATOM   102  C CG1 . ILE A 1 24  ? 7.554   -9.838  -18.645 1.00 41.89  ? 18  ILE A CG1 1 
ATOM   103  C CG2 . ILE A 1 24  ? 8.582   -9.552  -16.365 1.00 36.26  ? 18  ILE A CG2 1 
ATOM   104  C CD1 . ILE A 1 24  ? 8.469   -8.875  -19.323 1.00 47.53  ? 18  ILE A CD1 1 
ATOM   105  N N   . LYS A 1 25  ? 5.151   -9.204  -14.820 1.00 28.28  ? 19  LYS A N   1 
ATOM   106  C CA  . LYS A 1 25  ? 4.830   -8.870  -13.437 1.00 28.93  ? 19  LYS A CA  1 
ATOM   107  C C   . LYS A 1 25  ? 4.114   -10.029 -12.742 1.00 34.60  ? 19  LYS A C   1 
ATOM   108  O O   . LYS A 1 25  ? 4.458   -10.365 -11.600 1.00 29.41  ? 19  LYS A O   1 
ATOM   109  C CB  . LYS A 1 25  ? 4.059   -7.545  -13.321 1.00 27.42  ? 19  LYS A CB  1 
ATOM   110  C CG  . LYS A 1 25  ? 4.848   -6.341  -13.840 1.00 29.49  ? 19  LYS A CG  1 
ATOM   111  C CD  . LYS A 1 25  ? 4.249   -5.008  -13.441 1.00 37.01  ? 19  LYS A CD  1 
ATOM   112  C CE  . LYS A 1 25  ? 2.875   -4.784  -14.032 1.00 42.62  ? 19  LYS A CE  1 
ATOM   113  N NZ  . LYS A 1 25  ? 2.660   -3.327  -14.325 1.00 40.97  ? 19  LYS A NZ  1 
ATOM   114  N N   . ALA A 1 26  ? 3.154   -10.660 -13.430 1.00 30.73  ? 20  ALA A N   1 
ATOM   115  C CA  . ALA A 1 26  ? 2.422   -11.787 -12.844 1.00 32.77  ? 20  ALA A CA  1 
ATOM   116  C C   . ALA A 1 26  ? 3.352   -12.971 -12.575 1.00 35.66  ? 20  ALA A C   1 
ATOM   117  O O   . ALA A 1 26  ? 3.209   -13.686 -11.579 1.00 35.06  ? 20  ALA A O   1 
ATOM   118  C CB  . ALA A 1 26  ? 1.239   -12.225 -13.734 1.00 27.25  ? 20  ALA A CB  1 
ATOM   119  N N   . VAL A 1 27  ? 4.297   -13.185 -13.479 1.00 30.33  ? 21  VAL A N   1 
ATOM   120  C CA  . VAL A 1 27  ? 5.270   -14.237 -13.295 1.00 30.52  ? 21  VAL A CA  1 
ATOM   121  C C   . VAL A 1 27  ? 6.151   -13.876 -12.103 1.00 28.02  ? 21  VAL A C   1 
ATOM   122  O O   . VAL A 1 27  ? 6.415   -14.711 -11.254 1.00 25.82  ? 21  VAL A O   1 
ATOM   123  C CB  . VAL A 1 27  ? 6.153   -14.452 -14.559 1.00 34.34  ? 21  VAL A CB  1 
ATOM   124  C CG1 . VAL A 1 27  ? 7.440   -15.181 -14.193 1.00 33.99  ? 21  VAL A CG1 1 
ATOM   125  C CG2 . VAL A 1 27  ? 5.381   -15.222 -15.648 1.00 31.38  ? 21  VAL A CG2 1 
ATOM   126  N N   . ALA A 1 28  ? 6.614   -12.632 -12.058 1.00 24.78  ? 22  ALA A N   1 
ATOM   127  C CA  . ALA A 1 28  ? 7.427   -12.185 -10.939 1.00 30.07  ? 22  ALA A CA  1 
ATOM   128  C C   . ALA A 1 28  ? 6.694   -12.415 -9.605  1.00 31.72  ? 22  ALA A C   1 
ATOM   129  O O   . ALA A 1 28  ? 7.253   -12.984 -8.677  1.00 24.22  ? 22  ALA A O   1 
ATOM   130  C CB  . ALA A 1 28  ? 7.831   -10.723 -11.107 1.00 26.40  ? 22  ALA A CB  1 
ATOM   131  N N   . LEU A 1 29  ? 5.434   -11.998 -9.539  1.00 30.05  ? 23  LEU A N   1 
ATOM   132  C CA  . LEU A 1 29  ? 4.638   -12.113 -8.323  1.00 31.41  ? 23  LEU A CA  1 
ATOM   133  C C   . LEU A 1 29  ? 4.424   -13.563 -7.921  1.00 32.12  ? 23  LEU A C   1 
ATOM   134  O O   . LEU A 1 29  ? 4.557   -13.919 -6.753  1.00 27.25  ? 23  LEU A O   1 
ATOM   135  C CB  . LEU A 1 29  ? 3.282   -11.427 -8.512  1.00 31.01  ? 23  LEU A CB  1 
ATOM   136  C CG  . LEU A 1 29  ? 2.341   -11.448 -7.301  1.00 39.63  ? 23  LEU A CG  1 
ATOM   137  C CD1 . LEU A 1 29  ? 3.058   -10.951 -6.049  1.00 36.67  ? 23  LEU A CD1 1 
ATOM   138  C CD2 . LEU A 1 29  ? 1.085   -10.621 -7.566  1.00 40.40  ? 23  LEU A CD2 1 
ATOM   139  N N   . GLU A 1 30  ? 4.071   -14.396 -8.893  1.00 29.28  ? 24  GLU A N   1 
ATOM   140  C CA  . GLU A 1 30  ? 3.857   -15.806 -8.622  1.00 29.92  ? 24  GLU A CA  1 
ATOM   141  C C   . GLU A 1 30  ? 5.115   -16.449 -8.028  1.00 35.76  ? 24  GLU A C   1 
ATOM   142  O O   . GLU A 1 30  ? 5.030   -17.228 -7.087  1.00 34.99  ? 24  GLU A O   1 
ATOM   143  C CB  . GLU A 1 30  ? 3.459   -16.545 -9.895  1.00 37.49  ? 24  GLU A CB  1 
ATOM   144  C CG  . GLU A 1 30  ? 3.207   -18.029 -9.694  1.00 39.58  ? 24  GLU A CG  1 
ATOM   145  C CD  . GLU A 1 30  ? 2.803   -18.728 -10.979 1.00 49.45  ? 24  GLU A CD  1 
ATOM   146  O OE1 . GLU A 1 30  ? 2.442   -18.032 -11.953 1.00 53.38  ? 24  GLU A OE1 1 
ATOM   147  O OE2 . GLU A 1 30  ? 2.844   -19.975 -11.014 1.00 58.82  ? 24  GLU A OE2 1 
ATOM   148  N N   . LEU A 1 31  ? 6.276   -16.136 -8.598  1.00 31.03  ? 25  LEU A N   1 
ATOM   149  C CA  . LEU A 1 31  ? 7.530   -16.641 -8.058  1.00 32.05  ? 25  LEU A CA  1 
ATOM   150  C C   . LEU A 1 31  ? 7.725   -16.143 -6.618  1.00 33.79  ? 25  LEU A C   1 
ATOM   151  O O   . LEU A 1 31  ? 7.973   -16.932 -5.719  1.00 32.52  ? 25  LEU A O   1 
ATOM   152  C CB  . LEU A 1 31  ? 8.717   -16.261 -8.958  1.00 30.31  ? 25  LEU A CB  1 
ATOM   153  C CG  . LEU A 1 31  ? 8.844   -17.048 -10.270 1.00 29.61  ? 25  LEU A CG  1 
ATOM   154  C CD1 . LEU A 1 31  ? 9.762   -16.355 -11.241 1.00 29.92  ? 25  LEU A CD1 1 
ATOM   155  C CD2 . LEU A 1 31  ? 9.344   -18.456 -10.006 1.00 34.94  ? 25  LEU A CD2 1 
ATOM   156  N N   . PHE A 1 32  ? 7.572   -14.838 -6.403  1.00 31.10  ? 26  PHE A N   1 
ATOM   157  C CA  . PHE A 1 32  ? 7.725   -14.267 -5.075  1.00 29.05  ? 26  PHE A CA  1 
ATOM   158  C C   . PHE A 1 32  ? 6.896   -15.024 -4.043  1.00 35.22  ? 26  PHE A C   1 
ATOM   159  O O   . PHE A 1 32  ? 7.370   -15.293 -2.940  1.00 35.50  ? 26  PHE A O   1 
ATOM   160  C CB  . PHE A 1 32  ? 7.375   -12.777 -5.052  1.00 24.91  ? 26  PHE A CB  1 
ATOM   161  C CG  . PHE A 1 32  ? 8.282   -11.929 -5.881  1.00 22.76  ? 26  PHE A CG  1 
ATOM   162  C CD1 . PHE A 1 32  ? 9.457   -12.446 -6.396  1.00 26.28  ? 26  PHE A CD1 1 
ATOM   163  C CD2 . PHE A 1 32  ? 7.964   -10.613 -6.143  1.00 17.96  ? 26  PHE A CD2 1 
ATOM   164  C CE1 . PHE A 1 32  ? 10.305  -11.659 -7.178  1.00 24.56  ? 26  PHE A CE1 1 
ATOM   165  C CE2 . PHE A 1 32  ? 8.794   -9.817  -6.921  1.00 18.48  ? 26  PHE A CE2 1 
ATOM   166  C CZ  . PHE A 1 32  ? 9.968   -10.335 -7.437  1.00 23.79  ? 26  PHE A CZ  1 
ATOM   167  N N   . LEU A 1 33  ? 5.673   -15.385 -4.406  1.00 31.30  ? 27  LEU A N   1 
ATOM   168  C CA  . LEU A 1 33  ? 4.758   -16.032 -3.467  1.00 31.47  ? 27  LEU A CA  1 
ATOM   169  C C   . LEU A 1 33  ? 5.036   -17.513 -3.218  1.00 36.81  ? 27  LEU A C   1 
ATOM   170  O O   . LEU A 1 33  ? 4.780   -18.028 -2.124  1.00 33.15  ? 27  LEU A O   1 
ATOM   171  C CB  . LEU A 1 33  ? 3.311   -15.871 -3.941  1.00 30.85  ? 27  LEU A CB  1 
ATOM   172  C CG  . LEU A 1 33  ? 2.768   -14.443 -3.860  1.00 33.56  ? 27  LEU A CG  1 
ATOM   173  C CD1 . LEU A 1 33  ? 1.489   -14.269 -4.705  1.00 32.06  ? 27  LEU A CD1 1 
ATOM   174  C CD2 . LEU A 1 33  ? 2.535   -14.055 -2.411  1.00 30.50  ? 27  LEU A CD2 1 
ATOM   175  N N   . THR A 1 34  ? 5.517   -18.206 -4.241  1.00 34.26  ? 28  THR A N   1 
ATOM   176  C CA  . THR A 1 34  ? 5.697   -19.647 -4.145  1.00 39.78  ? 28  THR A CA  1 
ATOM   177  C C   . THR A 1 34  ? 7.135   -19.961 -3.775  1.00 40.16  ? 28  THR A C   1 
ATOM   178  O O   . THR A 1 34  ? 7.392   -20.669 -2.812  1.00 44.11  ? 28  THR A O   1 
ATOM   179  C CB  . THR A 1 34  ? 5.345   -20.358 -5.468  1.00 40.64  ? 28  THR A CB  1 
ATOM   180  O OG1 . THR A 1 34  ? 6.228   -19.908 -6.503  1.00 39.06  ? 28  THR A OG1 1 
ATOM   181  C CG2 . THR A 1 34  ? 3.905   -20.063 -5.865  1.00 40.14  ? 28  THR A CG2 1 
ATOM   182  N N   . LYS A 1 35  ? 8.070   -19.416 -4.542  1.00 35.86  ? 29  LYS A N   1 
ATOM   183  C CA  . LYS A 1 35  ? 9.482   -19.664 -4.314  1.00 35.18  ? 29  LYS A CA  1 
ATOM   184  C C   . LYS A 1 35  ? 10.056  -18.749 -3.231  1.00 39.15  ? 29  LYS A C   1 
ATOM   185  O O   . LYS A 1 35  ? 10.883  -19.175 -2.436  1.00 44.97  ? 29  LYS A O   1 
ATOM   186  C CB  . LYS A 1 35  ? 10.270  -19.514 -5.615  1.00 38.42  ? 29  LYS A CB  1 
ATOM   187  C CG  . LYS A 1 35  ? 11.744  -19.811 -5.473  1.00 43.33  ? 29  LYS A CG  1 
ATOM   188  C CD  . LYS A 1 35  ? 12.420  -19.949 -6.816  1.00 39.48  ? 29  LYS A CD  1 
ATOM   189  C CE  . LYS A 1 35  ? 13.866  -20.397 -6.647  1.00 41.04  ? 29  LYS A CE  1 
ATOM   190  N NZ  . LYS A 1 35  ? 14.684  -20.131 -7.863  1.00 45.30  ? 29  LYS A NZ  1 
ATOM   191  N N   . GLY A 1 36  ? 9.608   -17.501 -3.192  1.00 39.39  ? 30  GLY A N   1 
ATOM   192  C CA  . GLY A 1 36  ? 10.094  -16.550 -2.212  1.00 35.36  ? 30  GLY A CA  1 
ATOM   193  C C   . GLY A 1 36  ? 10.880  -15.446 -2.879  1.00 34.26  ? 30  GLY A C   1 
ATOM   194  O O   . GLY A 1 36  ? 11.567  -15.666 -3.877  1.00 38.61  ? 30  GLY A O   1 
ATOM   195  N N   . TYR A 1 37  ? 10.778  -14.249 -2.327  1.00 28.15  ? 31  TYR A N   1 
ATOM   196  C CA  . TYR A 1 37  ? 11.385  -13.078 -2.937  1.00 27.54  ? 31  TYR A CA  1 
ATOM   197  C C   . TYR A 1 37  ? 12.886  -13.210 -3.007  1.00 34.13  ? 31  TYR A C   1 
ATOM   198  O O   . TYR A 1 37  ? 13.493  -12.854 -4.012  1.00 37.42  ? 31  TYR A O   1 
ATOM   199  C CB  . TYR A 1 37  ? 11.025  -11.801 -2.170  1.00 27.33  ? 31  TYR A CB  1 
ATOM   200  C CG  . TYR A 1 37  ? 11.733  -10.562 -2.689  1.00 33.38  ? 31  TYR A CG  1 
ATOM   201  C CD1 . TYR A 1 37  ? 11.373  -9.996  -3.913  1.00 33.35  ? 31  TYR A CD1 1 
ATOM   202  C CD2 . TYR A 1 37  ? 12.746  -9.949  -1.957  1.00 31.17  ? 31  TYR A CD2 1 
ATOM   203  C CE1 . TYR A 1 37  ? 11.996  -8.868  -4.390  1.00 32.22  ? 31  TYR A CE1 1 
ATOM   204  C CE2 . TYR A 1 37  ? 13.383  -8.811  -2.435  1.00 32.65  ? 31  TYR A CE2 1 
ATOM   205  C CZ  . TYR A 1 37  ? 13.002  -8.282  -3.658  1.00 35.14  ? 31  TYR A CZ  1 
ATOM   206  O OH  . TYR A 1 37  ? 13.613  -7.164  -4.162  1.00 39.88  ? 31  TYR A OH  1 
ATOM   207  N N   . GLN A 1 38  ? 13.486  -13.707 -1.930  1.00 38.01  ? 32  GLN A N   1 
ATOM   208  C CA  . GLN A 1 38  ? 14.946  -13.768 -1.829  1.00 36.31  ? 32  GLN A CA  1 
ATOM   209  C C   . GLN A 1 38  ? 15.486  -14.902 -2.695  1.00 37.07  ? 32  GLN A C   1 
ATOM   210  O O   . GLN A 1 38  ? 16.547  -14.781 -3.309  1.00 37.91  ? 32  GLN A O   1 
ATOM   211  C CB  . GLN A 1 38  ? 15.378  -13.939 -0.366  1.00 39.15  ? 32  GLN A CB  1 
ATOM   212  C CG  . GLN A 1 38  ? 15.132  -12.711 0.520   1.00 34.44  ? 32  GLN A CG  1 
ATOM   213  C CD  . GLN A 1 38  ? 15.982  -11.513 0.108   1.00 39.82  ? 32  GLN A CD  1 
ATOM   214  O OE1 . GLN A 1 38  ? 16.972  -11.664 -0.609  1.00 44.44  ? 32  GLN A OE1 1 
ATOM   215  N NE2 . GLN A 1 38  ? 15.592  -10.316 0.547   1.00 37.20  ? 32  GLN A NE2 1 
ATOM   216  N N   . GLU A 1 39  ? 14.723  -15.987 -2.762  1.00 36.57  ? 33  GLU A N   1 
ATOM   217  C CA  . GLU A 1 39  ? 15.115  -17.171 -3.511  1.00 39.30  ? 33  GLU A CA  1 
ATOM   218  C C   . GLU A 1 39  ? 15.035  -16.922 -5.005  1.00 38.92  ? 33  GLU A C   1 
ATOM   219  O O   . GLU A 1 39  ? 15.840  -17.440 -5.777  1.00 45.30  ? 33  GLU A O   1 
ATOM   220  C CB  . GLU A 1 39  ? 14.212  -18.352 -3.147  1.00 41.23  ? 33  GLU A CB  1 
ATOM   221  C CG  . GLU A 1 39  ? 13.522  -18.219 -1.799  1.00 46.09  ? 33  GLU A CG  1 
ATOM   222  C CD  . GLU A 1 39  ? 14.478  -18.302 -0.629  1.00 50.01  ? 33  GLU A CD  1 
ATOM   223  O OE1 . GLU A 1 39  ? 13.998  -18.329 0.526   1.00 49.40  ? 33  GLU A OE1 1 
ATOM   224  O OE2 . GLU A 1 39  ? 15.705  -18.338 -0.860  1.00 55.74  ? 33  GLU A OE2 1 
ATOM   225  N N   . THR A 1 40  ? 14.059  -16.114 -5.401  1.00 36.01  ? 34  THR A N   1 
ATOM   226  C CA  . THR A 1 40  ? 13.801  -15.813 -6.804  1.00 33.66  ? 34  THR A CA  1 
ATOM   227  C C   . THR A 1 40  ? 14.839  -14.849 -7.359  1.00 31.32  ? 34  THR A C   1 
ATOM   228  O O   . THR A 1 40  ? 15.167  -13.862 -6.727  1.00 37.88  ? 34  THR A O   1 
ATOM   229  C CB  . THR A 1 40  ? 12.374  -15.191 -6.972  1.00 36.46  ? 34  THR A CB  1 
ATOM   230  O OG1 . THR A 1 40  ? 11.376  -16.113 -6.494  1.00 30.73  ? 34  THR A OG1 1 
ATOM   231  C CG2 . THR A 1 40  ? 12.091  -14.815 -8.429  1.00 30.25  ? 34  THR A CG2 1 
ATOM   232  N N   . SER A 1 41  ? 15.349  -15.136 -8.547  1.00 32.14  ? 35  SER A N   1 
ATOM   233  C CA  . SER A 1 41  ? 16.273  -14.235 -9.240  1.00 33.82  ? 35  SER A CA  1 
ATOM   234  C C   . SER A 1 41  ? 15.639  -13.681 -10.519 1.00 33.77  ? 35  SER A C   1 
ATOM   235  O O   . SER A 1 41  ? 14.641  -14.206 -11.015 1.00 32.32  ? 35  SER A O   1 
ATOM   236  C CB  . SER A 1 41  ? 17.545  -14.993 -9.639  1.00 35.31  ? 35  SER A CB  1 
ATOM   237  O OG  . SER A 1 41  ? 17.228  -16.020 -10.572 1.00 34.94  ? 35  SER A OG  1 
ATOM   238  N N   . LEU A 1 42  ? 16.245  -12.640 -11.070 1.00 35.12  ? 36  LEU A N   1 
ATOM   239  C CA  . LEU A 1 42  ? 15.747  -12.057 -12.304 1.00 35.83  ? 36  LEU A CA  1 
ATOM   240  C C   . LEU A 1 42  ? 15.664  -13.117 -13.397 1.00 42.22  ? 36  LEU A C   1 
ATOM   241  O O   . LEU A 1 42  ? 14.680  -13.182 -14.142 1.00 37.63  ? 36  LEU A O   1 
ATOM   242  C CB  . LEU A 1 42  ? 16.639  -10.912 -12.753 1.00 35.47  ? 36  LEU A CB  1 
ATOM   243  C CG  . LEU A 1 42  ? 16.221  -10.254 -14.067 1.00 44.97  ? 36  LEU A CG  1 
ATOM   244  C CD1 . LEU A 1 42  ? 14.811  -9.683  -13.956 1.00 46.00  ? 36  LEU A CD1 1 
ATOM   245  C CD2 . LEU A 1 42  ? 17.212  -9.169  -14.461 1.00 43.07  ? 36  LEU A CD2 1 
ATOM   246  N N   . SER A 1 43  ? 16.698  -13.957 -13.473 1.00 40.74  ? 37  SER A N   1 
ATOM   247  C CA  . SER A 1 43  ? 16.795  -14.986 -14.503 1.00 41.65  ? 37  SER A CA  1 
ATOM   248  C C   . SER A 1 43  ? 15.717  -16.060 -14.328 1.00 40.38  ? 37  SER A C   1 
ATOM   249  O O   . SER A 1 43  ? 15.289  -16.688 -15.301 1.00 36.78  ? 37  SER A O   1 
ATOM   250  C CB  . SER A 1 43  ? 18.201  -15.610 -14.529 1.00 45.16  ? 37  SER A CB  1 
ATOM   251  O OG  . SER A 1 43  ? 18.360  -16.617 -13.538 1.00 43.33  ? 37  SER A OG  1 
ATOM   252  N N   . ASP A 1 44  ? 15.275  -16.264 -13.089 1.00 39.95  ? 38  ASP A N   1 
ATOM   253  C CA  . ASP A 1 44  ? 14.104  -17.109 -12.844 1.00 41.31  ? 38  ASP A CA  1 
ATOM   254  C C   . ASP A 1 44  ? 12.874  -16.507 -13.531 1.00 40.24  ? 38  ASP A C   1 
ATOM   255  O O   . ASP A 1 44  ? 12.048  -17.229 -14.075 1.00 40.18  ? 38  ASP A O   1 
ATOM   256  C CB  . ASP A 1 44  ? 13.809  -17.229 -11.351 1.00 38.91  ? 38  ASP A CB  1 
ATOM   257  C CG  . ASP A 1 44  ? 14.751  -18.174 -10.631 1.00 47.19  ? 38  ASP A CG  1 
ATOM   258  O OD1 . ASP A 1 44  ? 15.359  -19.033 -11.304 1.00 50.81  ? 38  ASP A OD1 1 
ATOM   259  O OD2 . ASP A 1 44  ? 14.864  -18.066 -9.383  1.00 44.14  ? 38  ASP A OD2 1 
ATOM   260  N N   . ILE A 1 45  ? 12.769  -15.178 -13.481 1.00 36.53  ? 39  ILE A N   1 
ATOM   261  C CA  . ILE A 1 45  ? 11.608  -14.449 -13.988 1.00 40.20  ? 39  ILE A CA  1 
ATOM   262  C C   . ILE A 1 45  ? 11.638  -14.383 -15.515 1.00 38.32  ? 39  ILE A C   1 
ATOM   263  O O   . ILE A 1 45  ? 10.641  -14.643 -16.170 1.00 36.92  ? 39  ILE A O   1 
ATOM   264  C CB  . ILE A 1 45  ? 11.535  -13.024 -13.393 1.00 37.00  ? 39  ILE A CB  1 
ATOM   265  C CG1 . ILE A 1 45  ? 11.225  -13.087 -11.886 1.00 36.16  ? 39  ILE A CG1 1 
ATOM   266  C CG2 . ILE A 1 45  ? 10.483  -12.196 -14.108 1.00 33.60  ? 39  ILE A CG2 1 
ATOM   267  C CD1 . ILE A 1 45  ? 11.605  -11.811 -11.129 1.00 27.49  ? 39  ILE A CD1 1 
ATOM   268  N N   . ILE A 1 46  ? 12.800  -14.050 -16.063 1.00 40.14  ? 40  ILE A N   1 
ATOM   269  C CA  . ILE A 1 46  ? 13.033  -14.133 -17.501 1.00 41.93  ? 40  ILE A CA  1 
ATOM   270  C C   . ILE A 1 46  ? 12.755  -15.545 -18.002 1.00 44.23  ? 40  ILE A C   1 
ATOM   271  O O   . ILE A 1 46  ? 12.156  -15.736 -19.056 1.00 47.38  ? 40  ILE A O   1 
ATOM   272  C CB  . ILE A 1 46  ? 14.479  -13.777 -17.836 1.00 45.12  ? 40  ILE A CB  1 
ATOM   273  C CG1 . ILE A 1 46  ? 14.777  -12.330 -17.420 1.00 51.49  ? 40  ILE A CG1 1 
ATOM   274  C CG2 . ILE A 1 46  ? 14.762  -14.021 -19.314 1.00 54.43  ? 40  ILE A CG2 1 
ATOM   275  C CD1 . ILE A 1 46  ? 16.209  -11.893 -17.695 1.00 52.25  ? 40  ILE A CD1 1 
ATOM   276  N N   . LYS A 1 47  ? 13.184  -16.534 -17.229 1.00 43.64  ? 41  LYS A N   1 
ATOM   277  C CA  . LYS A 1 47  ? 13.008  -17.924 -17.611 1.00 48.30  ? 41  LYS A CA  1 
ATOM   278  C C   . LYS A 1 47  ? 11.537  -18.248 -17.894 1.00 48.45  ? 41  LYS A C   1 
ATOM   279  O O   . LYS A 1 47  ? 11.208  -18.656 -19.003 1.00 47.65  ? 41  LYS A O   1 
ATOM   280  C CB  . LYS A 1 47  ? 13.626  -18.855 -16.552 1.00 52.21  ? 41  LYS A CB  1 
ATOM   281  C CG  . LYS A 1 47  ? 12.954  -20.201 -16.378 1.00 86.60  ? 41  LYS A CG  1 
ATOM   282  C CD  . LYS A 1 47  ? 13.353  -21.201 -17.428 1.00 86.88  ? 41  LYS A CD  1 
ATOM   283  C CE  . LYS A 1 47  ? 12.856  -22.579 -17.054 1.00 90.95  ? 41  LYS A CE  1 
ATOM   284  N NZ  . LYS A 1 47  ? 12.425  -23.342 -18.250 1.00 94.81  ? 41  LYS A NZ  1 
ATOM   285  N N   . LEU A 1 48  ? 10.651  -18.058 -16.914 1.00 45.21  ? 42  LEU A N   1 
ATOM   286  C CA  . LEU A 1 48  ? 9.243   -18.407 -17.120 1.00 46.23  ? 42  LEU A CA  1 
ATOM   287  C C   . LEU A 1 48  ? 8.400   -17.324 -17.803 1.00 43.67  ? 42  LEU A C   1 
ATOM   288  O O   . LEU A 1 48  ? 7.216   -17.524 -18.066 1.00 48.76  ? 42  LEU A O   1 
ATOM   289  C CB  . LEU A 1 48  ? 8.576   -18.934 -15.842 1.00 45.69  ? 42  LEU A CB  1 
ATOM   290  C CG  . LEU A 1 48  ? 9.216   -18.776 -14.466 1.00 44.41  ? 42  LEU A CG  1 
ATOM   291  C CD1 . LEU A 1 48  ? 8.199   -19.147 -13.391 1.00 44.86  ? 42  LEU A CD1 1 
ATOM   292  C CD2 . LEU A 1 48  ? 10.453  -19.648 -14.341 1.00 49.47  ? 42  LEU A CD2 1 
ATOM   293  N N   . SER A 1 49  ? 9.016   -16.189 -18.103 1.00 41.84  ? 43  SER A N   1 
ATOM   294  C CA  . SER A 1 49  ? 8.364   -15.191 -18.933 1.00 46.14  ? 43  SER A CA  1 
ATOM   295  C C   . SER A 1 49  ? 8.532   -15.601 -20.389 1.00 53.50  ? 43  SER A C   1 
ATOM   296  O O   . SER A 1 49  ? 7.798   -15.144 -21.266 1.00 50.29  ? 43  SER A O   1 
ATOM   297  C CB  . SER A 1 49  ? 8.971   -13.812 -18.698 1.00 43.35  ? 43  SER A CB  1 
ATOM   298  O OG  . SER A 1 49  ? 8.744   -13.389 -17.363 1.00 38.64  ? 43  SER A OG  1 
ATOM   299  N N   . GLY A 1 50  ? 9.505   -16.479 -20.625 1.00 52.56  ? 44  GLY A N   1 
ATOM   300  C CA  . GLY A 1 50  ? 9.826   -16.957 -21.953 1.00 55.19  ? 44  GLY A CA  1 
ATOM   301  C C   . GLY A 1 50  ? 10.422  -15.872 -22.820 1.00 66.92  ? 44  GLY A C   1 
ATOM   302  O O   . GLY A 1 50  ? 11.246  -15.068 -22.366 1.00 64.75  ? 44  GLY A O   1 
ATOM   303  N N   . GLY A 1 51  ? 9.998   -15.862 -24.081 1.00 74.71  ? 45  GLY A N   1 
ATOM   304  C CA  . GLY A 1 51  ? 10.385  -14.839 -25.034 1.00 73.40  ? 45  GLY A CA  1 
ATOM   305  C C   . GLY A 1 51  ? 9.398   -13.691 -24.987 1.00 74.62  ? 45  GLY A C   1 
ATOM   306  O O   . GLY A 1 51  ? 9.402   -12.814 -25.852 1.00 77.88  ? 45  GLY A O   1 
ATOM   307  N N   . SER A 1 52  ? 8.538   -13.715 -23.972 1.00 74.00  ? 46  SER A N   1 
ATOM   308  C CA  . SER A 1 52  ? 7.632   -12.611 -23.694 1.00 69.27  ? 46  SER A CA  1 
ATOM   309  C C   . SER A 1 52  ? 8.435   -11.492 -23.038 1.00 71.92  ? 46  SER A C   1 
ATOM   310  O O   . SER A 1 52  ? 7.885   -10.495 -22.575 1.00 71.07  ? 46  SER A O   1 
ATOM   311  C CB  . SER A 1 52  ? 6.489   -13.070 -22.783 1.00 58.79  ? 46  SER A CB  1 
ATOM   312  O OG  . SER A 1 52  ? 5.583   -12.018 -22.503 1.00 52.21  ? 46  SER A OG  1 
ATOM   313  N N   . TYR A 1 53  ? 9.748   -11.681 -23.008 1.00 74.51  ? 47  TYR A N   1 
ATOM   314  C CA  . TYR A 1 53  ? 10.674  -10.700 -22.467 1.00 77.69  ? 47  TYR A CA  1 
ATOM   315  C C   . TYR A 1 53  ? 11.995  -10.847 -23.202 1.00 87.85  ? 47  TYR A C   1 
ATOM   316  O O   . TYR A 1 53  ? 12.646  -11.892 -23.118 1.00 89.44  ? 47  TYR A O   1 
ATOM   317  C CB  . TYR A 1 53  ? 10.868  -10.936 -20.975 1.00 79.71  ? 47  TYR A CB  1 
ATOM   318  C CG  . TYR A 1 53  ? 11.989  -10.139 -20.356 1.00 85.58  ? 47  TYR A CG  1 
ATOM   319  C CD1 . TYR A 1 53  ? 13.174  -10.753 -19.984 1.00 85.20  ? 47  TYR A CD1 1 
ATOM   320  C CD2 . TYR A 1 53  ? 11.860  -8.773  -20.136 1.00 92.17  ? 47  TYR A CD2 1 
ATOM   321  C CE1 . TYR A 1 53  ? 14.200  -10.032 -19.414 1.00 87.42  ? 47  TYR A CE1 1 
ATOM   322  C CE2 . TYR A 1 53  ? 12.884  -8.044  -19.560 1.00 94.20  ? 47  TYR A CE2 1 
ATOM   323  C CZ  . TYR A 1 53  ? 14.053  -8.682  -19.201 1.00 92.26  ? 47  TYR A CZ  1 
ATOM   324  O OH  . TYR A 1 53  ? 15.085  -7.974  -18.630 1.00 89.34  ? 47  TYR A OH  1 
ATOM   325  N N   . SER A 1 54  ? 12.387  -9.803  -23.926 1.00 96.03  ? 48  SER A N   1 
ATOM   326  C CA  . SER A 1 54  ? 13.532  -9.891  -24.830 1.00 103.54 ? 48  SER A CA  1 
ATOM   327  C C   . SER A 1 54  ? 14.769  -9.126  -24.360 1.00 107.99 ? 48  SER A C   1 
ATOM   328  O O   . SER A 1 54  ? 15.673  -8.859  -25.154 1.00 109.20 ? 48  SER A O   1 
ATOM   329  C CB  . SER A 1 54  ? 13.136  -9.431  -26.236 1.00 103.98 ? 48  SER A CB  1 
ATOM   330  O OG  . SER A 1 54  ? 14.152  -9.728  -27.177 1.00 104.79 ? 48  SER A OG  1 
ATOM   331  N N   . ASN A 1 55  ? 14.804  -8.769  -23.078 1.00 107.63 ? 49  ASN A N   1 
ATOM   332  C CA  . ASN A 1 55  ? 15.995  -8.170  -22.476 1.00 103.93 ? 49  ASN A CA  1 
ATOM   333  C C   . ASN A 1 55  ? 16.228  -6.697  -22.835 1.00 100.42 ? 49  ASN A C   1 
ATOM   334  O O   . ASN A 1 55  ? 16.907  -5.975  -22.106 1.00 99.97  ? 49  ASN A O   1 
ATOM   335  C CB  . ASN A 1 55  ? 17.233  -9.009  -22.827 1.00 104.56 ? 49  ASN A CB  1 
ATOM   336  C CG  . ASN A 1 55  ? 18.529  -8.344  -22.419 1.00 109.15 ? 49  ASN A CG  1 
ATOM   337  O OD1 . ASN A 1 55  ? 18.619  -7.731  -21.356 1.00 109.77 ? 49  ASN A OD1 1 
ATOM   338  N ND2 . ASN A 1 55  ? 19.546  -8.468  -23.263 1.00 105.37 ? 49  ASN A ND2 1 
ATOM   339  N N   . ILE A 1 56  ? 15.643  -6.251  -23.943 1.00 98.60  ? 50  ILE A N   1 
ATOM   340  C CA  . ILE A 1 56  ? 15.954  -4.936  -24.510 1.00 91.90  ? 50  ILE A CA  1 
ATOM   341  C C   . ILE A 1 56  ? 15.087  -3.775  -24.027 1.00 88.00  ? 50  ILE A C   1 
ATOM   342  O O   . ILE A 1 56  ? 15.546  -2.916  -23.273 1.00 91.53  ? 50  ILE A O   1 
ATOM   343  C CB  . ILE A 1 56  ? 15.891  -4.974  -26.048 1.00 83.66  ? 50  ILE A CB  1 
ATOM   344  C CG1 . ILE A 1 56  ? 15.106  -6.205  -26.504 1.00 84.31  ? 50  ILE A CG1 1 
ATOM   345  C CG2 . ILE A 1 56  ? 17.288  -4.986  -26.638 1.00 77.54  ? 50  ILE A CG2 1 
ATOM   346  C CD1 . ILE A 1 56  ? 15.184  -6.473  -27.985 1.00 69.22  ? 50  ILE A CD1 1 
ATOM   347  N N   . TYR A 1 57  ? 13.839  -3.750  -24.475 1.00 83.27  ? 51  TYR A N   1 
ATOM   348  C CA  . TYR A 1 57  ? 12.974  -2.584  -24.310 1.00 82.88  ? 51  TYR A CA  1 
ATOM   349  C C   . TYR A 1 57  ? 12.568  -2.279  -22.868 1.00 94.17  ? 51  TYR A C   1 
ATOM   350  O O   . TYR A 1 57  ? 12.081  -1.189  -22.568 1.00 97.03  ? 51  TYR A O   1 
ATOM   351  C CB  . TYR A 1 57  ? 11.716  -2.756  -25.156 1.00 68.61  ? 51  TYR A CB  1 
ATOM   352  C CG  . TYR A 1 57  ? 11.935  -2.616  -26.646 1.00 62.57  ? 51  TYR A CG  1 
ATOM   353  C CD1 . TYR A 1 57  ? 12.152  -1.366  -27.218 1.00 54.25  ? 51  TYR A CD1 1 
ATOM   354  C CD2 . TYR A 1 57  ? 11.906  -3.727  -27.483 1.00 55.87  ? 51  TYR A CD2 1 
ATOM   355  C CE1 . TYR A 1 57  ? 12.340  -1.227  -28.580 1.00 50.93  ? 51  TYR A CE1 1 
ATOM   356  C CE2 . TYR A 1 57  ? 12.096  -3.597  -28.850 1.00 54.41  ? 51  TYR A CE2 1 
ATOM   357  C CZ  . TYR A 1 57  ? 12.310  -2.344  -29.394 1.00 53.21  ? 51  TYR A CZ  1 
ATOM   358  O OH  . TYR A 1 57  ? 12.492  -2.204  -30.753 1.00 51.15  ? 51  TYR A OH  1 
ATOM   359  N N   . ASP A 1 58  ? 12.773  -3.246  -21.983 1.00 95.22  ? 52  ASP A N   1 
ATOM   360  C CA  . ASP A 1 58  ? 12.253  -3.177  -20.621 1.00 94.65  ? 52  ASP A CA  1 
ATOM   361  C C   . ASP A 1 58  ? 12.743  -1.986  -19.789 1.00 98.75  ? 52  ASP A C   1 
ATOM   362  O O   . ASP A 1 58  ? 13.806  -1.420  -20.042 1.00 101.67 ? 52  ASP A O   1 
ATOM   363  C CB  . ASP A 1 58  ? 12.576  -4.480  -19.887 1.00 93.58  ? 52  ASP A CB  1 
ATOM   364  C CG  . ASP A 1 58  ? 14.047  -4.838  -19.965 1.00 93.90  ? 52  ASP A CG  1 
ATOM   365  O OD1 . ASP A 1 58  ? 14.384  -5.827  -20.648 1.00 95.31  ? 52  ASP A OD1 1 
ATOM   366  O OD2 . ASP A 1 58  ? 14.870  -4.120  -19.359 1.00 91.67  ? 52  ASP A OD2 1 
ATOM   367  N N   . GLY A 1 59  ? 11.930  -1.612  -18.805 1.00 96.54  ? 53  GLY A N   1 
ATOM   368  C CA  . GLY A 1 59  ? 12.366  -0.782  -17.699 1.00 90.40  ? 53  GLY A CA  1 
ATOM   369  C C   . GLY A 1 59  ? 12.472  -1.724  -16.515 1.00 85.26  ? 53  GLY A C   1 
ATOM   370  O O   . GLY A 1 59  ? 12.887  -1.348  -15.418 1.00 84.52  ? 53  GLY A O   1 
ATOM   371  N N   . PHE A 1 60  ? 12.079  -2.970  -16.765 1.00 85.07  ? 54  PHE A N   1 
ATOM   372  C CA  . PHE A 1 60  ? 12.159  -4.045  -15.787 1.00 78.33  ? 54  PHE A CA  1 
ATOM   373  C C   . PHE A 1 60  ? 13.589  -4.572  -15.706 1.00 78.04  ? 54  PHE A C   1 
ATOM   374  O O   . PHE A 1 60  ? 13.844  -5.738  -16.000 1.00 79.17  ? 54  PHE A O   1 
ATOM   375  C CB  . PHE A 1 60  ? 11.221  -5.190  -16.183 1.00 70.29  ? 54  PHE A CB  1 
ATOM   376  C CG  . PHE A 1 60  ? 9.767   -4.791  -16.296 1.00 67.14  ? 54  PHE A CG  1 
ATOM   377  C CD1 . PHE A 1 60  ? 8.867   -5.603  -16.975 1.00 56.93  ? 54  PHE A CD1 1 
ATOM   378  C CD2 . PHE A 1 60  ? 9.302   -3.617  -15.726 1.00 62.70  ? 54  PHE A CD2 1 
ATOM   379  C CE1 . PHE A 1 60  ? 7.532   -5.259  -17.075 1.00 44.22  ? 54  PHE A CE1 1 
ATOM   380  C CE2 . PHE A 1 60  ? 7.964   -3.263  -15.829 1.00 60.62  ? 54  PHE A CE2 1 
ATOM   381  C CZ  . PHE A 1 60  ? 7.080   -4.084  -16.504 1.00 49.65  ? 54  PHE A CZ  1 
ATOM   382  N N   . LYS A 1 61  ? 14.517  -3.710  -15.299 1.00 81.46  ? 55  LYS A N   1 
ATOM   383  C CA  . LYS A 1 61  ? 15.946  -4.023  -15.347 1.00 78.21  ? 55  LYS A CA  1 
ATOM   384  C C   . LYS A 1 61  ? 16.433  -4.892  -14.187 1.00 70.94  ? 55  LYS A C   1 
ATOM   385  O O   . LYS A 1 61  ? 17.610  -5.260  -14.135 1.00 65.66  ? 55  LYS A O   1 
ATOM   386  C CB  . LYS A 1 61  ? 16.766  -2.730  -15.399 1.00 81.72  ? 55  LYS A CB  1 
ATOM   387  C CG  . LYS A 1 61  ? 16.472  -1.853  -16.605 1.00 86.29  ? 55  LYS A CG  1 
ATOM   388  C CD  . LYS A 1 61  ? 16.842  -2.565  -17.895 1.00 93.59  ? 55  LYS A CD  1 
ATOM   389  C CE  . LYS A 1 61  ? 16.586  -1.693  -19.113 1.00 97.54  ? 55  LYS A CE  1 
ATOM   390  N NZ  . LYS A 1 61  ? 17.499  -0.520  -19.171 1.00 96.21  ? 55  LYS A NZ  1 
ATOM   391  N N   . SER A 1 62  ? 15.534  -5.216  -13.262 1.00 60.66  ? 56  SER A N   1 
ATOM   392  C CA  . SER A 1 62  ? 15.920  -5.970  -12.072 1.00 52.75  ? 56  SER A CA  1 
ATOM   393  C C   . SER A 1 62  ? 14.740  -6.593  -11.330 1.00 49.82  ? 56  SER A C   1 
ATOM   394  O O   . SER A 1 62  ? 13.575  -6.282  -11.598 1.00 47.37  ? 56  SER A O   1 
ATOM   395  C CB  . SER A 1 62  ? 16.705  -5.073  -11.114 1.00 54.90  ? 56  SER A CB  1 
ATOM   396  O OG  . SER A 1 62  ? 15.872  -4.065  -10.561 1.00 51.26  ? 56  SER A OG  1 
ATOM   397  N N   . LYS A 1 63  ? 15.063  -7.479  -10.393 1.00 43.25  ? 57  LYS A N   1 
ATOM   398  C CA  . LYS A 1 63  ? 14.064  -8.124  -9.553  1.00 42.96  ? 57  LYS A CA  1 
ATOM   399  C C   . LYS A 1 63  ? 13.379  -7.101  -8.647  1.00 40.00  ? 57  LYS A C   1 
ATOM   400  O O   . LYS A 1 63  ? 12.176  -7.170  -8.407  1.00 37.65  ? 57  LYS A O   1 
ATOM   401  C CB  . LYS A 1 63  ? 14.718  -9.208  -8.698  1.00 40.78  ? 57  LYS A CB  1 
ATOM   402  C CG  . LYS A 1 63  ? 13.733  -10.033 -7.919  1.00 42.53  ? 57  LYS A CG  1 
ATOM   403  C CD  . LYS A 1 63  ? 14.445  -11.066 -7.081  1.00 42.70  ? 57  LYS A CD  1 
ATOM   404  C CE  . LYS A 1 63  ? 15.132  -10.435 -5.890  1.00 38.59  ? 57  LYS A CE  1 
ATOM   405  N NZ  . LYS A 1 63  ? 15.766  -11.483 -5.064  1.00 39.32  ? 57  LYS A NZ  1 
ATOM   406  N N   . GLU A 1 64  ? 14.166  -6.157  -8.142  1.00 39.17  ? 58  GLU A N   1 
ATOM   407  C CA  . GLU A 1 64  ? 13.649  -5.113  -7.280  1.00 41.75  ? 58  GLU A CA  1 
ATOM   408  C C   . GLU A 1 64  ? 12.752  -4.155  -8.055  1.00 35.79  ? 58  GLU A C   1 
ATOM   409  O O   . GLU A 1 64  ? 11.705  -3.736  -7.558  1.00 35.84  ? 58  GLU A O   1 
ATOM   410  C CB  . GLU A 1 64  ? 14.794  -4.351  -6.604  1.00 43.52  ? 58  GLU A CB  1 
ATOM   411  C CG  . GLU A 1 64  ? 15.492  -5.130  -5.495  1.00 42.36  ? 58  GLU A CG  1 
ATOM   412  C CD  . GLU A 1 64  ? 16.544  -6.104  -6.010  1.00 46.31  ? 58  GLU A CD  1 
ATOM   413  O OE1 . GLU A 1 64  ? 17.023  -5.940  -7.152  1.00 48.44  ? 58  GLU A OE1 1 
ATOM   414  O OE2 . GLU A 1 64  ? 16.896  -7.038  -5.262  1.00 55.81  ? 58  GLU A OE2 1 
ATOM   415  N N   . GLY A 1 65  ? 13.166  -3.807  -9.269  1.00 35.55  ? 59  GLY A N   1 
ATOM   416  C CA  . GLY A 1 65  ? 12.381  -2.913  -10.099 1.00 37.07  ? 59  GLY A CA  1 
ATOM   417  C C   . GLY A 1 65  ? 11.014  -3.505  -10.376 1.00 34.84  ? 59  GLY A C   1 
ATOM   418  O O   . GLY A 1 65  ? 10.014  -2.818  -10.336 1.00 36.44  ? 59  GLY A O   1 
ATOM   419  N N   . LEU A 1 66  ? 10.977  -4.801  -10.646 1.00 34.44  ? 60  LEU A N   1 
ATOM   420  C CA  . LEU A 1 66  ? 9.719   -5.477  -10.891 1.00 32.85  ? 60  LEU A CA  1 
ATOM   421  C C   . LEU A 1 66  ? 8.856   -5.476  -9.637  1.00 35.28  ? 60  LEU A C   1 
ATOM   422  O O   . LEU A 1 66  ? 7.670   -5.147  -9.699  1.00 32.39  ? 60  LEU A O   1 
ATOM   423  C CB  . LEU A 1 66  ? 9.951   -6.906  -11.405 1.00 30.49  ? 60  LEU A CB  1 
ATOM   424  C CG  . LEU A 1 66  ? 10.353  -6.998  -12.883 1.00 39.74  ? 60  LEU A CG  1 
ATOM   425  C CD1 . LEU A 1 66  ? 10.877  -8.379  -13.227 1.00 37.43  ? 60  LEU A CD1 1 
ATOM   426  C CD2 . LEU A 1 66  ? 9.161   -6.613  -13.796 1.00 37.11  ? 60  LEU A CD2 1 
ATOM   427  N N   . PHE A 1 67  ? 9.441   -5.841  -8.495  1.00 29.12  ? 61  PHE A N   1 
ATOM   428  C CA  . PHE A 1 67  ? 8.678   -5.761  -7.268  1.00 24.26  ? 61  PHE A CA  1 
ATOM   429  C C   . PHE A 1 67  ? 8.003   -4.388  -7.156  1.00 26.54  ? 61  PHE A C   1 
ATOM   430  O O   . PHE A 1 67  ? 6.821   -4.297  -6.846  1.00 25.07  ? 61  PHE A O   1 
ATOM   431  C CB  . PHE A 1 67  ? 9.540   -6.019  -6.030  1.00 27.51  ? 61  PHE A CB  1 
ATOM   432  C CG  . PHE A 1 67  ? 8.800   -5.803  -4.737  1.00 23.56  ? 61  PHE A CG  1 
ATOM   433  C CD1 . PHE A 1 67  ? 7.802   -6.677  -4.343  1.00 21.96  ? 61  PHE A CD1 1 
ATOM   434  C CD2 . PHE A 1 67  ? 9.084   -4.718  -3.935  1.00 26.34  ? 61  PHE A CD2 1 
ATOM   435  C CE1 . PHE A 1 67  ? 7.109   -6.479  -3.164  1.00 29.18  ? 61  PHE A CE1 1 
ATOM   436  C CE2 . PHE A 1 67  ? 8.391   -4.507  -2.749  1.00 27.54  ? 61  PHE A CE2 1 
ATOM   437  C CZ  . PHE A 1 67  ? 7.404   -5.392  -2.363  1.00 28.24  ? 61  PHE A CZ  1 
ATOM   438  N N   . PHE A 1 68  ? 8.751   -3.322  -7.405  1.00 24.17  ? 62  PHE A N   1 
ATOM   439  C CA  . PHE A 1 68  ? 8.204   -1.993  -7.166  1.00 28.75  ? 62  PHE A CA  1 
ATOM   440  C C   . PHE A 1 68  ? 7.203   -1.542  -8.241  1.00 38.02  ? 62  PHE A C   1 
ATOM   441  O O   . PHE A 1 68  ? 6.357   -0.680  -7.987  1.00 33.45  ? 62  PHE A O   1 
ATOM   442  C CB  . PHE A 1 68  ? 9.322   -0.967  -6.910  1.00 30.36  ? 62  PHE A CB  1 
ATOM   443  C CG  . PHE A 1 68  ? 9.940   -1.093  -5.533  1.00 32.90  ? 62  PHE A CG  1 
ATOM   444  C CD1 . PHE A 1 68  ? 11.216  -1.597  -5.364  1.00 32.21  ? 62  PHE A CD1 1 
ATOM   445  C CD2 . PHE A 1 68  ? 9.210   -0.751  -4.404  1.00 34.54  ? 62  PHE A CD2 1 
ATOM   446  C CE1 . PHE A 1 68  ? 11.770  -1.731  -4.090  1.00 29.10  ? 62  PHE A CE1 1 
ATOM   447  C CE2 . PHE A 1 68  ? 9.751   -0.879  -3.135  1.00 29.85  ? 62  PHE A CE2 1 
ATOM   448  C CZ  . PHE A 1 68  ? 11.030  -1.373  -2.983  1.00 30.29  ? 62  PHE A CZ  1 
ATOM   449  N N   . GLU A 1 69  ? 7.282   -2.150  -9.422  1.00 31.11  ? 63  GLU A N   1 
ATOM   450  C CA  . GLU A 1 69  ? 6.253   -1.961  -10.451 1.00 38.56  ? 63  GLU A CA  1 
ATOM   451  C C   . GLU A 1 69  ? 4.969   -2.624  -9.987  1.00 34.15  ? 63  GLU A C   1 
ATOM   452  O O   . GLU A 1 69  ? 3.884   -2.086  -10.167 1.00 38.34  ? 63  GLU A O   1 
ATOM   453  C CB  . GLU A 1 69  ? 6.681   -2.562  -11.803 1.00 36.36  ? 63  GLU A CB  1 
ATOM   454  C CG  . GLU A 1 69  ? 7.812   -1.837  -12.501 1.00 41.66  ? 63  GLU A CG  1 
ATOM   455  C CD  . GLU A 1 69  ? 7.404   -0.453  -12.968 1.00 53.35  ? 63  GLU A CD  1 
ATOM   456  O OE1 . GLU A 1 69  ? 6.452   -0.354  -13.772 1.00 52.00  ? 63  GLU A OE1 1 
ATOM   457  O OE2 . GLU A 1 69  ? 8.035   0.534   -12.532 1.00 56.59  ? 63  GLU A OE2 1 
ATOM   458  N N   . ILE A 1 70  ? 5.089   -3.811  -9.405  1.00 30.30  ? 64  ILE A N   1 
ATOM   459  C CA  . ILE A 1 70  ? 3.918   -4.465  -8.825  1.00 29.80  ? 64  ILE A CA  1 
ATOM   460  C C   . ILE A 1 70  ? 3.312   -3.604  -7.698  1.00 36.64  ? 64  ILE A C   1 
ATOM   461  O O   . ILE A 1 70  ? 2.088   -3.444  -7.606  1.00 32.76  ? 64  ILE A O   1 
ATOM   462  C CB  . ILE A 1 70  ? 4.256   -5.891  -8.327  1.00 30.65  ? 64  ILE A CB  1 
ATOM   463  C CG1 . ILE A 1 70  ? 4.654   -6.791  -9.499  1.00 32.39  ? 64  ILE A CG1 1 
ATOM   464  C CG2 . ILE A 1 70  ? 3.096   -6.505  -7.580  1.00 32.64  ? 64  ILE A CG2 1 
ATOM   465  C CD1 . ILE A 1 70  ? 5.266   -8.120  -9.075  1.00 28.86  ? 64  ILE A CD1 1 
ATOM   466  N N   . LEU A 1 71  ? 4.177   -3.033  -6.861  1.00 35.09  ? 65  LEU A N   1 
ATOM   467  C CA  . LEU A 1 71  ? 3.739   -2.188  -5.751  1.00 37.04  ? 65  LEU A CA  1 
ATOM   468  C C   . LEU A 1 71  ? 3.055   -0.909  -6.268  1.00 36.52  ? 65  LEU A C   1 
ATOM   469  O O   . LEU A 1 71  ? 2.062   -0.446  -5.696  1.00 37.98  ? 65  LEU A O   1 
ATOM   470  C CB  . LEU A 1 71  ? 4.926   -1.846  -4.844  1.00 33.97  ? 65  LEU A CB  1 
ATOM   471  C CG  . LEU A 1 71  ? 4.662   -1.990  -3.346  1.00 45.28  ? 65  LEU A CG  1 
ATOM   472  C CD1 . LEU A 1 71  ? 3.986   -3.331  -3.049  1.00 36.64  ? 65  LEU A CD1 1 
ATOM   473  C CD2 . LEU A 1 71  ? 5.964   -1.842  -2.543  1.00 37.25  ? 65  LEU A CD2 1 
ATOM   474  N N   . ASP A 1 72  ? 3.593   -0.345  -7.345  1.00 33.48  ? 66  ASP A N   1 
ATOM   475  C CA  . ASP A 1 72  ? 2.929   0.758   -8.047  1.00 39.65  ? 66  ASP A CA  1 
ATOM   476  C C   . ASP A 1 72  ? 1.444   0.477   -8.237  1.00 36.90  ? 66  ASP A C   1 
ATOM   477  O O   . ASP A 1 72  ? 0.602   1.237   -7.769  1.00 38.66  ? 66  ASP A O   1 
ATOM   478  C CB  . ASP A 1 72  ? 3.565   0.998   -9.414  1.00 42.56  ? 66  ASP A CB  1 
ATOM   479  C CG  . ASP A 1 72  ? 4.857   1.773   -9.325  1.00 44.73  ? 66  ASP A CG  1 
ATOM   480  O OD1 . ASP A 1 72  ? 5.061   2.459   -8.303  1.00 40.41  ? 66  ASP A OD1 1 
ATOM   481  O OD2 . ASP A 1 72  ? 5.664   1.700   -10.276 1.00 46.51  ? 66  ASP A OD2 1 
ATOM   482  N N   . ASP A 1 73  ? 1.124   -0.624  -8.914  1.00 33.12  ? 67  ASP A N   1 
ATOM   483  C CA  . ASP A 1 73  ? -0.275  -0.952  -9.180  1.00 36.03  ? 67  ASP A CA  1 
ATOM   484  C C   . ASP A 1 73  ? -1.087  -1.123  -7.902  1.00 38.88  ? 67  ASP A C   1 
ATOM   485  O O   . ASP A 1 73  ? -2.203  -0.617  -7.802  1.00 39.51  ? 67  ASP A O   1 
ATOM   486  C CB  . ASP A 1 73  ? -0.415  -2.220  -10.022 1.00 39.16  ? 67  ASP A CB  1 
ATOM   487  C CG  . ASP A 1 73  ? 0.406   -2.182  -11.288 1.00 40.44  ? 67  ASP A CG  1 
ATOM   488  O OD1 . ASP A 1 73  ? 0.937   -1.107  -11.640 1.00 41.89  ? 67  ASP A OD1 1 
ATOM   489  O OD2 . ASP A 1 73  ? 0.527   -3.248  -11.929 1.00 43.43  ? 67  ASP A OD2 1 
ATOM   490  N N   . ILE A 1 74  ? -0.536  -1.849  -6.934  1.00 36.97  ? 68  ILE A N   1 
ATOM   491  C CA  . ILE A 1 74  ? -1.271  -2.138  -5.712  1.00 35.42  ? 68  ILE A CA  1 
ATOM   492  C C   . ILE A 1 74  ? -1.614  -0.849  -4.966  1.00 37.56  ? 68  ILE A C   1 
ATOM   493  O O   . ILE A 1 74  ? -2.738  -0.683  -4.483  1.00 40.16  ? 68  ILE A O   1 
ATOM   494  C CB  . ILE A 1 74  ? -0.519  -3.136  -4.802  1.00 35.22  ? 68  ILE A CB  1 
ATOM   495  C CG1 . ILE A 1 74  ? -0.651  -4.550  -5.365  1.00 39.19  ? 68  ILE A CG1 1 
ATOM   496  C CG2 . ILE A 1 74  ? -1.098  -3.131  -3.399  1.00 38.95  ? 68  ILE A CG2 1 
ATOM   497  C CD1 . ILE A 1 74  ? 0.434   -5.481  -4.937  1.00 36.83  ? 68  ILE A CD1 1 
ATOM   498  N N   . CYS A 1 75  ? -0.646  0.060   -4.890  1.00 32.69  ? 69  CYS A N   1 
ATOM   499  C CA  . CYS A 1 75  ? -0.873  1.349   -4.250  1.00 36.88  ? 69  CYS A CA  1 
ATOM   500  C C   . CYS A 1 75  ? -1.966  2.127   -4.950  1.00 39.43  ? 69  CYS A C   1 
ATOM   501  O O   . CYS A 1 75  ? -2.834  2.696   -4.292  1.00 38.88  ? 69  CYS A O   1 
ATOM   502  C CB  . CYS A 1 75  ? 0.408   2.185   -4.192  1.00 38.21  ? 69  CYS A CB  1 
ATOM   503  S SG  . CYS A 1 75  ? 1.545   1.538   -2.965  1.00 64.39  ? 69  CYS A SG  1 
ATOM   504  N N   . LYS A 1 76  ? -1.924  2.153   -6.280  1.00 36.20  ? 70  LYS A N   1 
ATOM   505  C CA  . LYS A 1 76  ? -2.959  2.873   -7.010  1.00 42.68  ? 70  LYS A CA  1 
ATOM   506  C C   . LYS A 1 76  ? -4.320  2.233   -6.765  1.00 41.76  ? 70  LYS A C   1 
ATOM   507  O O   . LYS A 1 76  ? -5.309  2.929   -6.554  1.00 44.73  ? 70  LYS A O   1 
ATOM   508  C CB  . LYS A 1 76  ? -2.653  2.957   -8.503  1.00 41.64  ? 70  LYS A CB  1 
ATOM   509  C CG  . LYS A 1 76  ? -3.830  3.440   -9.328  1.00 52.98  ? 70  LYS A CG  1 
ATOM   510  C CD  . LYS A 1 76  ? -3.402  3.973   -10.685 1.00 49.65  ? 70  LYS A CD  1 
ATOM   511  C CE  . LYS A 1 76  ? -2.798  5.363   -10.556 1.00 64.09  ? 70  LYS A CE  1 
ATOM   512  N NZ  . LYS A 1 76  ? -2.697  6.064   -11.869 1.00 71.67  ? 70  LYS A NZ  1 
ATOM   513  N N   . LYS A 1 77  ? -4.361  0.907   -6.754  1.00 39.97  ? 71  LYS A N   1 
ATOM   514  C CA  . LYS A 1 77  ? -5.617  0.207   -6.531  1.00 43.92  ? 71  LYS A CA  1 
ATOM   515  C C   . LYS A 1 77  ? -6.192  0.523   -5.151  1.00 47.65  ? 71  LYS A C   1 
ATOM   516  O O   . LYS A 1 77  ? -7.383  0.808   -5.012  1.00 46.23  ? 71  LYS A O   1 
ATOM   517  C CB  . LYS A 1 77  ? -5.433  -1.294  -6.692  1.00 47.52  ? 71  LYS A CB  1 
ATOM   518  C CG  . LYS A 1 77  ? -6.705  -2.090  -6.493  1.00 61.41  ? 71  LYS A CG  1 
ATOM   519  C CD  . LYS A 1 77  ? -7.476  -2.220  -7.799  1.00 75.63  ? 71  LYS A CD  1 
ATOM   520  C CE  . LYS A 1 77  ? -8.807  -2.931  -7.595  1.00 86.33  ? 71  LYS A CE  1 
ATOM   521  N NZ  . LYS A 1 77  ? -9.716  -2.159  -6.694  1.00 84.90  ? 71  LYS A NZ  1 
ATOM   522  N N   . HIS A 1 78  ? -5.348  0.474   -4.126  1.00 43.45  ? 72  HIS A N   1 
ATOM   523  C CA  . HIS A 1 78  ? -5.823  0.737   -2.773  1.00 45.50  ? 72  HIS A CA  1 
ATOM   524  C C   . HIS A 1 78  ? -6.297  2.180   -2.595  1.00 39.32  ? 72  HIS A C   1 
ATOM   525  O O   . HIS A 1 78  ? -7.293  2.432   -1.936  1.00 42.76  ? 72  HIS A O   1 
ATOM   526  C CB  . HIS A 1 78  ? -4.753  0.389   -1.736  1.00 46.16  ? 72  HIS A CB  1 
ATOM   527  C CG  . HIS A 1 78  ? -4.546  -1.085  -1.553  1.00 53.42  ? 72  HIS A CG  1 
ATOM   528  N ND1 . HIS A 1 78  ? -3.468  -1.609  -0.871  1.00 53.02  ? 72  HIS A ND1 1 
ATOM   529  C CD2 . HIS A 1 78  ? -5.277  -2.145  -1.974  1.00 54.06  ? 72  HIS A CD2 1 
ATOM   530  C CE1 . HIS A 1 78  ? -3.549  -2.928  -0.873  1.00 54.04  ? 72  HIS A CE1 1 
ATOM   531  N NE2 . HIS A 1 78  ? -4.637  -3.278  -1.535  1.00 57.92  ? 72  HIS A NE2 1 
ATOM   532  N N   . PHE A 1 79  ? -5.565  3.115   -3.184  1.00 37.10  ? 73  PHE A N   1 
ATOM   533  C CA  . PHE A 1 79  ? -5.914  4.529   -3.156  1.00 42.64  ? 73  PHE A CA  1 
ATOM   534  C C   . PHE A 1 79  ? -7.341  4.770   -3.686  1.00 45.09  ? 73  PHE A C   1 
ATOM   535  O O   . PHE A 1 79  ? -8.163  5.365   -2.997  1.00 45.76  ? 73  PHE A O   1 
ATOM   536  C CB  . PHE A 1 79  ? -4.880  5.347   -3.948  1.00 37.54  ? 73  PHE A CB  1 
ATOM   537  C CG  . PHE A 1 79  ? -5.152  6.830   -3.956  1.00 48.44  ? 73  PHE A CG  1 
ATOM   538  C CD1 . PHE A 1 79  ? -4.387  7.691   -3.182  1.00 44.25  ? 73  PHE A CD1 1 
ATOM   539  C CD2 . PHE A 1 79  ? -6.176  7.363   -4.737  1.00 46.97  ? 73  PHE A CD2 1 
ATOM   540  C CE1 . PHE A 1 79  ? -4.634  9.061   -3.189  1.00 50.53  ? 73  PHE A CE1 1 
ATOM   541  C CE2 . PHE A 1 79  ? -6.434  8.729   -4.741  1.00 47.89  ? 73  PHE A CE2 1 
ATOM   542  C CZ  . PHE A 1 79  ? -5.661  9.579   -3.969  1.00 49.36  ? 73  PHE A CZ  1 
ATOM   543  N N   . HIS A 1 80  ? -7.639  4.294   -4.892  1.00 46.84  ? 74  HIS A N   1 
ATOM   544  C CA  . HIS A 1 80  ? -8.970  4.492   -5.480  1.00 53.31  ? 74  HIS A CA  1 
ATOM   545  C C   . HIS A 1 80  ? -10.097 3.766   -4.740  1.00 51.49  ? 74  HIS A C   1 
ATOM   546  O O   . HIS A 1 80  ? -11.216 4.269   -4.655  1.00 52.79  ? 74  HIS A O   1 
ATOM   547  C CB  . HIS A 1 80  ? -8.980  4.139   -6.970  1.00 56.28  ? 74  HIS A CB  1 
ATOM   548  C CG  . HIS A 1 80  ? -8.726  5.314   -7.863  1.00 68.06  ? 74  HIS A CG  1 
ATOM   549  N ND1 . HIS A 1 80  ? -9.671  6.294   -8.086  1.00 76.59  ? 74  HIS A ND1 1 
ATOM   550  C CD2 . HIS A 1 80  ? -7.637  5.672   -8.582  1.00 73.28  ? 74  HIS A CD2 1 
ATOM   551  C CE1 . HIS A 1 80  ? -9.175  7.203   -8.906  1.00 78.70  ? 74  HIS A CE1 1 
ATOM   552  N NE2 . HIS A 1 80  ? -7.942  6.850   -9.222  1.00 77.14  ? 74  HIS A NE2 1 
ATOM   553  N N   . LEU A 1 81  ? -9.800  2.591   -4.196  1.00 48.64  ? 75  LEU A N   1 
ATOM   554  C CA  . LEU A 1 81  ? -10.758 1.894   -3.349  1.00 44.47  ? 75  LEU A CA  1 
ATOM   555  C C   . LEU A 1 81  ? -11.076 2.671   -2.060  1.00 54.71  ? 75  LEU A C   1 
ATOM   556  O O   . LEU A 1 81  ? -12.242 2.797   -1.671  1.00 53.70  ? 75  LEU A O   1 
ATOM   557  C CB  . LEU A 1 81  ? -10.256 0.492   -3.022  1.00 46.38  ? 75  LEU A CB  1 
ATOM   558  C CG  . LEU A 1 81  ? -11.127 -0.395  -2.134  1.00 57.47  ? 75  LEU A CG  1 
ATOM   559  C CD1 . LEU A 1 81  ? -10.889 -1.843  -2.494  1.00 77.66  ? 75  LEU A CD1 1 
ATOM   560  C CD2 . LEU A 1 81  ? -10.866 -0.158  -0.651  1.00 53.90  ? 75  LEU A CD2 1 
ATOM   561  N N   . ILE A 1 82  ? -10.052 3.183   -1.383  1.00 46.29  ? 76  ILE A N   1 
ATOM   562  C CA  . ILE A 1 82  ? -10.312 3.941   -0.169  1.00 50.19  ? 76  ILE A CA  1 
ATOM   563  C C   . ILE A 1 82  ? -11.040 5.234   -0.517  1.00 51.98  ? 76  ILE A C   1 
ATOM   564  O O   . ILE A 1 82  ? -11.958 5.652   0.187   1.00 48.21  ? 76  ILE A O   1 
ATOM   565  C CB  . ILE A 1 82  ? -9.022  4.265   0.601   1.00 44.84  ? 76  ILE A CB  1 
ATOM   566  C CG1 . ILE A 1 82  ? -8.420  2.983   1.176   1.00 45.14  ? 76  ILE A CG1 1 
ATOM   567  C CG2 . ILE A 1 82  ? -9.306  5.254   1.720   1.00 38.25  ? 76  ILE A CG2 1 
ATOM   568  C CD1 . ILE A 1 82  ? -7.118  3.200   1.888   1.00 44.73  ? 76  ILE A CD1 1 
ATOM   569  N N   . TYR A 1 83  ? -10.626 5.856   -1.615  1.00 50.97  ? 77  TYR A N   1 
ATOM   570  C CA  . TYR A 1 83  ? -11.195 7.131   -2.040  1.00 54.67  ? 77  TYR A CA  1 
ATOM   571  C C   . TYR A 1 83  ? -12.688 6.981   -2.337  1.00 59.91  ? 77  TYR A C   1 
ATOM   572  O O   . TYR A 1 83  ? -13.505 7.781   -1.887  1.00 57.18  ? 77  TYR A O   1 
ATOM   573  C CB  . TYR A 1 83  ? -10.443 7.672   -3.259  1.00 50.30  ? 77  TYR A CB  1 
ATOM   574  C CG  . TYR A 1 83  ? -11.024 8.937   -3.845  1.00 67.62  ? 77  TYR A CG  1 
ATOM   575  C CD1 . TYR A 1 83  ? -11.000 10.131  -3.134  1.00 72.60  ? 77  TYR A CD1 1 
ATOM   576  C CD2 . TYR A 1 83  ? -11.582 8.941   -5.116  1.00 70.67  ? 77  TYR A CD2 1 
ATOM   577  C CE1 . TYR A 1 83  ? -11.523 11.291  -3.669  1.00 73.72  ? 77  TYR A CE1 1 
ATOM   578  C CE2 . TYR A 1 83  ? -12.106 10.096  -5.660  1.00 78.27  ? 77  TYR A CE2 1 
ATOM   579  C CZ  . TYR A 1 83  ? -12.076 11.270  -4.932  1.00 79.39  ? 77  TYR A CZ  1 
ATOM   580  O OH  . TYR A 1 83  ? -12.599 12.424  -5.470  1.00 84.80  ? 77  TYR A OH  1 
ATOM   581  N N   . SER A 1 84  ? -13.033 5.939   -3.086  1.00 59.28  ? 78  SER A N   1 
ATOM   582  C CA  . SER A 1 84  ? -14.428 5.628   -3.369  1.00 60.79  ? 78  SER A CA  1 
ATOM   583  C C   . SER A 1 84  ? -15.243 5.429   -2.097  1.00 61.22  ? 78  SER A C   1 
ATOM   584  O O   . SER A 1 84  ? -16.264 6.087   -1.904  1.00 64.05  ? 78  SER A O   1 
ATOM   585  C CB  . SER A 1 84  ? -14.538 4.394   -4.265  1.00 61.57  ? 78  SER A CB  1 
ATOM   586  O OG  . SER A 1 84  ? -14.076 4.678   -5.578  1.00 63.84  ? 78  SER A OG  1 
ATOM   587  N N   . LYS A 1 85  ? -14.796 4.531   -1.223  1.00 57.41  ? 79  LYS A N   1 
ATOM   588  C CA  . LYS A 1 85  ? -15.562 4.228   -0.021  1.00 59.10  ? 79  LYS A CA  1 
ATOM   589  C C   . LYS A 1 85  ? -15.784 5.500   0.784   1.00 65.36  ? 79  LYS A C   1 
ATOM   590  O O   . LYS A 1 85  ? -16.824 5.684   1.418   1.00 65.21  ? 79  LYS A O   1 
ATOM   591  C CB  . LYS A 1 85  ? -14.872 3.157   0.830   1.00 54.88  ? 79  LYS A CB  1 
ATOM   592  C CG  . LYS A 1 85  ? -15.855 2.192   1.493   1.00 57.60  ? 79  LYS A CG  1 
ATOM   593  C CD  . LYS A 1 85  ? -15.157 1.049   2.226   1.00 56.75  ? 79  LYS A CD  1 
ATOM   594  C CE  . LYS A 1 85  ? -15.043 1.307   3.731   1.00 50.24  ? 79  LYS A CE  1 
ATOM   595  N NZ  . LYS A 1 85  ? -14.697 0.055   4.479   1.00 49.19  ? 79  LYS A NZ  1 
ATOM   596  N N   . THR A 1 86  ? -14.802 6.388   0.727   1.00 68.70  ? 80  THR A N   1 
ATOM   597  C CA  . THR A 1 86  ? -14.844 7.624   1.489   1.00 67.78  ? 80  THR A CA  1 
ATOM   598  C C   . THR A 1 86  ? -15.784 8.652   0.840   1.00 70.01  ? 80  THR A C   1 
ATOM   599  O O   . THR A 1 86  ? -16.487 9.387   1.533   1.00 71.95  ? 80  THR A O   1 
ATOM   600  C CB  . THR A 1 86  ? -13.418 8.206   1.682   1.00 60.10  ? 80  THR A CB  1 
ATOM   601  O OG1 . THR A 1 86  ? -13.328 8.867   2.950   1.00 54.88  ? 80  THR A OG1 1 
ATOM   602  C CG2 . THR A 1 86  ? -13.059 9.178   0.565   1.00 57.02  ? 80  THR A CG2 1 
ATOM   603  N N   . GLN A 1 87  ? -15.810 8.688   -0.487  1.00 68.16  ? 81  GLN A N   1 
ATOM   604  C CA  . GLN A 1 87  ? -16.604 9.684   -1.190  1.00 71.84  ? 81  GLN A CA  1 
ATOM   605  C C   . GLN A 1 87  ? -18.034 9.195   -1.399  1.00 76.41  ? 81  GLN A C   1 
ATOM   606  O O   . GLN A 1 87  ? -18.865 9.900   -1.972  1.00 76.63  ? 81  GLN A O   1 
ATOM   607  C CB  . GLN A 1 87  ? -15.968 10.038  -2.527  1.00 64.61  ? 81  GLN A CB  1 
ATOM   608  C CG  . GLN A 1 87  ? -16.405 9.141   -3.657  1.00 72.87  ? 81  GLN A CG  1 
ATOM   609  C CD  . GLN A 1 87  ? -15.800 9.560   -4.973  1.00 88.46  ? 81  GLN A CD  1 
ATOM   610  O OE1 . GLN A 1 87  ? -14.846 10.336  -5.006  1.00 92.80  ? 81  GLN A OE1 1 
ATOM   611  N NE2 . GLN A 1 87  ? -16.351 9.053   -6.069  1.00 93.09  ? 81  GLN A NE2 1 
ATOM   612  N N   . GLU A 1 88  ? -18.314 7.983   -0.932  1.00 77.09  ? 82  GLU A N   1 
ATOM   613  C CA  . GLU A 1 88  ? -19.681 7.491   -0.911  1.00 74.56  ? 82  GLU A CA  1 
ATOM   614  C C   . GLU A 1 88  ? -20.471 8.375   0.034   1.00 81.36  ? 82  GLU A C   1 
ATOM   615  O O   . GLU A 1 88  ? -21.604 8.756   -0.251  1.00 89.50  ? 82  GLU A O   1 
ATOM   616  C CB  . GLU A 1 88  ? -19.731 6.038   -0.443  1.00 69.65  ? 82  GLU A CB  1 
ATOM   617  C CG  . GLU A 1 88  ? -19.228 5.045   -1.474  1.00 66.13  ? 82  GLU A CG  1 
ATOM   618  C CD  . GLU A 1 88  ? -19.217 3.622   -0.955  1.00 69.66  ? 82  GLU A CD  1 
ATOM   619  O OE1 . GLU A 1 88  ? -19.582 3.409   0.222   1.00 71.71  ? 82  GLU A OE1 1 
ATOM   620  O OE2 . GLU A 1 88  ? -18.840 2.714   -1.727  1.00 70.98  ? 82  GLU A OE2 1 
ATOM   621  N N   . ILE A 1 89  ? -19.854 8.708   1.162   1.00 81.18  ? 83  ILE A N   1 
ATOM   622  C CA  . ILE A 1 89  ? -20.456 9.633   2.107   1.00 81.67  ? 83  ILE A CA  1 
ATOM   623  C C   . ILE A 1 89  ? -20.373 11.041  1.530   1.00 88.11  ? 83  ILE A C   1 
ATOM   624  O O   . ILE A 1 89  ? -19.290 11.517  1.180   1.00 83.27  ? 83  ILE A O   1 
ATOM   625  C CB  . ILE A 1 89  ? -19.733 9.609   3.457   1.00 79.96  ? 83  ILE A CB  1 
ATOM   626  C CG1 . ILE A 1 89  ? -18.897 8.339   3.593   1.00 73.42  ? 83  ILE A CG1 1 
ATOM   627  C CG2 . ILE A 1 89  ? -20.731 9.721   4.592   1.00 75.77  ? 83  ILE A CG2 1 
ATOM   628  C CD1 . ILE A 1 89  ? -18.171 8.252   4.901   1.00 60.06  ? 83  ILE A CD1 1 
ATOM   629  N N   . LYS A 1 90  ? -21.523 11.699  1.423   1.00 90.69  ? 84  LYS A N   1 
ATOM   630  C CA  . LYS A 1 90  ? -21.592 13.053  0.891   1.00 94.16  ? 84  LYS A CA  1 
ATOM   631  C C   . LYS A 1 90  ? -21.824 14.013  2.051   1.00 92.59  ? 84  LYS A C   1 
ATOM   632  O O   . LYS A 1 90  ? -21.213 15.081  2.131   1.00 93.68  ? 84  LYS A O   1 
ATOM   633  C CB  . LYS A 1 90  ? -22.744 13.154  -0.104  1.00 97.81  ? 84  LYS A CB  1 
ATOM   634  C CG  . LYS A 1 90  ? -22.696 12.096  -1.196  1.00 94.14  ? 84  LYS A CG  1 
ATOM   635  C CD  . LYS A 1 90  ? -24.088 11.769  -1.702  1.00 97.66  ? 84  LYS A CD  1 
ATOM   636  C CE  . LYS A 1 90  ? -24.926 11.138  -0.607  1.00 98.69  ? 84  LYS A CE  1 
ATOM   637  N NZ  . LYS A 1 90  ? -24.232 9.964   -0.008  1.00 98.58  ? 84  LYS A NZ  1 
ATOM   638  N N   . ASN A 1 91  ? -22.729 13.608  2.937   1.00 87.47  ? 85  ASN A N   1 
ATOM   639  C CA  . ASN A 1 91  ? -23.029 14.304  4.179   1.00 84.71  ? 85  ASN A CA  1 
ATOM   640  C C   . ASN A 1 91  ? -21.773 14.771  4.909   1.00 82.34  ? 85  ASN A C   1 
ATOM   641  O O   . ASN A 1 91  ? -21.616 15.952  5.213   1.00 81.07  ? 85  ASN A O   1 
ATOM   642  C CB  . ASN A 1 91  ? -23.815 13.357  5.081   1.00 78.21  ? 85  ASN A CB  1 
ATOM   643  C CG  . ASN A 1 91  ? -23.264 11.948  5.055   1.00 90.47  ? 85  ASN A CG  1 
ATOM   644  O OD1 . ASN A 1 91  ? -23.396 11.231  4.063   1.00 92.96  ? 85  ASN A OD1 1 
ATOM   645  N ND2 . ASN A 1 91  ? -22.613 11.555  6.136   1.00 95.81  ? 85  ASN A ND2 1 
ATOM   646  N N   . GLY A 1 92  ? -20.906 13.812  5.219   1.00 76.58  ? 86  GLY A N   1 
ATOM   647  C CA  . GLY A 1 92  ? -19.567 14.081  5.703   1.00 69.10  ? 86  GLY A CA  1 
ATOM   648  C C   . GLY A 1 92  ? -19.365 14.793  7.027   1.00 59.74  ? 86  GLY A C   1 
ATOM   649  O O   . GLY A 1 92  ? -18.870 15.918  7.047   1.00 65.73  ? 86  GLY A O   1 
ATOM   650  N N   . THR A 1 93  ? -19.725 14.157  8.137   1.00 51.21  ? 87  THR A N   1 
ATOM   651  C CA  . THR A 1 93  ? -19.180 14.604  9.408   1.00 50.95  ? 87  THR A CA  1 
ATOM   652  C C   . THR A 1 93  ? -17.734 14.109  9.430   1.00 54.72  ? 87  THR A C   1 
ATOM   653  O O   . THR A 1 93  ? -17.384 13.156  8.728   1.00 49.66  ? 87  THR A O   1 
ATOM   654  C CB  . THR A 1 93  ? -19.953 14.079  10.630  1.00 55.80  ? 87  THR A CB  1 
ATOM   655  O OG1 . THR A 1 93  ? -19.423 14.673  11.823  1.00 62.59  ? 87  THR A OG1 1 
ATOM   656  C CG2 . THR A 1 93  ? -19.820 12.593  10.750  1.00 49.01  ? 87  THR A CG2 1 
ATOM   657  N N   . LEU A 1 94  ? -16.881 14.773  10.198  1.00 51.40  ? 88  LEU A N   1 
ATOM   658  C CA  . LEU A 1 94  ? -15.489 14.375  10.246  1.00 51.94  ? 88  LEU A CA  1 
ATOM   659  C C   . LEU A 1 94  ? -15.433 12.951  10.796  1.00 50.87  ? 88  LEU A C   1 
ATOM   660  O O   . LEU A 1 94  ? -14.646 12.115  10.335  1.00 44.24  ? 88  LEU A O   1 
ATOM   661  C CB  . LEU A 1 94  ? -14.684 15.340  11.119  1.00 47.78  ? 88  LEU A CB  1 
ATOM   662  C CG  . LEU A 1 94  ? -13.177 15.284  10.876  1.00 50.62  ? 88  LEU A CG  1 
ATOM   663  C CD1 . LEU A 1 94  ? -12.897 15.419  9.391   1.00 47.36  ? 88  LEU A CD1 1 
ATOM   664  C CD2 . LEU A 1 94  ? -12.444 16.355  11.673  1.00 48.85  ? 88  LEU A CD2 1 
ATOM   665  N N   . LYS A 1 95  ? -16.311 12.679  11.757  1.00 44.68  ? 89  LYS A N   1 
ATOM   666  C CA  . LYS A 1 95  ? -16.342 11.397  12.436  1.00 45.81  ? 89  LYS A CA  1 
ATOM   667  C C   . LYS A 1 95  ? -16.632 10.239  11.499  1.00 46.35  ? 89  LYS A C   1 
ATOM   668  O O   . LYS A 1 95  ? -16.058 9.162   11.643  1.00 46.00  ? 89  LYS A O   1 
ATOM   669  C CB  . LYS A 1 95  ? -17.371 11.399  13.567  1.00 46.10  ? 89  LYS A CB  1 
ATOM   670  C CG  . LYS A 1 95  ? -17.447 10.066  14.266  1.00 42.55  ? 89  LYS A CG  1 
ATOM   671  C CD  . LYS A 1 95  ? -18.406 10.056  15.430  1.00 41.01  ? 89  LYS A CD  1 
ATOM   672  C CE  . LYS A 1 95  ? -18.607 8.633   15.921  1.00 43.53  ? 89  LYS A CE  1 
ATOM   673  N NZ  . LYS A 1 95  ? -19.044 8.614   17.339  1.00 48.49  ? 89  LYS A NZ  1 
ATOM   674  N N   . GLU A 1 96  ? -17.524 10.452  10.541  1.00 49.05  ? 90  GLU A N   1 
ATOM   675  C CA  . GLU A 1 96  ? -17.943 9.358   9.682   1.00 47.58  ? 90  GLU A CA  1 
ATOM   676  C C   . GLU A 1 96  ? -17.027 9.228   8.473   1.00 44.26  ? 90  GLU A C   1 
ATOM   677  O O   . GLU A 1 96  ? -16.927 8.157   7.880   1.00 46.30  ? 90  GLU A O   1 
ATOM   678  C CB  . GLU A 1 96  ? -19.437 9.471   9.310   1.00 54.54  ? 90  GLU A CB  1 
ATOM   679  C CG  . GLU A 1 96  ? -19.802 10.546  8.301   1.00 60.18  ? 90  GLU A CG  1 
ATOM   680  C CD  . GLU A 1 96  ? -21.230 11.078  8.490   1.00 70.11  ? 90  GLU A CD  1 
ATOM   681  O OE1 . GLU A 1 96  ? -22.121 10.304  8.906   1.00 69.19  ? 90  GLU A OE1 1 
ATOM   682  O OE2 . GLU A 1 96  ? -21.460 12.279  8.223   1.00 66.64  ? 90  GLU A OE2 1 
ATOM   683  N N   . ILE A 1 97  ? -16.341 10.313  8.129   1.00 44.18  ? 91  ILE A N   1 
ATOM   684  C CA  . ILE A 1 97  ? -15.308 10.270  7.094   1.00 45.93  ? 91  ILE A CA  1 
ATOM   685  C C   . ILE A 1 97  ? -14.056 9.564   7.629   1.00 41.98  ? 91  ILE A C   1 
ATOM   686  O O   . ILE A 1 97  ? -13.463 8.740   6.952   1.00 40.42  ? 91  ILE A O   1 
ATOM   687  C CB  . ILE A 1 97  ? -14.927 11.675  6.605   1.00 51.20  ? 91  ILE A CB  1 
ATOM   688  C CG1 . ILE A 1 97  ? -16.139 12.384  5.995   1.00 54.49  ? 91  ILE A CG1 1 
ATOM   689  C CG2 . ILE A 1 97  ? -13.776 11.601  5.595   1.00 50.83  ? 91  ILE A CG2 1 
ATOM   690  C CD1 . ILE A 1 97  ? -15.888 13.847  5.682   1.00 56.13  ? 91  ILE A CD1 1 
ATOM   691  N N   . LEU A 1 98  ? -13.664 9.903   8.849   1.00 39.63  ? 92  LEU A N   1 
ATOM   692  C CA  . LEU A 1 98  ? -12.600 9.182   9.520   1.00 40.71  ? 92  LEU A CA  1 
ATOM   693  C C   . LEU A 1 98  ? -12.945 7.701   9.551   1.00 42.80  ? 92  LEU A C   1 
ATOM   694  O O   . LEU A 1 98  ? -12.118 6.859   9.202   1.00 36.20  ? 92  LEU A O   1 
ATOM   695  C CB  . LEU A 1 98  ? -12.397 9.708   10.946  1.00 38.83  ? 92  LEU A CB  1 
ATOM   696  C CG  . LEU A 1 98  ? -11.325 10.771  11.212  1.00 43.86  ? 92  LEU A CG  1 
ATOM   697  C CD1 . LEU A 1 98  ? -11.242 11.809  10.109  1.00 44.39  ? 92  LEU A CD1 1 
ATOM   698  C CD2 . LEU A 1 98  ? -11.543 11.438  12.568  1.00 40.91  ? 92  LEU A CD2 1 
ATOM   699  N N   . THR A 1 99  ? -14.178 7.394   9.952   1.00 41.54  ? 93  THR A N   1 
ATOM   700  C CA  . THR A 1 99  ? -14.608 6.019   10.176  1.00 38.80  ? 93  THR A CA  1 
ATOM   701  C C   . THR A 1 99  ? -14.690 5.224   8.883   1.00 40.08  ? 93  THR A C   1 
ATOM   702  O O   . THR A 1 99  ? -14.399 4.032   8.869   1.00 41.74  ? 93  THR A O   1 
ATOM   703  C CB  . THR A 1 99  ? -15.966 5.938   10.920  1.00 40.62  ? 93  THR A CB  1 
ATOM   704  O OG1 . THR A 1 99  ? -15.810 6.427   12.258  1.00 39.20  ? 93  THR A OG1 1 
ATOM   705  C CG2 . THR A 1 99  ? -16.457 4.495   10.978  1.00 36.83  ? 93  THR A CG2 1 
ATOM   706  N N   . SER A 1 100 ? -15.078 5.883   7.796   1.00 41.40  ? 94  SER A N   1 
ATOM   707  C CA  . SER A 1 100 ? -15.115 5.229   6.494   1.00 38.69  ? 94  SER A CA  1 
ATOM   708  C C   . SER A 1 100 ? -13.714 5.019   5.944   1.00 39.60  ? 94  SER A C   1 
ATOM   709  O O   . SER A 1 100 ? -13.450 4.025   5.269   1.00 42.33  ? 94  SER A O   1 
ATOM   710  C CB  . SER A 1 100 ? -15.912 6.051   5.488   1.00 45.82  ? 94  SER A CB  1 
ATOM   711  O OG  . SER A 1 100 ? -15.823 5.487   4.188   1.00 53.15  ? 94  SER A OG  1 
ATOM   712  N N   . PHE A 1 101 ? -12.825 5.974   6.194   1.00 34.00  ? 95  PHE A N   1 
ATOM   713  C CA  . PHE A 1 101 ? -11.439 5.817   5.772   1.00 38.19  ? 95  PHE A CA  1 
ATOM   714  C C   . PHE A 1 101 ? -10.803 4.687   6.585   1.00 33.73  ? 95  PHE A C   1 
ATOM   715  O O   . PHE A 1 101 ? -10.181 3.787   6.030   1.00 34.66  ? 95  PHE A O   1 
ATOM   716  C CB  . PHE A 1 101 ? -10.680 7.130   5.944   1.00 34.45  ? 95  PHE A CB  1 
ATOM   717  C CG  . PHE A 1 101 ? -9.222  7.054   5.586   1.00 33.26  ? 95  PHE A CG  1 
ATOM   718  C CD1 . PHE A 1 101 ? -8.781  7.457   4.332   1.00 34.57  ? 95  PHE A CD1 1 
ATOM   719  C CD2 . PHE A 1 101 ? -8.289  6.611   6.513   1.00 35.13  ? 95  PHE A CD2 1 
ATOM   720  C CE1 . PHE A 1 101 ? -7.441  7.415   4.004   1.00 36.09  ? 95  PHE A CE1 1 
ATOM   721  C CE2 . PHE A 1 101 ? -6.949  6.560   6.191   1.00 34.53  ? 95  PHE A CE2 1 
ATOM   722  C CZ  . PHE A 1 101 ? -6.520  6.964   4.939   1.00 34.35  ? 95  PHE A CZ  1 
ATOM   723  N N   . GLY A 1 102 ? -11.006 4.737   7.896   1.00 29.74  ? 96  GLY A N   1 
ATOM   724  C CA  . GLY A 1 102 ? -10.489 3.742   8.822   1.00 31.54  ? 96  GLY A CA  1 
ATOM   725  C C   . GLY A 1 102 ? -10.849 2.303   8.463   1.00 39.05  ? 96  GLY A C   1 
ATOM   726  O O   . GLY A 1 102 ? -9.971  1.439   8.352   1.00 30.23  ? 96  GLY A O   1 
ATOM   727  N N   . LEU A 1 103 ? -12.139 2.043   8.265   1.00 32.77  ? 97  LEU A N   1 
ATOM   728  C CA  . LEU A 1 103 ? -12.600 0.696   7.955   1.00 34.32  ? 97  LEU A CA  1 
ATOM   729  C C   . LEU A 1 103 ? -11.942 0.125   6.703   1.00 34.82  ? 97  LEU A C   1 
ATOM   730  O O   . LEU A 1 103 ? -11.546 -1.030  6.683   1.00 33.48  ? 97  LEU A O   1 
ATOM   731  C CB  . LEU A 1 103 ? -14.116 0.685   7.787   1.00 36.40  ? 97  LEU A CB  1 
ATOM   732  C CG  . LEU A 1 103 ? -14.939 0.933   9.043   1.00 38.88  ? 97  LEU A CG  1 
ATOM   733  C CD1 . LEU A 1 103 ? -16.376 1.246   8.651   1.00 40.64  ? 97  LEU A CD1 1 
ATOM   734  C CD2 . LEU A 1 103 ? -14.862 -0.265  9.995   1.00 34.49  ? 97  LEU A CD2 1 
ATOM   735  N N   . ALA A 1 104 ? -11.841 0.935   5.658   1.00 36.12  ? 98  ALA A N   1 
ATOM   736  C CA  . ALA A 1 104 ? -11.259 0.494   4.394   1.00 36.14  ? 98  ALA A CA  1 
ATOM   737  C C   . ALA A 1 104 ? -9.748  0.295   4.518   1.00 33.72  ? 98  ALA A C   1 
ATOM   738  O O   . ALA A 1 104 ? -9.184  -0.651  3.985   1.00 33.21  ? 98  ALA A O   1 
ATOM   739  C CB  . ALA A 1 104 ? -11.566 1.504   3.300   1.00 38.69  ? 98  ALA A CB  1 
ATOM   740  N N   . PHE A 1 105 ? -9.105  1.212   5.228   1.00 36.44  ? 99  PHE A N   1 
ATOM   741  C CA  . PHE A 1 105 ? -7.661  1.205   5.401   1.00 32.43  ? 99  PHE A CA  1 
ATOM   742  C C   . PHE A 1 105 ? -7.235  -0.034  6.194   1.00 27.75  ? 99  PHE A C   1 
ATOM   743  O O   . PHE A 1 105 ? -6.404  -0.825  5.747   1.00 29.82  ? 99  PHE A O   1 
ATOM   744  C CB  . PHE A 1 105 ? -7.270  2.502   6.104   1.00 30.90  ? 99  PHE A CB  1 
ATOM   745  C CG  . PHE A 1 105 ? -5.784  2.688   6.323   1.00 35.42  ? 99  PHE A CG  1 
ATOM   746  C CD1 . PHE A 1 105 ? -4.985  3.247   5.339   1.00 35.55  ? 99  PHE A CD1 1 
ATOM   747  C CD2 . PHE A 1 105 ? -5.208  2.366   7.540   1.00 31.07  ? 99  PHE A CD2 1 
ATOM   748  C CE1 . PHE A 1 105 ? -3.631  3.447   5.560   1.00 31.91  ? 99  PHE A CE1 1 
ATOM   749  C CE2 . PHE A 1 105 ? -3.873  2.563   7.760   1.00 31.36  ? 99  PHE A CE2 1 
ATOM   750  C CZ  . PHE A 1 105 ? -3.078  3.098   6.771   1.00 29.18  ? 99  PHE A CZ  1 
ATOM   751  N N   . ILE A 1 106 ? -7.842  -0.219  7.356   1.00 29.51  ? 100 ILE A N   1 
ATOM   752  C CA  . ILE A 1 106 ? -7.494  -1.329  8.223   1.00 28.26  ? 100 ILE A CA  1 
ATOM   753  C C   . ILE A 1 106 ? -7.795  -2.689  7.569   1.00 36.46  ? 100 ILE A C   1 
ATOM   754  O O   . ILE A 1 106 ? -7.060  -3.661  7.782   1.00 35.43  ? 100 ILE A O   1 
ATOM   755  C CB  . ILE A 1 106 ? -8.199  -1.207  9.581   1.00 30.67  ? 100 ILE A CB  1 
ATOM   756  C CG1 . ILE A 1 106 ? -7.359  -1.858  10.684  1.00 35.28  ? 100 ILE A CG1 1 
ATOM   757  C CG2 . ILE A 1 106 ? -9.611  -1.780  9.502   1.00 32.41  ? 100 ILE A CG2 1 
ATOM   758  C CD1 . ILE A 1 106 ? -8.013  -1.855  12.043  1.00 28.68  ? 100 ILE A CD1 1 
ATOM   759  N N   . GLU A 1 107 ? -8.855  -2.758  6.764   1.00 32.86  ? 101 GLU A N   1 
ATOM   760  C CA  . GLU A 1 107 ? -9.197  -4.009  6.093   1.00 36.46  ? 101 GLU A CA  1 
ATOM   761  C C   . GLU A 1 107 ? -8.109  -4.390  5.132   1.00 33.43  ? 101 GLU A C   1 
ATOM   762  O O   . GLU A 1 107 ? -7.718  -5.549  5.041   1.00 33.09  ? 101 GLU A O   1 
ATOM   763  C CB  . GLU A 1 107 ? -10.516 -3.920  5.321   1.00 38.25  ? 101 GLU A CB  1 
ATOM   764  C CG  . GLU A 1 107 ? -10.717 -5.105  4.378   1.00 44.30  ? 101 GLU A CG  1 
ATOM   765  C CD  . GLU A 1 107 ? -12.010 -5.036  3.573   1.00 51.86  ? 101 GLU A CD  1 
ATOM   766  O OE1 . GLU A 1 107 ? -11.959 -5.210  2.337   1.00 57.75  ? 101 GLU A OE1 1 
ATOM   767  O OE2 . GLU A 1 107 ? -13.076 -4.812  4.175   1.00 48.13  ? 101 GLU A OE2 1 
ATOM   768  N N   . ILE A 1 108 ? -7.631  -3.394  4.405   1.00 34.40  ? 102 ILE A N   1 
ATOM   769  C CA  . ILE A 1 108 ? -6.535  -3.580  3.477   1.00 35.00  ? 102 ILE A CA  1 
ATOM   770  C C   . ILE A 1 108 ? -5.276  -4.109  4.178   1.00 35.97  ? 102 ILE A C   1 
ATOM   771  O O   . ILE A 1 108 ? -4.569  -4.958  3.630   1.00 32.00  ? 102 ILE A O   1 
ATOM   772  C CB  . ILE A 1 108 ? -6.230  -2.269  2.745   1.00 35.93  ? 102 ILE A CB  1 
ATOM   773  C CG1 . ILE A 1 108 ? -7.257  -2.042  1.624   1.00 40.24  ? 102 ILE A CG1 1 
ATOM   774  C CG2 . ILE A 1 108 ? -4.819  -2.267  2.202   1.00 35.91  ? 102 ILE A CG2 1 
ATOM   775  C CD1 . ILE A 1 108 ? -7.171  -0.672  0.999   1.00 38.11  ? 102 ILE A CD1 1 
ATOM   776  N N   . PHE A 1 109 ? -5.000  -3.617  5.386   1.00 28.52  ? 103 PHE A N   1 
ATOM   777  C CA  . PHE A 1 109 ? -3.820  -4.085  6.123   1.00 35.24  ? 103 PHE A CA  1 
ATOM   778  C C   . PHE A 1 109 ? -4.043  -5.418  6.831   1.00 32.96  ? 103 PHE A C   1 
ATOM   779  O O   . PHE A 1 109 ? -3.101  -6.048  7.288   1.00 33.41  ? 103 PHE A O   1 
ATOM   780  C CB  . PHE A 1 109 ? -3.256  -3.007  7.070   1.00 30.11  ? 103 PHE A CB  1 
ATOM   781  C CG  . PHE A 1 109 ? -2.453  -1.973  6.357   1.00 32.90  ? 103 PHE A CG  1 
ATOM   782  C CD1 . PHE A 1 109 ? -3.051  -0.832  5.853   1.00 34.62  ? 103 PHE A CD1 1 
ATOM   783  C CD2 . PHE A 1 109 ? -1.106  -2.171  6.124   1.00 41.45  ? 103 PHE A CD2 1 
ATOM   784  C CE1 . PHE A 1 109 ? -2.307  0.108   5.156   1.00 38.21  ? 103 PHE A CE1 1 
ATOM   785  C CE2 . PHE A 1 109 ? -0.358  -1.224  5.435   1.00 44.58  ? 103 PHE A CE2 1 
ATOM   786  C CZ  . PHE A 1 109 ? -0.962  -0.089  4.950   1.00 40.97  ? 103 PHE A CZ  1 
ATOM   787  N N   . ASN A 1 110 ? -5.284  -5.873  6.896   1.00 31.21  ? 104 ASN A N   1 
ATOM   788  C CA  . ASN A 1 110 ? -5.507  -7.177  7.505   1.00 31.71  ? 104 ASN A CA  1 
ATOM   789  C C   . ASN A 1 110 ? -5.773  -8.304  6.492   1.00 30.97  ? 104 ASN A C   1 
ATOM   790  O O   . ASN A 1 110 ? -6.567  -9.207  6.736   1.00 37.29  ? 104 ASN A O   1 
ATOM   791  C CB  . ASN A 1 110 ? -6.568  -7.082  8.592   1.00 29.16  ? 104 ASN A CB  1 
ATOM   792  C CG  . ASN A 1 110 ? -6.041  -6.424  9.842   1.00 34.51  ? 104 ASN A CG  1 
ATOM   793  O OD1 . ASN A 1 110 ? -5.496  -7.091  10.712  1.00 31.62  ? 104 ASN A OD1 1 
ATOM   794  N ND2 . ASN A 1 110 ? -6.165  -5.101  9.923   1.00 31.52  ? 104 ASN A ND2 1 
ATOM   795  N N   . GLN A 1 111 ? -5.093  -8.224  5.356   1.00 29.26  ? 105 GLN A N   1 
ATOM   796  C CA  . GLN A 1 111 ? -5.090  -9.289  4.356   1.00 34.52  ? 105 GLN A CA  1 
ATOM   797  C C   . GLN A 1 111 ? -3.695  -9.900  4.360   1.00 32.71  ? 105 GLN A C   1 
ATOM   798  O O   . GLN A 1 111 ? -2.718  -9.199  4.629   1.00 32.72  ? 105 GLN A O   1 
ATOM   799  C CB  . GLN A 1 111 ? -5.393  -8.730  2.959   1.00 33.87  ? 105 GLN A CB  1 
ATOM   800  C CG  . GLN A 1 111 ? -6.744  -8.003  2.837   1.00 39.54  ? 105 GLN A CG  1 
ATOM   801  C CD  . GLN A 1 111 ? -7.900  -8.794  3.441   1.00 44.42  ? 105 GLN A CD  1 
ATOM   802  O OE1 . GLN A 1 111 ? -8.013  -10.007 3.255   1.00 48.21  ? 105 GLN A OE1 1 
ATOM   803  N NE2 . GLN A 1 111 ? -8.762  -8.103  4.173   1.00 41.78  ? 105 GLN A NE2 1 
ATOM   804  N N   . PRO A 1 112 ? -3.594  -11.201 4.058   1.00 31.79  ? 106 PRO A N   1 
ATOM   805  C CA  . PRO A 1 112 ? -2.302  -11.894 4.048   1.00 28.72  ? 106 PRO A CA  1 
ATOM   806  C C   . PRO A 1 112 ? -1.336  -11.233 3.083   1.00 33.61  ? 106 PRO A C   1 
ATOM   807  O O   . PRO A 1 112 ? -0.123  -11.274 3.287   1.00 32.32  ? 106 PRO A O   1 
ATOM   808  C CB  . PRO A 1 112 ? -2.643  -13.303 3.528   1.00 31.01  ? 106 PRO A CB  1 
ATOM   809  C CG  . PRO A 1 112 ? -4.100  -13.475 3.772   1.00 34.96  ? 106 PRO A CG  1 
ATOM   810  C CD  . PRO A 1 112 ? -4.724  -12.096 3.743   1.00 35.74  ? 106 PRO A CD  1 
ATOM   811  N N   . GLU A 1 113 ? -1.878  -10.634 2.031   1.00 31.34  ? 107 GLU A N   1 
ATOM   812  C CA  . GLU A 1 113 ? -1.059  -9.981  1.018   1.00 33.26  ? 107 GLU A CA  1 
ATOM   813  C C   . GLU A 1 113 ? -0.248  -8.849  1.635   1.00 31.30  ? 107 GLU A C   1 
ATOM   814  O O   . GLU A 1 113 ? 0.916   -8.668  1.314   1.00 28.51  ? 107 GLU A O   1 
ATOM   815  C CB  . GLU A 1 113 ? -1.949  -9.411  -0.102  1.00 38.98  ? 107 GLU A CB  1 
ATOM   816  C CG  . GLU A 1 113 ? -2.547  -10.440 -1.067  1.00 43.03  ? 107 GLU A CG  1 
ATOM   817  C CD  . GLU A 1 113 ? -3.812  -11.104 -0.556  1.00 38.85  ? 107 GLU A CD  1 
ATOM   818  O OE1 . GLU A 1 113 ? -4.306  -10.712 0.515   1.00 42.31  ? 107 GLU A OE1 1 
ATOM   819  O OE2 . GLU A 1 113 ? -4.316  -12.024 -1.236  1.00 53.29  ? 107 GLU A OE2 1 
ATOM   820  N N   . ALA A 1 114 ? -0.886  -8.064  2.497   1.00 33.51  ? 108 ALA A N   1 
ATOM   821  C CA  . ALA A 1 114 ? -0.228  -6.916  3.114   1.00 36.00  ? 108 ALA A CA  1 
ATOM   822  C C   . ALA A 1 114 ? 0.988   -7.392  3.905   1.00 29.47  ? 108 ALA A C   1 
ATOM   823  O O   . ALA A 1 114 ? 2.051   -6.787  3.850   1.00 30.89  ? 108 ALA A O   1 
ATOM   824  C CB  . ALA A 1 114 ? -1.195  -6.163  4.016   1.00 35.01  ? 108 ALA A CB  1 
ATOM   825  N N   . VAL A 1 115 ? 0.819   -8.495  4.624   1.00 29.34  ? 109 VAL A N   1 
ATOM   826  C CA  . VAL A 1 115 ? 1.911   -9.089  5.372   1.00 32.82  ? 109 VAL A CA  1 
ATOM   827  C C   . VAL A 1 115 ? 3.014   -9.625  4.452   1.00 26.64  ? 109 VAL A C   1 
ATOM   828  O O   . VAL A 1 115 ? 4.188   -9.339  4.653   1.00 23.35  ? 109 VAL A O   1 
ATOM   829  C CB  . VAL A 1 115 ? 1.400   -10.198 6.279   1.00 28.36  ? 109 VAL A CB  1 
ATOM   830  C CG1 . VAL A 1 115 ? 2.456   -10.554 7.318   1.00 27.09  ? 109 VAL A CG1 1 
ATOM   831  C CG2 . VAL A 1 115 ? 0.092   -9.748  6.949   1.00 26.31  ? 109 VAL A CG2 1 
ATOM   832  N N   . ALA A 1 116 ? 2.643   -10.385 3.433   1.00 26.82  ? 110 ALA A N   1 
ATOM   833  C CA  . ALA A 1 116 ? 3.643   -10.911 2.502   1.00 26.96  ? 110 ALA A CA  1 
ATOM   834  C C   . ALA A 1 116 ? 4.487   -9.789  1.873   1.00 23.98  ? 110 ALA A C   1 
ATOM   835  O O   . ALA A 1 116 ? 5.712   -9.868  1.832   1.00 26.10  ? 110 ALA A O   1 
ATOM   836  C CB  . ALA A 1 116 ? 2.985   -11.779 1.422   1.00 28.60  ? 110 ALA A CB  1 
ATOM   837  N N   . PHE A 1 117 ? 3.837   -8.736  1.391   1.00 21.86  ? 111 PHE A N   1 
ATOM   838  C CA  . PHE A 1 117 ? 4.586   -7.603  0.836   1.00 26.13  ? 111 PHE A CA  1 
ATOM   839  C C   . PHE A 1 117 ? 5.414   -6.904  1.916   1.00 25.94  ? 111 PHE A C   1 
ATOM   840  O O   . PHE A 1 117 ? 6.528   -6.462  1.661   1.00 21.72  ? 111 PHE A O   1 
ATOM   841  C CB  . PHE A 1 117 ? 3.655   -6.595  0.165   1.00 31.82  ? 111 PHE A CB  1 
ATOM   842  C CG  . PHE A 1 117 ? 3.084   -7.073  -1.137  1.00 35.16  ? 111 PHE A CG  1 
ATOM   843  C CD1 . PHE A 1 117 ? 3.825   -7.008  -2.297  1.00 39.38  ? 111 PHE A CD1 1 
ATOM   844  C CD2 . PHE A 1 117 ? 1.796   -7.575  -1.201  1.00 41.73  ? 111 PHE A CD2 1 
ATOM   845  C CE1 . PHE A 1 117 ? 3.296   -7.448  -3.499  1.00 44.07  ? 111 PHE A CE1 1 
ATOM   846  C CE2 . PHE A 1 117 ? 1.263   -8.017  -2.395  1.00 44.71  ? 111 PHE A CE2 1 
ATOM   847  C CZ  . PHE A 1 117 ? 2.015   -7.957  -3.543  1.00 41.34  ? 111 PHE A CZ  1 
ATOM   848  N N   . GLY A 1 118 ? 4.849   -6.801  3.118   1.00 24.33  ? 112 GLY A N   1 
ATOM   849  C CA  . GLY A 1 118 ? 5.540   -6.175  4.224   1.00 28.86  ? 112 GLY A CA  1 
ATOM   850  C C   . GLY A 1 118 ? 6.883   -6.836  4.475   1.00 23.37  ? 112 GLY A C   1 
ATOM   851  O O   . GLY A 1 118 ? 7.884   -6.155  4.678   1.00 23.75  ? 112 GLY A O   1 
ATOM   852  N N   . LYS A 1 119 ? 6.900   -8.167  4.418   1.00 24.18  ? 113 LYS A N   1 
ATOM   853  C CA  . LYS A 1 119 ? 8.108   -8.945  4.702   1.00 26.49  ? 113 LYS A CA  1 
ATOM   854  C C   . LYS A 1 119 ? 9.177   -8.720  3.652   1.00 28.02  ? 113 LYS A C   1 
ATOM   855  O O   . LYS A 1 119 ? 10.368  -8.636  3.967   1.00 25.27  ? 113 LYS A O   1 
ATOM   856  C CB  . LYS A 1 119 ? 7.773   -10.430 4.810   1.00 25.65  ? 113 LYS A CB  1 
ATOM   857  C CG  . LYS A 1 119 ? 7.068   -10.795 6.128   1.00 30.43  ? 113 LYS A CG  1 
ATOM   858  C CD  . LYS A 1 119 ? 6.448   -12.187 6.079   1.00 31.46  ? 113 LYS A CD  1 
ATOM   859  C CE  . LYS A 1 119 ? 7.239   -13.194 6.857   1.00 37.92  ? 113 LYS A CE  1 
ATOM   860  N NZ  . LYS A 1 119 ? 6.957   -13.066 8.321   1.00 47.05  ? 113 LYS A NZ  1 
ATOM   861  N N   . ILE A 1 120 ? 8.743   -8.631  2.398   1.00 28.61  ? 114 ILE A N   1 
ATOM   862  C CA  . ILE A 1 120 ? 9.645   -8.375  1.289   1.00 27.78  ? 114 ILE A CA  1 
ATOM   863  C C   . ILE A 1 120 ? 10.329  -7.035  1.490   1.00 24.90  ? 114 ILE A C   1 
ATOM   864  O O   . ILE A 1 120 ? 11.540  -6.910  1.335   1.00 26.03  ? 114 ILE A O   1 
ATOM   865  C CB  . ILE A 1 120 ? 8.886   -8.363  -0.066  1.00 28.43  ? 114 ILE A CB  1 
ATOM   866  C CG1 . ILE A 1 120 ? 8.389   -9.774  -0.414  1.00 30.02  ? 114 ILE A CG1 1 
ATOM   867  C CG2 . ILE A 1 120 ? 9.759   -7.806  -1.170  1.00 26.72  ? 114 ILE A CG2 1 
ATOM   868  C CD1 . ILE A 1 120 ? 7.868   -9.900  -1.820  1.00 30.47  ? 114 ILE A CD1 1 
ATOM   869  N N   . ILE A 1 121 ? 9.548   -6.019  1.828   1.00 25.26  ? 115 ILE A N   1 
ATOM   870  C CA  . ILE A 1 121 ? 10.116  -4.693  2.037   1.00 25.04  ? 115 ILE A CA  1 
ATOM   871  C C   . ILE A 1 121 ? 11.121  -4.677  3.205   1.00 28.65  ? 115 ILE A C   1 
ATOM   872  O O   . ILE A 1 121 ? 12.246  -4.189  3.054   1.00 29.06  ? 115 ILE A O   1 
ATOM   873  C CB  . ILE A 1 121 ? 8.994   -3.672  2.235   1.00 25.81  ? 115 ILE A CB  1 
ATOM   874  C CG1 . ILE A 1 121 ? 8.355   -3.340  0.881   1.00 30.03  ? 115 ILE A CG1 1 
ATOM   875  C CG2 . ILE A 1 121 ? 9.505   -2.411  2.913   1.00 28.23  ? 115 ILE A CG2 1 
ATOM   876  C CD1 . ILE A 1 121 ? 6.931   -2.842  1.000   1.00 30.65  ? 115 ILE A CD1 1 
ATOM   877  N N   . TYR A 1 122 ? 10.725  -5.239  4.349   1.00 29.37  ? 116 TYR A N   1 
ATOM   878  C CA  . TYR A 1 122 ? 11.600  -5.328  5.528   1.00 29.50  ? 116 TYR A CA  1 
ATOM   879  C C   . TYR A 1 122 ? 12.926  -6.026  5.212   1.00 29.06  ? 116 TYR A C   1 
ATOM   880  O O   . TYR A 1 122 ? 13.974  -5.632  5.722   1.00 26.53  ? 116 TYR A O   1 
ATOM   881  C CB  . TYR A 1 122 ? 10.920  -6.099  6.662   1.00 23.90  ? 116 TYR A CB  1 
ATOM   882  C CG  . TYR A 1 122 ? 9.919   -5.325  7.480   1.00 26.39  ? 116 TYR A CG  1 
ATOM   883  C CD1 . TYR A 1 122 ? 9.836   -5.513  8.869   1.00 23.57  ? 116 TYR A CD1 1 
ATOM   884  C CD2 . TYR A 1 122 ? 9.034   -4.439  6.881   1.00 24.24  ? 116 TYR A CD2 1 
ATOM   885  C CE1 . TYR A 1 122 ? 8.910   -4.819  9.631   1.00 21.32  ? 116 TYR A CE1 1 
ATOM   886  C CE2 . TYR A 1 122 ? 8.099   -3.747  7.636   1.00 25.47  ? 116 TYR A CE2 1 
ATOM   887  C CZ  . TYR A 1 122 ? 8.045   -3.944  9.010   1.00 26.84  ? 116 TYR A CZ  1 
ATOM   888  O OH  . TYR A 1 122 ? 7.125   -3.254  9.757   1.00 26.28  ? 116 TYR A OH  1 
ATOM   889  N N   . SER A 1 123 ? 12.870  -7.067  4.379   1.00 26.78  ? 117 SER A N   1 
ATOM   890  C CA  . SER A 1 123 ? 14.055  -7.862  4.051   1.00 26.45  ? 117 SER A CA  1 
ATOM   891  C C   . SER A 1 123 ? 15.084  -7.061  3.250   1.00 27.08  ? 117 SER A C   1 
ATOM   892  O O   . SER A 1 123 ? 16.242  -7.461  3.145   1.00 32.92  ? 117 SER A O   1 
ATOM   893  C CB  . SER A 1 123 ? 13.664  -9.132  3.270   1.00 29.44  ? 117 SER A CB  1 
ATOM   894  O OG  . SER A 1 123 ? 13.353  -8.795  1.920   1.00 29.69  ? 117 SER A OG  1 
ATOM   895  N N   . GLN A 1 124 ? 14.647  -5.946  2.678   1.00 30.36  ? 118 GLN A N   1 
ATOM   896  C CA  . GLN A 1 124 ? 15.496  -5.102  1.848   1.00 35.87  ? 118 GLN A CA  1 
ATOM   897  C C   . GLN A 1 124 ? 16.226  -4.061  2.659   1.00 34.98  ? 118 GLN A C   1 
ATOM   898  O O   . GLN A 1 124 ? 16.839  -3.166  2.101   1.00 36.72  ? 118 GLN A O   1 
ATOM   899  C CB  . GLN A 1 124 ? 14.645  -4.343  0.831   1.00 38.41  ? 118 GLN A CB  1 
ATOM   900  C CG  . GLN A 1 124 ? 13.901  -5.206  -0.147  1.00 37.11  ? 118 GLN A CG  1 
ATOM   901  C CD  . GLN A 1 124 ? 13.164  -4.375  -1.169  1.00 40.10  ? 118 GLN A CD  1 
ATOM   902  O OE1 . GLN A 1 124 ? 13.521  -3.222  -1.421  1.00 40.49  ? 118 GLN A OE1 1 
ATOM   903  N NE2 . GLN A 1 124 ? 12.129  -4.956  -1.765  1.00 36.28  ? 118 GLN A NE2 1 
ATOM   904  N N   . VAL A 1 125 ? 16.137  -4.145  3.977   1.00 29.08  ? 119 VAL A N   1 
ATOM   905  C CA  . VAL A 1 125 ? 16.674  -3.080  4.810   1.00 29.10  ? 119 VAL A CA  1 
ATOM   906  C C   . VAL A 1 125 ? 18.178  -2.814  4.531   1.00 31.52  ? 119 VAL A C   1 
ATOM   907  O O   . VAL A 1 125 ? 18.644  -1.687  4.646   1.00 32.91  ? 119 VAL A O   1 
ATOM   908  C CB  . VAL A 1 125 ? 16.358  -3.340  6.318   1.00 28.98  ? 119 VAL A CB  1 
ATOM   909  C CG1 . VAL A 1 125 ? 17.210  -4.484  6.874   1.00 26.06  ? 119 VAL A CG1 1 
ATOM   910  C CG2 . VAL A 1 125 ? 16.535  -2.088  7.120   1.00 29.10  ? 119 VAL A CG2 1 
ATOM   911  N N   . TYR A 1 126 ? 18.917  -3.839  4.115   1.00 27.71  ? 120 TYR A N   1 
ATOM   912  C CA  . TYR A 1 126 ? 20.353  -3.670  3.854   1.00 36.21  ? 120 TYR A CA  1 
ATOM   913  C C   . TYR A 1 126 ? 20.697  -3.595  2.361   1.00 46.13  ? 120 TYR A C   1 
ATOM   914  O O   . TYR A 1 126 ? 21.868  -3.696  1.987   1.00 46.09  ? 120 TYR A O   1 
ATOM   915  C CB  . TYR A 1 126 ? 21.177  -4.795  4.510   1.00 29.95  ? 120 TYR A CB  1 
ATOM   916  C CG  . TYR A 1 126 ? 21.238  -4.719  6.023   1.00 35.68  ? 120 TYR A CG  1 
ATOM   917  C CD1 . TYR A 1 126 ? 20.907  -5.818  6.805   1.00 32.84  ? 120 TYR A CD1 1 
ATOM   918  C CD2 . TYR A 1 126 ? 21.622  -3.546  6.670   1.00 30.35  ? 120 TYR A CD2 1 
ATOM   919  C CE1 . TYR A 1 126 ? 20.961  -5.760  8.182   1.00 32.58  ? 120 TYR A CE1 1 
ATOM   920  C CE2 . TYR A 1 126 ? 21.673  -3.473  8.052   1.00 30.96  ? 120 TYR A CE2 1 
ATOM   921  C CZ  . TYR A 1 126 ? 21.343  -4.585  8.807   1.00 31.02  ? 120 TYR A CZ  1 
ATOM   922  O OH  . TYR A 1 126 ? 21.387  -4.524  10.192  1.00 31.03  ? 120 TYR A OH  1 
ATOM   923  N N   . ASP A 1 127 ? 19.682  -3.436  1.513   1.00 42.27  ? 121 ASP A N   1 
ATOM   924  C CA  . ASP A 1 127 ? 19.904  -3.219  0.078   1.00 44.67  ? 121 ASP A CA  1 
ATOM   925  C C   . ASP A 1 127 ? 20.725  -1.956  -0.161  1.00 51.30  ? 121 ASP A C   1 
ATOM   926  O O   . ASP A 1 127 ? 20.373  -0.884  0.322   1.00 55.25  ? 121 ASP A O   1 
ATOM   927  C CB  . ASP A 1 127 ? 18.571  -3.083  -0.669  1.00 44.90  ? 121 ASP A CB  1 
ATOM   928  C CG  . ASP A 1 127 ? 17.905  -4.426  -0.946  1.00 57.19  ? 121 ASP A CG  1 
ATOM   929  O OD1 . ASP A 1 127 ? 18.433  -5.474  -0.507  1.00 52.42  ? 121 ASP A OD1 1 
ATOM   930  O OD2 . ASP A 1 127 ? 16.843  -4.430  -1.608  1.00 62.12  ? 121 ASP A OD2 1 
ATOM   931  N N   . LYS A 1 128 ? 21.802  -2.073  -0.927  1.00 52.75  ? 122 LYS A N   1 
ATOM   932  C CA  . LYS A 1 128 ? 22.625  -0.907  -1.238  1.00 56.88  ? 122 LYS A CA  1 
ATOM   933  C C   . LYS A 1 128 ? 22.179  -0.140  -2.478  1.00 54.74  ? 122 LYS A C   1 
ATOM   934  O O   . LYS A 1 128 ? 22.767  0.881   -2.815  1.00 58.44  ? 122 LYS A O   1 
ATOM   935  C CB  . LYS A 1 128 ? 24.102  -1.288  -1.351  1.00 65.17  ? 122 LYS A CB  1 
ATOM   936  C CG  . LYS A 1 128 ? 24.855  -1.187  -0.032  1.00 64.34  ? 122 LYS A CG  1 
ATOM   937  C CD  . LYS A 1 128 ? 24.205  -2.041  1.049   1.00 67.86  ? 122 LYS A CD  1 
ATOM   938  C CE  . LYS A 1 128 ? 24.677  -1.651  2.449   1.00 66.79  ? 122 LYS A CE  1 
ATOM   939  N NZ  . LYS A 1 128 ? 24.239  -2.633  3.492   1.00 53.75  ? 122 LYS A NZ  1 
ATOM   940  N N   . ASP A 1 129 ? 21.135  -0.614  -3.149  1.00 53.74  ? 123 ASP A N   1 
ATOM   941  C CA  . ASP A 1 129 ? 20.635  0.074   -4.340  1.00 57.91  ? 123 ASP A CA  1 
ATOM   942  C C   . ASP A 1 129 ? 19.578  1.146   -4.054  1.00 54.30  ? 123 ASP A C   1 
ATOM   943  O O   . ASP A 1 129 ? 19.253  1.943   -4.930  1.00 55.86  ? 123 ASP A O   1 
ATOM   944  C CB  . ASP A 1 129 ? 20.105  -0.933  -5.361  1.00 56.90  ? 123 ASP A CB  1 
ATOM   945  C CG  . ASP A 1 129 ? 21.213  -1.574  -6.171  1.00 59.88  ? 123 ASP A CG  1 
ATOM   946  O OD1 . ASP A 1 129 ? 22.292  -0.955  -6.294  1.00 59.73  ? 123 ASP A OD1 1 
ATOM   947  O OD2 . ASP A 1 129 ? 21.002  -2.694  -6.688  1.00 66.90  ? 123 ASP A OD2 1 
ATOM   948  N N   . ARG A 1 130 ? 19.042  1.163   -2.837  1.00 51.82  ? 124 ARG A N   1 
ATOM   949  C CA  . ARG A 1 130 ? 18.069  2.181   -2.439  1.00 52.13  ? 124 ARG A CA  1 
ATOM   950  C C   . ARG A 1 130 ? 16.890  2.303   -3.413  1.00 47.74  ? 124 ARG A C   1 
ATOM   951  O O   . ARG A 1 130 ? 16.452  3.415   -3.750  1.00 38.47  ? 124 ARG A O   1 
ATOM   952  C CB  . ARG A 1 130 ? 18.744  3.546   -2.262  1.00 52.55  ? 124 ARG A CB  1 
ATOM   953  C CG  . ARG A 1 130 ? 20.025  3.532   -1.436  1.00 64.27  ? 124 ARG A CG  1 
ATOM   954  C CD  . ARG A 1 130 ? 19.905  2.671   -0.182  1.00 72.78  ? 124 ARG A CD  1 
ATOM   955  N NE  . ARG A 1 130 ? 20.993  2.928   0.761   1.00 81.77  ? 124 ARG A NE  1 
ATOM   956  C CZ  . ARG A 1 130 ? 22.263  2.587   0.558   1.00 87.37  ? 124 ARG A CZ  1 
ATOM   957  N NH1 . ARG A 1 130 ? 22.616  1.976   -0.561  1.00 89.55  ? 124 ARG A NH1 1 
ATOM   958  N NH2 . ARG A 1 130 ? 23.184  2.862   1.470   1.00 88.41  ? 124 ARG A NH2 1 
ATOM   959  N N   . HIS A 1 131 ? 16.384  1.158   -3.861  1.00 40.28  ? 125 HIS A N   1 
ATOM   960  C CA  . HIS A 1 131 ? 15.154  1.131   -4.635  1.00 41.13  ? 125 HIS A CA  1 
ATOM   961  C C   . HIS A 1 131 ? 14.011  1.673   -3.792  1.00 36.13  ? 125 HIS A C   1 
ATOM   962  O O   . HIS A 1 131 ? 13.173  2.446   -4.266  1.00 32.14  ? 125 HIS A O   1 
ATOM   963  C CB  . HIS A 1 131 ? 14.834  -0.296  -5.077  1.00 43.39  ? 125 HIS A CB  1 
ATOM   964  C CG  . HIS A 1 131 ? 15.903  -0.917  -5.917  1.00 46.53  ? 125 HIS A CG  1 
ATOM   965  N ND1 . HIS A 1 131 ? 16.078  -0.606  -7.248  1.00 53.08  ? 125 HIS A ND1 1 
ATOM   966  C CD2 . HIS A 1 131 ? 16.855  -1.833  -5.617  1.00 47.95  ? 125 HIS A CD2 1 
ATOM   967  C CE1 . HIS A 1 131 ? 17.090  -1.304  -7.732  1.00 52.34  ? 125 HIS A CE1 1 
ATOM   968  N NE2 . HIS A 1 131 ? 17.577  -2.056  -6.763  1.00 51.65  ? 125 HIS A NE2 1 
ATOM   969  N N   . LEU A 1 132 ? 13.991  1.280   -2.523  1.00 34.42  ? 126 LEU A N   1 
ATOM   970  C CA  . LEU A 1 132 ? 12.864  1.612   -1.666  1.00 32.62  ? 126 LEU A CA  1 
ATOM   971  C C   . LEU A 1 132 ? 12.737  3.109   -1.459  1.00 31.39  ? 126 LEU A C   1 
ATOM   972  O O   . LEU A 1 132 ? 11.655  3.675   -1.611  1.00 30.92  ? 126 LEU A O   1 
ATOM   973  C CB  . LEU A 1 132 ? 12.975  0.902   -0.319  1.00 32.99  ? 126 LEU A CB  1 
ATOM   974  C CG  . LEU A 1 132 ? 11.813  1.126   0.646   1.00 35.32  ? 126 LEU A CG  1 
ATOM   975  C CD1 . LEU A 1 132 ? 10.484  0.733   -0.010  1.00 34.38  ? 126 LEU A CD1 1 
ATOM   976  C CD2 . LEU A 1 132 ? 12.043  0.320   1.912   1.00 42.70  ? 126 LEU A CD2 1 
ATOM   977  N N   . ALA A 1 133 ? 13.842  3.749   -1.088  1.00 37.57  ? 127 ALA A N   1 
ATOM   978  C CA  . ALA A 1 133 ? 13.841  5.192   -0.842  1.00 34.38  ? 127 ALA A CA  1 
ATOM   979  C C   . ALA A 1 133 ? 13.404  5.943   -2.098  1.00 36.54  ? 127 ALA A C   1 
ATOM   980  O O   . ALA A 1 133 ? 12.574  6.856   -2.026  1.00 35.70  ? 127 ALA A O   1 
ATOM   981  C CB  . ALA A 1 133 ? 15.214  5.666   -0.375  1.00 33.77  ? 127 ALA A CB  1 
ATOM   982  N N   . ASN A 1 134 ? 13.956  5.561   -3.249  1.00 35.10  ? 128 ASN A N   1 
ATOM   983  C CA  . ASN A 1 134 ? 13.531  6.188   -4.507  1.00 42.68  ? 128 ASN A CA  1 
ATOM   984  C C   . ASN A 1 134 ? 12.044  5.992   -4.726  1.00 36.73  ? 128 ASN A C   1 
ATOM   985  O O   . ASN A 1 134 ? 11.331  6.941   -5.016  1.00 36.10  ? 128 ASN A O   1 
ATOM   986  C CB  . ASN A 1 134 ? 14.326  5.673   -5.716  1.00 36.49  ? 128 ASN A CB  1 
ATOM   987  C CG  . ASN A 1 134 ? 15.710  6.287   -5.810  1.00 47.75  ? 128 ASN A CG  1 
ATOM   988  O OD1 . ASN A 1 134 ? 15.918  7.448   -5.451  1.00 50.15  ? 128 ASN A OD1 1 
ATOM   989  N ND2 . ASN A 1 134 ? 16.664  5.511   -6.305  1.00 52.35  ? 128 ASN A ND2 1 
ATOM   990  N N   . TRP A 1 135 ? 11.572  4.758   -4.560  1.00 36.44  ? 129 TRP A N   1 
ATOM   991  C CA  . TRP A 1 135 ? 10.154  4.475   -4.738  1.00 30.41  ? 129 TRP A CA  1 
ATOM   992  C C   . TRP A 1 135 ? 9.256   5.339   -3.852  1.00 36.30  ? 129 TRP A C   1 
ATOM   993  O O   . TRP A 1 135 ? 8.323   5.979   -4.336  1.00 35.66  ? 129 TRP A O   1 
ATOM   994  C CB  . TRP A 1 135 ? 9.851   3.003   -4.489  1.00 33.83  ? 129 TRP A CB  1 
ATOM   995  C CG  . TRP A 1 135 ? 8.410   2.665   -4.782  1.00 33.98  ? 129 TRP A CG  1 
ATOM   996  C CD1 . TRP A 1 135 ? 7.857   2.434   -6.009  1.00 38.56  ? 129 TRP A CD1 1 
ATOM   997  C CD2 . TRP A 1 135 ? 7.353   2.516   -3.831  1.00 36.31  ? 129 TRP A CD2 1 
ATOM   998  N NE1 . TRP A 1 135 ? 6.518   2.151   -5.879  1.00 37.88  ? 129 TRP A NE1 1 
ATOM   999  C CE2 . TRP A 1 135 ? 6.183   2.196   -4.553  1.00 38.06  ? 129 TRP A CE2 1 
ATOM   1000 C CE3 . TRP A 1 135 ? 7.280   2.616   -2.439  1.00 37.52  ? 129 TRP A CE3 1 
ATOM   1001 C CZ2 . TRP A 1 135 ? 4.959   1.986   -3.931  1.00 41.65  ? 129 TRP A CZ2 1 
ATOM   1002 C CZ3 . TRP A 1 135 ? 6.060   2.402   -1.824  1.00 43.17  ? 129 TRP A CZ3 1 
ATOM   1003 C CH2 . TRP A 1 135 ? 4.918   2.096   -2.568  1.00 43.98  ? 129 TRP A CH2 1 
ATOM   1004 N N   . ILE A 1 136 ? 9.525   5.348   -2.551  1.00 35.45  ? 130 ILE A N   1 
ATOM   1005 C CA  . ILE A 1 136 ? 8.726   6.148   -1.623  1.00 34.76  ? 130 ILE A CA  1 
ATOM   1006 C C   . ILE A 1 136 ? 8.778   7.634   -1.968  1.00 35.95  ? 130 ILE A C   1 
ATOM   1007 O O   . ILE A 1 136 ? 7.766   8.322   -1.922  1.00 41.42  ? 130 ILE A O   1 
ATOM   1008 C CB  . ILE A 1 136 ? 9.190   5.962   -0.165  1.00 33.99  ? 130 ILE A CB  1 
ATOM   1009 C CG1 . ILE A 1 136 ? 8.719   4.609   0.381   1.00 36.78  ? 130 ILE A CG1 1 
ATOM   1010 C CG2 . ILE A 1 136 ? 8.712   7.114   0.698   1.00 32.68  ? 130 ILE A CG2 1 
ATOM   1011 C CD1 . ILE A 1 136 ? 9.512   4.144   1.607   1.00 32.46  ? 130 ILE A CD1 1 
ATOM   1012 N N   . GLU A 1 137 ? 9.958   8.134   -2.318  1.00 40.49  ? 131 GLU A N   1 
ATOM   1013 C CA  . GLU A 1 137 ? 10.088  9.548   -2.680  1.00 41.70  ? 131 GLU A CA  1 
ATOM   1014 C C   . GLU A 1 137 ? 9.403   9.923   -4.002  1.00 45.52  ? 131 GLU A C   1 
ATOM   1015 O O   . GLU A 1 137 ? 9.013   11.074  -4.195  1.00 51.65  ? 131 GLU A O   1 
ATOM   1016 C CB  . GLU A 1 137 ? 11.553  9.970   -2.709  1.00 36.90  ? 131 GLU A CB  1 
ATOM   1017 C CG  . GLU A 1 137 ? 11.741  11.468  -2.762  1.00 46.45  ? 131 GLU A CG  1 
ATOM   1018 C CD  . GLU A 1 137 ? 13.117  11.910  -2.301  1.00 50.94  ? 131 GLU A CD  1 
ATOM   1019 O OE1 . GLU A 1 137 ? 14.035  11.060  -2.222  1.00 54.10  ? 131 GLU A OE1 1 
ATOM   1020 O OE2 . GLU A 1 137 ? 13.275  13.113  -2.012  1.00 57.09  ? 131 GLU A OE2 1 
ATOM   1021 N N   . ASN A 1 138 ? 9.254   8.959   -4.906  1.00 42.18  ? 132 ASN A N   1 
ATOM   1022 C CA  . ASN A 1 138 ? 8.655   9.235   -6.210  1.00 42.63  ? 132 ASN A CA  1 
ATOM   1023 C C   . ASN A 1 138 ? 7.161   8.969   -6.241  1.00 43.54  ? 132 ASN A C   1 
ATOM   1024 O O   . ASN A 1 138 ? 6.522   9.124   -7.281  1.00 51.46  ? 132 ASN A O   1 
ATOM   1025 C CB  . ASN A 1 138 ? 9.317   8.391   -7.304  1.00 43.74  ? 132 ASN A CB  1 
ATOM   1026 C CG  . ASN A 1 138 ? 10.758  8.782   -7.562  1.00 51.73  ? 132 ASN A CG  1 
ATOM   1027 O OD1 . ASN A 1 138 ? 11.147  9.939   -7.388  1.00 50.85  ? 132 ASN A OD1 1 
ATOM   1028 N ND2 . ASN A 1 138 ? 11.562  7.812   -7.990  1.00 53.40  ? 132 ASN A ND2 1 
ATOM   1029 N N   . ASN A 1 139 ? 6.601   8.549   -5.111  1.00 44.22  ? 133 ASN A N   1 
ATOM   1030 C CA  . ASN A 1 139 ? 5.219   8.098   -5.105  1.00 42.03  ? 133 ASN A CA  1 
ATOM   1031 C C   . ASN A 1 139 ? 4.444   8.652   -3.925  1.00 46.88  ? 133 ASN A C   1 
ATOM   1032 O O   . ASN A 1 139 ? 3.356   8.175   -3.613  1.00 49.56  ? 133 ASN A O   1 
ATOM   1033 C CB  . ASN A 1 139 ? 5.151   6.567   -5.127  1.00 48.63  ? 133 ASN A CB  1 
ATOM   1034 C CG  . ASN A 1 139 ? 4.065   6.049   -6.050  1.00 58.12  ? 133 ASN A CG  1 
ATOM   1035 O OD1 . ASN A 1 139 ? 3.718   6.700   -7.036  1.00 64.77  ? 133 ASN A OD1 1 
ATOM   1036 N ND2 . ASN A 1 139 ? 3.526   4.872   -5.741  1.00 55.75  ? 133 ASN A ND2 1 
ATOM   1037 N N   . GLN A 1 140 ? 4.987   9.667   -3.301  1.00 47.12  ? 134 GLN A N   1 
ATOM   1038 C CA  . GLN A 1 140 ? 4.347   10.274  -2.173  1.00 55.19  ? 134 GLN A CA  1 
ATOM   1039 C C   . GLN A 1 140 ? 2.892   10.608  -2.454  1.00 53.84  ? 134 GLN A C   1 
ATOM   1040 O O   . GLN A 1 140 ? 2.056   10.370  -1.651  1.00 51.82  ? 134 GLN A O   1 
ATOM   1041 C CB  . GLN A 1 140 ? 5.124   11.508  -1.708  1.00 58.63  ? 134 GLN A CB  1 
ATOM   1042 C CG  . GLN A 1 140 ? 6.242   11.166  -0.738  1.00 66.29  ? 134 GLN A CG  1 
ATOM   1043 C CD  . GLN A 1 140 ? 6.502   12.223  0.317   1.00 77.51  ? 134 GLN A CD  1 
ATOM   1044 O OE1 . GLN A 1 140 ? 6.394   13.435  0.041   1.00 72.69  ? 134 GLN A OE1 1 
ATOM   1045 N NE2 . GLN A 1 140 ? 6.870   11.772  1.542   1.00 78.90  ? 134 GLN A NE2 1 
ATOM   1046 N N   . GLN A 1 141 ? 2.606   11.146  -3.618  1.00 53.11  ? 135 GLN A N   1 
ATOM   1047 C CA  . GLN A 1 141 ? 1.258   11.572  -3.969  1.00 54.92  ? 135 GLN A CA  1 
ATOM   1048 C C   . GLN A 1 141 ? 0.273   10.410  -4.097  1.00 56.73  ? 135 GLN A C   1 
ATOM   1049 O O   . GLN A 1 141 ? -0.938  10.617  -4.108  1.00 61.83  ? 135 GLN A O   1 
ATOM   1050 C CB  . GLN A 1 141 ? 1.276   12.382  -5.265  1.00 51.81  ? 135 GLN A CB  1 
ATOM   1051 C CG  . GLN A 1 141 ? 1.670   11.583  -6.503  1.00 59.91  ? 135 GLN A CG  1 
ATOM   1052 C CD  . GLN A 1 141 ? 3.177   11.488  -6.712  1.00 59.30  ? 135 GLN A CD  1 
ATOM   1053 O OE1 . GLN A 1 141 ? 3.969   11.898  -5.858  1.00 58.04  ? 135 GLN A OE1 1 
ATOM   1054 N NE2 . GLN A 1 141 ? 3.576   10.942  -7.855  1.00 53.31  ? 135 GLN A NE2 1 
ATOM   1055 N N   . ASN A 1 142 ? 0.788   9.190   -4.189  1.00 52.60  ? 136 ASN A N   1 
ATOM   1056 C CA  . ASN A 1 142 ? -0.072  8.028   -4.369  1.00 51.20  ? 136 ASN A CA  1 
ATOM   1057 C C   . ASN A 1 142 ? -0.417  7.282   -3.091  1.00 53.09  ? 136 ASN A C   1 
ATOM   1058 O O   . ASN A 1 142 ? -1.061  6.239   -3.139  1.00 50.60  ? 136 ASN A O   1 
ATOM   1059 C CB  . ASN A 1 142 ? 0.540   7.055   -5.366  1.00 49.61  ? 136 ASN A CB  1 
ATOM   1060 C CG  . ASN A 1 142 ? 0.430   7.542   -6.787  1.00 55.93  ? 136 ASN A CG  1 
ATOM   1061 O OD1 . ASN A 1 142 ? 0.562   8.738   -7.057  1.00 58.48  ? 136 ASN A OD1 1 
ATOM   1062 N ND2 . ASN A 1 142 ? 0.187   6.622   -7.709  1.00 54.18  ? 136 ASN A ND2 1 
ATOM   1063 N N   . PHE A 1 143 ? 0.012   7.802   -1.947  1.00 47.33  ? 137 PHE A N   1 
ATOM   1064 C CA  . PHE A 1 143 ? -0.325  7.155   -0.690  1.00 45.68  ? 137 PHE A CA  1 
ATOM   1065 C C   . PHE A 1 143 ? -1.654  7.654   -0.165  1.00 44.84  ? 137 PHE A C   1 
ATOM   1066 O O   . PHE A 1 143 ? -2.017  8.810   -0.364  1.00 43.88  ? 137 PHE A O   1 
ATOM   1067 C CB  . PHE A 1 143 ? 0.785   7.338   0.343   1.00 46.16  ? 137 PHE A CB  1 
ATOM   1068 C CG  . PHE A 1 143 ? 2.093   6.774   -0.097  1.00 49.47  ? 137 PHE A CG  1 
ATOM   1069 C CD1 . PHE A 1 143 ? 2.156   5.509   -0.660  1.00 48.38  ? 137 PHE A CD1 1 
ATOM   1070 C CD2 . PHE A 1 143 ? 3.260   7.505   0.034   1.00 52.41  ? 137 PHE A CD2 1 
ATOM   1071 C CE1 . PHE A 1 143 ? 3.357   4.984   -1.075  1.00 52.18  ? 137 PHE A CE1 1 
ATOM   1072 C CE2 . PHE A 1 143 ? 4.470   6.982   -0.385  1.00 50.17  ? 137 PHE A CE2 1 
ATOM   1073 C CZ  . PHE A 1 143 ? 4.516   5.720   -0.937  1.00 46.21  ? 137 PHE A CZ  1 
ATOM   1074 N N   . SER A 1 144 ? -2.361  6.771   0.528   1.00 42.60  ? 138 SER A N   1 
ATOM   1075 C CA  . SER A 1 144 ? -3.735  7.016   0.935   1.00 44.17  ? 138 SER A CA  1 
ATOM   1076 C C   . SER A 1 144 ? -3.893  8.166   1.923   1.00 43.60  ? 138 SER A C   1 
ATOM   1077 O O   . SER A 1 144 ? -4.956  8.780   1.992   1.00 44.97  ? 138 SER A O   1 
ATOM   1078 C CB  . SER A 1 144 ? -4.339  5.741   1.526   1.00 43.40  ? 138 SER A CB  1 
ATOM   1079 O OG  . SER A 1 144 ? -3.663  5.395   2.722   1.00 46.52  ? 138 SER A OG  1 
ATOM   1080 N N   . TYR A 1 145 ? -2.854  8.452   2.698   1.00 40.99  ? 139 TYR A N   1 
ATOM   1081 C CA  . TYR A 1 145 ? -2.955  9.509   3.702   1.00 40.28  ? 139 TYR A CA  1 
ATOM   1082 C C   . TYR A 1 145 ? -3.309  10.863  3.065   1.00 41.28  ? 139 TYR A C   1 
ATOM   1083 O O   . TYR A 1 145 ? -3.891  11.726  3.714   1.00 41.64  ? 139 TYR A O   1 
ATOM   1084 C CB  . TYR A 1 145 ? -1.670  9.618   4.520   1.00 35.21  ? 139 TYR A CB  1 
ATOM   1085 C CG  . TYR A 1 145 ? -0.577  10.400  3.830   1.00 41.86  ? 139 TYR A CG  1 
ATOM   1086 C CD1 . TYR A 1 145 ? -0.514  11.783  3.933   1.00 44.25  ? 139 TYR A CD1 1 
ATOM   1087 C CD2 . TYR A 1 145 ? 0.391   9.758   3.071   1.00 47.31  ? 139 TYR A CD2 1 
ATOM   1088 C CE1 . TYR A 1 145 ? 0.479   12.506  3.295   1.00 46.76  ? 139 TYR A CE1 1 
ATOM   1089 C CE2 . TYR A 1 145 ? 1.392   10.473  2.431   1.00 52.91  ? 139 TYR A CE2 1 
ATOM   1090 C CZ  . TYR A 1 145 ? 1.430   11.844  2.549   1.00 50.72  ? 139 TYR A CZ  1 
ATOM   1091 O OH  . TYR A 1 145 ? 2.422   12.555  1.920   1.00 61.09  ? 139 TYR A OH  1 
ATOM   1092 N N   . ASN A 1 146 ? -2.943  11.034  1.800   1.00 37.66  ? 140 ASN A N   1 
ATOM   1093 C CA  . ASN A 1 146 ? -3.308  12.213  1.022   1.00 43.20  ? 140 ASN A CA  1 
ATOM   1094 C C   . ASN A 1 146 ? -4.810  12.427  0.983   1.00 46.14  ? 140 ASN A C   1 
ATOM   1095 O O   . ASN A 1 146 ? -5.277  13.566  1.027   1.00 50.53  ? 140 ASN A O   1 
ATOM   1096 C CB  . ASN A 1 146 ? -2.784  12.096  -0.410  1.00 44.87  ? 140 ASN A CB  1 
ATOM   1097 C CG  . ASN A 1 146 ? -1.287  12.258  -0.494  1.00 45.71  ? 140 ASN A CG  1 
ATOM   1098 O OD1 . ASN A 1 146 ? -0.754  13.319  -0.195  1.00 50.62  ? 140 ASN A OD1 1 
ATOM   1099 N ND2 . ASN A 1 146 ? -0.599  11.204  -0.900  1.00 46.84  ? 140 ASN A ND2 1 
ATOM   1100 N N   . ILE A 1 147 ? -5.566  11.333  0.892   1.00 47.29  ? 141 ILE A N   1 
ATOM   1101 C CA  . ILE A 1 147 ? -7.025  11.420  0.896   1.00 43.87  ? 141 ILE A CA  1 
ATOM   1102 C C   . ILE A 1 147 ? -7.505  12.145  2.154   1.00 46.71  ? 141 ILE A C   1 
ATOM   1103 O O   . ILE A 1 147 ? -8.254  13.119  2.066   1.00 45.10  ? 141 ILE A O   1 
ATOM   1104 C CB  . ILE A 1 147 ? -7.699  10.032  0.786   1.00 50.76  ? 141 ILE A CB  1 
ATOM   1105 C CG1 . ILE A 1 147 ? -7.368  9.368   -0.554  1.00 45.34  ? 141 ILE A CG1 1 
ATOM   1106 C CG2 . ILE A 1 147 ? -9.215  10.145  0.961   1.00 44.75  ? 141 ILE A CG2 1 
ATOM   1107 C CD1 . ILE A 1 147 ? -7.754  7.898   -0.625  1.00 39.42  ? 141 ILE A CD1 1 
ATOM   1108 N N   . LEU A 1 148 ? -7.051  11.685  3.321   1.00 44.25  ? 142 LEU A N   1 
ATOM   1109 C CA  . LEU A 1 148 ? -7.411  12.318  4.588   1.00 44.40  ? 142 LEU A CA  1 
ATOM   1110 C C   . LEU A 1 148 ? -6.912  13.751  4.664   1.00 48.41  ? 142 LEU A C   1 
ATOM   1111 O O   . LEU A 1 148 ? -7.594  14.631  5.184   1.00 45.12  ? 142 LEU A O   1 
ATOM   1112 C CB  . LEU A 1 148 ? -6.824  11.554  5.772   1.00 38.93  ? 142 LEU A CB  1 
ATOM   1113 C CG  . LEU A 1 148 ? -7.646  10.439  6.409   1.00 44.08  ? 142 LEU A CG  1 
ATOM   1114 C CD1 . LEU A 1 148 ? -7.069  10.120  7.776   1.00 41.03  ? 142 LEU A CD1 1 
ATOM   1115 C CD2 . LEU A 1 148 ? -9.118  10.834  6.513   1.00 46.11  ? 142 LEU A CD2 1 
ATOM   1116 N N   . MET A 1 149 ? -5.696  13.963  4.177   1.00 49.28  ? 143 MET A N   1 
ATOM   1117 C CA  . MET A 1 149 ? -5.077  15.280  4.173   1.00 49.08  ? 143 MET A CA  1 
ATOM   1118 C C   . MET A 1 149 ? -5.981  16.299  3.483   1.00 51.06  ? 143 MET A C   1 
ATOM   1119 O O   . MET A 1 149 ? -6.124  17.426  3.952   1.00 49.18  ? 143 MET A O   1 
ATOM   1120 C CB  . MET A 1 149 ? -3.727  15.204  3.465   1.00 46.96  ? 143 MET A CB  1 
ATOM   1121 C CG  . MET A 1 149 ? -2.846  16.407  3.670   1.00 45.76  ? 143 MET A CG  1 
ATOM   1122 S SD  . MET A 1 149 ? -1.192  16.117  3.020   1.00 53.50  ? 143 MET A SD  1 
ATOM   1123 C CE  . MET A 1 149 ? -1.543  15.936  1.272   1.00 47.17  ? 143 MET A CE  1 
ATOM   1124 N N   . GLY A 1 150 ? -6.601  15.888  2.378   1.00 48.05  ? 144 GLY A N   1 
ATOM   1125 C CA  . GLY A 1 150 ? -7.502  16.748  1.631   1.00 50.92  ? 144 GLY A CA  1 
ATOM   1126 C C   . GLY A 1 150 ? -8.746  17.161  2.400   1.00 56.10  ? 144 GLY A C   1 
ATOM   1127 O O   . GLY A 1 150 ? -9.176  18.315  2.333   1.00 56.37  ? 144 GLY A O   1 
ATOM   1128 N N   . PHE A 1 151 ? -9.334  16.218  3.131   1.00 50.45  ? 145 PHE A N   1 
ATOM   1129 C CA  . PHE A 1 151 ? -10.472 16.525  3.989   1.00 50.88  ? 145 PHE A CA  1 
ATOM   1130 C C   . PHE A 1 151 ? -10.117 17.500  5.104   1.00 53.68  ? 145 PHE A C   1 
ATOM   1131 O O   . PHE A 1 151 ? -10.856 18.445  5.359   1.00 56.55  ? 145 PHE A O   1 
ATOM   1132 C CB  . PHE A 1 151 ? -11.070 15.256  4.583   1.00 51.22  ? 145 PHE A CB  1 
ATOM   1133 C CG  . PHE A 1 151 ? -11.887 14.469  3.612   1.00 54.55  ? 145 PHE A CG  1 
ATOM   1134 C CD1 . PHE A 1 151 ? -11.360 13.354  2.989   1.00 51.76  ? 145 PHE A CD1 1 
ATOM   1135 C CD2 . PHE A 1 151 ? -13.184 14.850  3.317   1.00 57.60  ? 145 PHE A CD2 1 
ATOM   1136 C CE1 . PHE A 1 151 ? -12.112 12.622  2.090   1.00 58.23  ? 145 PHE A CE1 1 
ATOM   1137 C CE2 . PHE A 1 151 ? -13.946 14.128  2.414   1.00 60.90  ? 145 PHE A CE2 1 
ATOM   1138 C CZ  . PHE A 1 151 ? -13.409 13.009  1.799   1.00 62.18  ? 145 PHE A CZ  1 
ATOM   1139 N N   . PHE A 1 152 ? -8.991  17.259  5.770   1.00 52.16  ? 146 PHE A N   1 
ATOM   1140 C CA  . PHE A 1 152 ? -8.560  18.117  6.865   1.00 50.06  ? 146 PHE A CA  1 
ATOM   1141 C C   . PHE A 1 152 ? -8.443  19.567  6.398   1.00 57.97  ? 146 PHE A C   1 
ATOM   1142 O O   . PHE A 1 152 ? -8.827  20.495  7.113   1.00 58.51  ? 146 PHE A O   1 
ATOM   1143 C CB  . PHE A 1 152 ? -7.232  17.630  7.456   1.00 48.83  ? 146 PHE A CB  1 
ATOM   1144 C CG  . PHE A 1 152 ? -7.362  16.389  8.307   1.00 49.21  ? 146 PHE A CG  1 
ATOM   1145 C CD1 . PHE A 1 152 ? -8.308  16.324  9.318   1.00 48.65  ? 146 PHE A CD1 1 
ATOM   1146 C CD2 . PHE A 1 152 ? -6.523  15.298  8.109   1.00 44.92  ? 146 PHE A CD2 1 
ATOM   1147 C CE1 . PHE A 1 152 ? -8.431  15.192  10.102  1.00 49.17  ? 146 PHE A CE1 1 
ATOM   1148 C CE2 . PHE A 1 152 ? -6.642  14.162  8.897   1.00 46.18  ? 146 PHE A CE2 1 
ATOM   1149 C CZ  . PHE A 1 152 ? -7.604  14.111  9.891   1.00 42.91  ? 146 PHE A CZ  1 
ATOM   1150 N N   . LYS A 1 153 ? -7.907  19.751  5.196   1.00 55.85  ? 147 LYS A N   1 
ATOM   1151 C CA  . LYS A 1 153 ? -7.815  21.072  4.582   1.00 58.26  ? 147 LYS A CA  1 
ATOM   1152 C C   . LYS A 1 153 ? -9.197  21.713  4.449   1.00 62.45  ? 147 LYS A C   1 
ATOM   1153 O O   . LYS A 1 153 ? -9.382  22.883  4.771   1.00 65.64  ? 147 LYS A O   1 
ATOM   1154 C CB  . LYS A 1 153 ? -7.164  20.968  3.204   1.00 57.52  ? 147 LYS A CB  1 
ATOM   1155 C CG  . LYS A 1 153 ? -5.656  20.788  3.227   1.00 59.37  ? 147 LYS A CG  1 
ATOM   1156 C CD  . LYS A 1 153 ? -5.147  20.185  1.920   1.00 59.27  ? 147 LYS A CD  1 
ATOM   1157 C CE  . LYS A 1 153 ? -5.848  20.787  0.710   1.00 66.25  ? 147 LYS A CE  1 
ATOM   1158 N NZ  . LYS A 1 153 ? -5.421  20.141  -0.564  1.00 77.43  ? 147 LYS A NZ  1 
ATOM   1159 N N   . GLN A 1 154 ? -10.166 20.936  3.975   1.00 62.27  ? 148 GLN A N   1 
ATOM   1160 C CA  . GLN A 1 154 ? -11.517 21.441  3.750   1.00 61.70  ? 148 GLN A CA  1 
ATOM   1161 C C   . GLN A 1 154 ? -12.211 21.827  5.044   1.00 63.76  ? 148 GLN A C   1 
ATOM   1162 O O   . GLN A 1 154 ? -13.126 22.646  5.044   1.00 66.51  ? 148 GLN A O   1 
ATOM   1163 C CB  . GLN A 1 154 ? -12.359 20.409  3.002   1.00 57.61  ? 148 GLN A CB  1 
ATOM   1164 C CG  . GLN A 1 154 ? -11.914 20.197  1.568   1.00 61.65  ? 148 GLN A CG  1 
ATOM   1165 C CD  . GLN A 1 154 ? -12.620 19.033  0.906   1.00 64.48  ? 148 GLN A CD  1 
ATOM   1166 O OE1 . GLN A 1 154 ? -13.301 18.245  1.563   1.00 66.69  ? 148 GLN A OE1 1 
ATOM   1167 N NE2 . GLN A 1 154 ? -12.458 18.915  -0.407  1.00 65.22  ? 148 GLN A NE2 1 
ATOM   1168 N N   . GLN A 1 155 ? -11.780 21.237  6.151   1.00 66.41  ? 149 GLN A N   1 
ATOM   1169 C CA  . GLN A 1 155 ? -12.376 21.568  7.436   1.00 67.46  ? 149 GLN A CA  1 
ATOM   1170 C C   . GLN A 1 155 ? -12.122 23.036  7.726   1.00 70.50  ? 149 GLN A C   1 
ATOM   1171 O O   . GLN A 1 155 ? -10.983 23.501  7.650   1.00 71.81  ? 149 GLN A O   1 
ATOM   1172 C CB  . GLN A 1 155 ? -11.794 20.700  8.551   1.00 65.23  ? 149 GLN A CB  1 
ATOM   1173 C CG  . GLN A 1 155 ? -12.110 19.229  8.409   1.00 61.37  ? 149 GLN A CG  1 
ATOM   1174 C CD  . GLN A 1 155 ? -13.598 18.971  8.247   1.00 58.49  ? 149 GLN A CD  1 
ATOM   1175 O OE1 . GLN A 1 155 ? -14.423 19.474  9.015   1.00 55.97  ? 149 GLN A OE1 1 
ATOM   1176 N NE2 . GLN A 1 155 ? -13.947 18.181  7.239   1.00 55.14  ? 149 GLN A NE2 1 
ATOM   1177 N N   . ASN A 1 156 ? -13.180 23.772  8.039   1.00 71.00  ? 150 ASN A N   1 
ATOM   1178 C CA  . ASN A 1 156 ? -13.025 25.176  8.383   1.00 72.05  ? 150 ASN A CA  1 
ATOM   1179 C C   . ASN A 1 156 ? -12.448 25.303  9.790   1.00 72.77  ? 150 ASN A C   1 
ATOM   1180 O O   . ASN A 1 156 ? -13.131 25.724  10.728  1.00 68.69  ? 150 ASN A O   1 
ATOM   1181 C CB  . ASN A 1 156 ? -14.350 25.925  8.244   1.00 71.84  ? 150 ASN A CB  1 
ATOM   1182 C CG  . ASN A 1 156 ? -14.155 27.387  7.893   1.00 85.60  ? 150 ASN A CG  1 
ATOM   1183 O OD1 . ASN A 1 156 ? -14.488 27.824  6.790   1.00 91.78  ? 150 ASN A OD1 1 
ATOM   1184 N ND2 . ASN A 1 156 ? -13.593 28.149  8.824   1.00 83.74  ? 150 ASN A ND2 1 
ATOM   1185 N N   . ASN A 1 157 ? -11.181 24.919  9.920   1.00 68.64  ? 151 ASN A N   1 
ATOM   1186 C CA  . ASN A 1 157 ? -10.493 24.887  11.203  1.00 64.29  ? 151 ASN A CA  1 
ATOM   1187 C C   . ASN A 1 157 ? -9.028  25.237  11.006  1.00 64.17  ? 151 ASN A C   1 
ATOM   1188 O O   . ASN A 1 157 ? -8.324  24.587  10.234  1.00 63.57  ? 151 ASN A O   1 
ATOM   1189 C CB  . ASN A 1 157 ? -10.633 23.501  11.840  1.00 62.56  ? 151 ASN A CB  1 
ATOM   1190 C CG  . ASN A 1 157 ? -9.964  23.405  13.198  1.00 63.64  ? 151 ASN A CG  1 
ATOM   1191 O OD1 . ASN A 1 157 ? -8.877  23.940  13.413  1.00 66.06  ? 151 ASN A OD1 1 
ATOM   1192 N ND2 . ASN A 1 157 ? -10.608 22.703  14.121  1.00 57.52  ? 151 ASN A ND2 1 
ATOM   1193 N N   . SER A 1 158 ? -8.578  26.280  11.696  1.00 65.32  ? 152 SER A N   1 
ATOM   1194 C CA  . SER A 1 158 ? -7.195  26.733  11.590  1.00 66.49  ? 152 SER A CA  1 
ATOM   1195 C C   . SER A 1 158 ? -6.217  25.588  11.855  1.00 56.88  ? 152 SER A C   1 
ATOM   1196 O O   . SER A 1 158 ? -5.316  25.326  11.061  1.00 55.54  ? 152 SER A O   1 
ATOM   1197 C CB  . SER A 1 158 ? -6.945  27.862  12.588  1.00 61.93  ? 152 SER A CB  1 
ATOM   1198 O OG  . SER A 1 158 ? -7.335  27.462  13.890  1.00 63.67  ? 152 SER A OG  1 
ATOM   1199 N N   . TYR A 1 159 ? -6.421  24.915  12.981  1.00 55.91  ? 153 TYR A N   1 
ATOM   1200 C CA  . TYR A 1 159 ? -5.569  23.815  13.428  1.00 62.03  ? 153 TYR A CA  1 
ATOM   1201 C C   . TYR A 1 159 ? -5.505  22.647  12.440  1.00 59.06  ? 153 TYR A C   1 
ATOM   1202 O O   . TYR A 1 159 ? -4.431  22.089  12.205  1.00 56.83  ? 153 TYR A O   1 
ATOM   1203 C CB  . TYR A 1 159 ? -6.060  23.323  14.793  1.00 60.30  ? 153 TYR A CB  1 
ATOM   1204 C CG  . TYR A 1 159 ? -5.365  22.089  15.331  1.00 60.53  ? 153 TYR A CG  1 
ATOM   1205 C CD1 . TYR A 1 159 ? -4.268  22.198  16.172  1.00 54.68  ? 153 TYR A CD1 1 
ATOM   1206 C CD2 . TYR A 1 159 ? -5.829  20.811  15.017  1.00 59.25  ? 153 TYR A CD2 1 
ATOM   1207 C CE1 . TYR A 1 159 ? -3.640  21.075  16.677  1.00 53.76  ? 153 TYR A CE1 1 
ATOM   1208 C CE2 . TYR A 1 159 ? -5.205  19.679  15.517  1.00 50.60  ? 153 TYR A CE2 1 
ATOM   1209 C CZ  . TYR A 1 159 ? -4.111  19.819  16.346  1.00 55.92  ? 153 TYR A CZ  1 
ATOM   1210 O OH  . TYR A 1 159 ? -3.485  18.703  16.850  1.00 58.93  ? 153 TYR A OH  1 
ATOM   1211 N N   . MET A 1 160 ? -6.649  22.296  11.852  1.00 59.04  ? 154 MET A N   1 
ATOM   1212 C CA  . MET A 1 160 ? -6.748  21.121  10.985  1.00 55.09  ? 154 MET A CA  1 
ATOM   1213 C C   . MET A 1 160 ? -6.178  21.343  9.587   1.00 55.43  ? 154 MET A C   1 
ATOM   1214 O O   . MET A 1 160 ? -5.680  20.410  8.956   1.00 50.88  ? 154 MET A O   1 
ATOM   1215 C CB  . MET A 1 160 ? -8.198  20.639  10.879  1.00 55.83  ? 154 MET A CB  1 
ATOM   1216 C CG  . MET A 1 160 ? -8.815  20.172  12.192  1.00 51.89  ? 154 MET A CG  1 
ATOM   1217 S SD  . MET A 1 160 ? -10.487 19.538  11.940  1.00 62.19  ? 154 MET A SD  1 
ATOM   1218 C CE  . MET A 1 160 ? -10.987 19.243  13.639  1.00 48.79  ? 154 MET A CE  1 
ATOM   1219 N N   . LYS A 1 161 ? -6.269  22.575  9.096   1.00 58.51  ? 155 LYS A N   1 
ATOM   1220 C CA  . LYS A 1 161 ? -5.731  22.911  7.781   1.00 58.47  ? 155 LYS A CA  1 
ATOM   1221 C C   . LYS A 1 161 ? -4.205  22.943  7.827   1.00 53.72  ? 155 LYS A C   1 
ATOM   1222 O O   . LYS A 1 161 ? -3.535  22.457  6.915   1.00 53.86  ? 155 LYS A O   1 
ATOM   1223 C CB  . LYS A 1 161 ? -6.255  24.272  7.302   1.00 61.32  ? 155 LYS A CB  1 
ATOM   1224 C CG  . LYS A 1 161 ? -7.763  24.364  7.121   1.00 68.08  ? 155 LYS A CG  1 
ATOM   1225 C CD  . LYS A 1 161 ? -8.185  25.808  6.848   1.00 72.21  ? 155 LYS A CD  1 
ATOM   1226 C CE  . LYS A 1 161 ? -9.701  25.962  6.777   1.00 69.77  ? 155 LYS A CE  1 
ATOM   1227 N NZ  . LYS A 1 161 ? -10.289 25.201  5.639   1.00 63.74  ? 155 LYS A NZ  1 
ATOM   1228 N N   . LYS A 1 162 ? -3.668  23.515  8.900   1.00 49.39  ? 156 LYS A N   1 
ATOM   1229 C CA  . LYS A 1 162 ? -2.232  23.759  9.014   1.00 55.08  ? 156 LYS A CA  1 
ATOM   1230 C C   . LYS A 1 162 ? -1.434  22.506  9.368   1.00 50.95  ? 156 LYS A C   1 
ATOM   1231 O O   . LYS A 1 162 ? -0.255  22.395  9.040   1.00 47.91  ? 156 LYS A O   1 
ATOM   1232 C CB  . LYS A 1 162 ? -1.956  24.867  10.040  1.00 56.51  ? 156 LYS A CB  1 
ATOM   1233 C CG  . LYS A 1 162 ? -2.552  26.231  9.688   1.00 59.17  ? 156 LYS A CG  1 
ATOM   1234 C CD  . LYS A 1 162 ? -2.015  26.767  8.354   1.00 64.59  ? 156 LYS A CD  1 
ATOM   1235 C CE  . LYS A 1 162 ? -2.902  26.367  7.171   1.00 56.68  ? 156 LYS A CE  1 
ATOM   1236 N NZ  . LYS A 1 162 ? -2.216  26.557  5.862   1.00 54.33  ? 156 LYS A NZ  1 
ATOM   1237 N N   . ASN A 1 163 ? -2.083  21.568  10.043  1.00 48.26  ? 157 ASN A N   1 
ATOM   1238 C CA  . ASN A 1 163 ? -1.427  20.335  10.448  1.00 47.75  ? 157 ASN A CA  1 
ATOM   1239 C C   . ASN A 1 163 ? -1.873  19.140  9.606   1.00 46.09  ? 157 ASN A C   1 
ATOM   1240 O O   . ASN A 1 163 ? -1.446  18.015  9.833   1.00 47.04  ? 157 ASN A O   1 
ATOM   1241 C CB  . ASN A 1 163 ? -1.695  20.084  11.926  1.00 46.19  ? 157 ASN A CB  1 
ATOM   1242 C CG  . ASN A 1 163 ? -1.144  21.190  12.807  1.00 55.58  ? 157 ASN A CG  1 
ATOM   1243 O OD1 . ASN A 1 163 ? -1.897  21.931  13.445  1.00 53.77  ? 157 ASN A OD1 1 
ATOM   1244 N ND2 . ASN A 1 163 ? 0.179   21.313  12.836  1.00 53.50  ? 157 ASN A ND2 1 
ATOM   1245 N N   . ALA A 1 164 ? -2.714  19.420  8.616   1.00 44.58  ? 158 ALA A N   1 
ATOM   1246 C CA  . ALA A 1 164 ? -3.399  18.411  7.806   1.00 43.79  ? 158 ALA A CA  1 
ATOM   1247 C C   . ALA A 1 164 ? -2.605  17.136  7.489   1.00 45.26  ? 158 ALA A C   1 
ATOM   1248 O O   . ALA A 1 164 ? -3.086  16.028  7.724   1.00 43.81  ? 158 ALA A O   1 
ATOM   1249 C CB  . ALA A 1 164 ? -3.911  19.049  6.518   1.00 46.91  ? 158 ALA A CB  1 
ATOM   1250 N N   . GLU A 1 165 ? -1.407  17.295  6.932   1.00 37.86  ? 159 GLU A N   1 
ATOM   1251 C CA  . GLU A 1 165 ? -0.583  16.151  6.580   1.00 44.58  ? 159 GLU A CA  1 
ATOM   1252 C C   . GLU A 1 165 ? -0.231  15.351  7.837   1.00 43.57  ? 159 GLU A C   1 
ATOM   1253 O O   . GLU A 1 165 ? -0.414  14.131  7.880   1.00 40.88  ? 159 GLU A O   1 
ATOM   1254 C CB  . GLU A 1 165 ? 0.670   16.603  5.825   1.00 40.80  ? 159 GLU A CB  1 
ATOM   1255 C CG  . GLU A 1 165 ? 1.590   15.471  5.394   1.00 53.11  ? 159 GLU A CG  1 
ATOM   1256 C CD  . GLU A 1 165 ? 2.563   15.885  4.294   1.00 59.01  ? 159 GLU A CD  1 
ATOM   1257 O OE1 . GLU A 1 165 ? 2.172   15.868  3.103   1.00 61.39  ? 159 GLU A OE1 1 
ATOM   1258 O OE2 . GLU A 1 165 ? 3.723   16.213  4.619   1.00 57.67  ? 159 GLU A OE2 1 
ATOM   1259 N N   . LYS A 1 166 ? 0.238   16.042  8.869   1.00 40.83  ? 160 LYS A N   1 
ATOM   1260 C CA  . LYS A 1 166 ? 0.674   15.365  10.080  1.00 42.39  ? 160 LYS A CA  1 
ATOM   1261 C C   . LYS A 1 166 ? -0.482  14.665  10.795  1.00 42.76  ? 160 LYS A C   1 
ATOM   1262 O O   . LYS A 1 166 ? -0.286  13.630  11.441  1.00 37.80  ? 160 LYS A O   1 
ATOM   1263 C CB  . LYS A 1 166 ? 1.411   16.324  11.021  1.00 40.55  ? 160 LYS A CB  1 
ATOM   1264 C CG  . LYS A 1 166 ? 1.986   15.647  12.254  1.00 44.61  ? 160 LYS A CG  1 
ATOM   1265 C CD  . LYS A 1 166 ? 3.043   16.500  12.940  1.00 43.71  ? 160 LYS A CD  1 
ATOM   1266 C CE  . LYS A 1 166 ? 3.596   15.806  14.185  1.00 45.27  ? 160 LYS A CE  1 
ATOM   1267 N NZ  . LYS A 1 166 ? 4.857   16.431  14.689  1.00 48.81  ? 160 LYS A NZ  1 
ATOM   1268 N N   . LEU A 1 167 ? -1.683  15.224  10.674  1.00 39.65  ? 161 LEU A N   1 
ATOM   1269 C CA  . LEU A 1 167 ? -2.862  14.595  11.263  1.00 40.58  ? 161 LEU A CA  1 
ATOM   1270 C C   . LEU A 1 167 ? -3.259  13.367  10.448  1.00 34.98  ? 161 LEU A C   1 
ATOM   1271 O O   . LEU A 1 167 ? -3.666  12.354  11.001  1.00 33.84  ? 161 LEU A O   1 
ATOM   1272 C CB  . LEU A 1 167 ? -4.037  15.575  11.355  1.00 40.25  ? 161 LEU A CB  1 
ATOM   1273 C CG  . LEU A 1 167 ? -3.886  16.697  12.384  1.00 43.62  ? 161 LEU A CG  1 
ATOM   1274 C CD1 . LEU A 1 167 ? -4.824  17.836  12.069  1.00 44.65  ? 161 LEU A CD1 1 
ATOM   1275 C CD2 . LEU A 1 167 ? -4.095  16.170  13.804  1.00 40.96  ? 161 LEU A CD2 1 
ATOM   1276 N N   . ALA A 1 168 ? -3.149  13.483  9.130   1.00 32.86  ? 162 ALA A N   1 
ATOM   1277 C CA  . ALA A 1 168 ? -3.418  12.373  8.235   1.00 35.82  ? 162 ALA A CA  1 
ATOM   1278 C C   . ALA A 1 168 ? -2.509  11.219  8.626   1.00 36.96  ? 162 ALA A C   1 
ATOM   1279 O O   . ALA A 1 168 ? -2.949  10.070  8.755   1.00 33.19  ? 162 ALA A O   1 
ATOM   1280 C CB  . ALA A 1 168 ? -3.149  12.778  6.793   1.00 35.68  ? 162 ALA A CB  1 
ATOM   1281 N N   . VAL A 1 169 ? -1.234  11.542  8.816   1.00 36.43  ? 163 VAL A N   1 
ATOM   1282 C CA  . VAL A 1 169 ? -0.230  10.524  9.073   1.00 36.58  ? 163 VAL A CA  1 
ATOM   1283 C C   . VAL A 1 169 ? -0.385  9.975   10.475  1.00 32.11  ? 163 VAL A C   1 
ATOM   1284 O O   . VAL A 1 169 ? -0.131  8.802   10.721  1.00 31.44  ? 163 VAL A O   1 
ATOM   1285 C CB  . VAL A 1 169 ? 1.188   11.058  8.854   1.00 38.58  ? 163 VAL A CB  1 
ATOM   1286 C CG1 . VAL A 1 169 ? 2.214   10.082  9.418   1.00 36.48  ? 163 VAL A CG1 1 
ATOM   1287 C CG2 . VAL A 1 169 ? 1.419   11.294  7.361   1.00 36.00  ? 163 VAL A CG2 1 
ATOM   1288 N N   . LEU A 1 170 ? -0.825  10.825  11.390  1.00 34.44  ? 164 LEU A N   1 
ATOM   1289 C CA  . LEU A 1 170 ? -1.065  10.395  12.752  1.00 32.66  ? 164 LEU A CA  1 
ATOM   1290 C C   . LEU A 1 170 ? -2.207  9.369   12.797  1.00 30.15  ? 164 LEU A C   1 
ATOM   1291 O O   . LEU A 1 170 ? -2.131  8.364   13.501  1.00 28.23  ? 164 LEU A O   1 
ATOM   1292 C CB  . LEU A 1 170 ? -1.399  11.593  13.636  1.00 34.24  ? 164 LEU A CB  1 
ATOM   1293 C CG  . LEU A 1 170 ? -1.662  11.208  15.086  1.00 32.84  ? 164 LEU A CG  1 
ATOM   1294 C CD1 . LEU A 1 170 ? -0.456  10.472  15.603  1.00 30.13  ? 164 LEU A CD1 1 
ATOM   1295 C CD2 . LEU A 1 170 ? -1.976  12.424  15.956  1.00 32.60  ? 164 LEU A CD2 1 
ATOM   1296 N N   . PHE A 1 171 ? -3.254  9.628   12.027  1.00 32.29  ? 165 PHE A N   1 
ATOM   1297 C CA  . PHE A 1 171 ? -4.442  8.787   12.052  1.00 31.65  ? 165 PHE A CA  1 
ATOM   1298 C C   . PHE A 1 171 ? -4.167  7.401   11.463  1.00 29.34  ? 165 PHE A C   1 
ATOM   1299 O O   . PHE A 1 171 ? -4.513  6.393   12.067  1.00 27.18  ? 165 PHE A O   1 
ATOM   1300 C CB  . PHE A 1 171 ? -5.597  9.466   11.308  1.00 30.73  ? 165 PHE A CB  1 
ATOM   1301 C CG  . PHE A 1 171 ? -6.891  8.708   11.383  1.00 31.02  ? 165 PHE A CG  1 
ATOM   1302 C CD1 . PHE A 1 171 ? -7.615  8.666   12.560  1.00 35.73  ? 165 PHE A CD1 1 
ATOM   1303 C CD2 . PHE A 1 171 ? -7.374  8.028   10.285  1.00 33.77  ? 165 PHE A CD2 1 
ATOM   1304 C CE1 . PHE A 1 171 ? -8.803  7.966   12.635  1.00 35.81  ? 165 PHE A CE1 1 
ATOM   1305 C CE2 . PHE A 1 171 ? -8.568  7.322   10.357  1.00 37.38  ? 165 PHE A CE2 1 
ATOM   1306 C CZ  . PHE A 1 171 ? -9.279  7.291   11.526  1.00 33.65  ? 165 PHE A CZ  1 
ATOM   1307 N N   . CYS A 1 172 ? -3.574  7.373   10.274  1.00 27.19  ? 166 CYS A N   1 
ATOM   1308 C CA  . CYS A 1 172 ? -3.159  6.134   9.620   1.00 31.66  ? 166 CYS A CA  1 
ATOM   1309 C C   . CYS A 1 172 ? -2.262  5.285   10.516  1.00 31.65  ? 166 CYS A C   1 
ATOM   1310 O O   . CYS A 1 172 ? -2.394  4.063   10.558  1.00 34.06  ? 166 CYS A O   1 
ATOM   1311 C CB  . CYS A 1 172 ? -2.442  6.449   8.308   1.00 27.37  ? 166 CYS A CB  1 
ATOM   1312 S SG  . CYS A 1 172 ? -3.547  7.188   7.030   1.00 35.40  ? 166 CYS A SG  1 
ATOM   1313 N N   . THR A 1 173 ? -1.359  5.940   11.236  1.00 26.60  ? 167 THR A N   1 
ATOM   1314 C CA  . THR A 1 173 ? -0.436  5.254   12.138  1.00 25.27  ? 167 THR A CA  1 
ATOM   1315 C C   . THR A 1 173 ? -1.156  4.582   13.323  1.00 24.68  ? 167 THR A C   1 
ATOM   1316 O O   . THR A 1 173 ? -0.933  3.403   13.622  1.00 27.13  ? 167 THR A O   1 
ATOM   1317 C CB  . THR A 1 173 ? 0.669   6.236   12.623  1.00 31.31  ? 167 THR A CB  1 
ATOM   1318 O OG1 . THR A 1 173 ? 1.457   6.647   11.499  1.00 33.19  ? 167 THR A OG1 1 
ATOM   1319 C CG2 . THR A 1 173 ? 1.575   5.598   13.640  1.00 26.61  ? 167 THR A CG2 1 
ATOM   1320 N N   . MET A 1 174 ? -2.014  5.341   13.996  1.00 25.76  ? 168 MET A N   1 
ATOM   1321 C CA  . MET A 1 174 ? -2.812  4.823   15.099  1.00 29.22  ? 168 MET A CA  1 
ATOM   1322 C C   . MET A 1 174 ? -3.614  3.584   14.696  1.00 28.15  ? 168 MET A C   1 
ATOM   1323 O O   . MET A 1 174 ? -3.816  2.685   15.504  1.00 28.70  ? 168 MET A O   1 
ATOM   1324 C CB  . MET A 1 174 ? -3.772  5.903   15.612  1.00 27.97  ? 168 MET A CB  1 
ATOM   1325 C CG  . MET A 1 174 ? -3.079  7.153   16.137  1.00 31.73  ? 168 MET A CG  1 
ATOM   1326 S SD  . MET A 1 174 ? -4.243  8.508   16.436  1.00 30.05  ? 168 MET A SD  1 
ATOM   1327 C CE  . MET A 1 174 ? -5.041  7.924   17.934  1.00 29.64  ? 168 MET A CE  1 
ATOM   1328 N N   . LEU A 1 175 ? -4.064  3.548   13.457  1.00 25.64  ? 169 LEU A N   1 
ATOM   1329 C CA  . LEU A 1 175 ? -4.762  2.423   12.849  1.00 31.37  ? 169 LEU A CA  1 
ATOM   1330 C C   . LEU A 1 175 ? -3.880  1.222   12.505  1.00 32.81  ? 169 LEU A C   1 
ATOM   1331 O O   . LEU A 1 175 ? -4.191  0.133   12.869  1.00 34.75  ? 169 LEU A O   1 
ATOM   1332 C CB  . LEU A 1 175 ? -5.487  2.853   11.576  1.00 25.82  ? 169 LEU A CB  1 
ATOM   1333 C CG  . LEU A 1 175 ? -6.722  3.723   11.635  1.00 34.57  ? 169 LEU A CG  1 
ATOM   1334 C CD1 . LEU A 1 175 ? -7.244  4.045   10.317  1.00 31.87  ? 169 LEU A CD1 1 
ATOM   1335 C CD2 . LEU A 1 175 ? -7.787  3.138   12.459  1.00 36.99  ? 169 LEU A CD2 1 
ATOM   1336 N N   . LYS A 1 176 ? -2.788  1.466   11.794  1.00 29.70  ? 170 LYS A N   1 
ATOM   1337 C CA  . LYS A 1 176 ? -1.863  0.482   11.264  1.00 29.12  ? 170 LYS A CA  1 
ATOM   1338 C C   . LYS A 1 176 ? -0.977  -0.152  12.330  1.00 28.40  ? 170 LYS A C   1 
ATOM   1339 O O   . LYS A 1 176 ? -0.835  -1.311  12.340  1.00 31.55  ? 170 LYS A O   1 
ATOM   1340 C CB  . LYS A 1 176 ? -1.006  1.144   10.147  1.00 32.47  ? 170 LYS A CB  1 
ATOM   1341 C CG  . LYS A 1 176 ? -0.153  0.276   9.179   1.00 35.71  ? 170 LYS A CG  1 
ATOM   1342 C CD  . LYS A 1 176 ? 0.989   1.045   8.422   1.00 35.40  ? 170 LYS A CD  1 
ATOM   1343 C CE  . LYS A 1 176 ? 1.159   0.735   6.872   1.00 44.11  ? 170 LYS A CE  1 
ATOM   1344 N NZ  . LYS A 1 176 ? 1.484   1.920   5.790   1.00 65.77  ? 170 LYS A NZ  1 
ATOM   1345 N N   . GLU A 1 177 ? -0.371  0.620   13.204  1.00 26.26  ? 171 GLU A N   1 
ATOM   1346 C CA  . GLU A 1 177 ? 0.684   0.148   14.103  1.00 31.20  ? 171 GLU A CA  1 
ATOM   1347 C C   . GLU A 1 177 ? 0.310   0.002   15.565  1.00 27.00  ? 171 GLU A C   1 
ATOM   1348 O O   . GLU A 1 177 ? -0.543  0.666   16.014  1.00 30.91  ? 171 GLU A O   1 
ATOM   1349 C CB  . GLU A 1 177 ? 1.922   1.016   13.960  1.00 26.83  ? 171 GLU A CB  1 
ATOM   1350 C CG  . GLU A 1 177 ? 2.455   1.089   12.578  1.00 31.90  ? 171 GLU A CG  1 
ATOM   1351 C CD  . GLU A 1 177 ? 2.928   -0.233  12.089  1.00 28.50  ? 171 GLU A CD  1 
ATOM   1352 O OE1 . GLU A 1 177 ? 2.953   -1.152  12.865  1.00 25.91  ? 171 GLU A OE1 1 
ATOM   1353 O OE2 . GLU A 1 177 ? 3.261   -0.355  10.934  1.00 32.63  ? 171 GLU A OE2 1 
ATOM   1354 N N   . PRO A 1 178 ? 0.962   -0.874  16.312  1.00 30.71  ? 172 PRO A N   1 
ATOM   1355 C CA  . PRO A 1 178 ? 2.088   -1.683  15.853  1.00 25.57  ? 172 PRO A CA  1 
ATOM   1356 C C   . PRO A 1 178 ? 1.636   -3.013  15.267  1.00 27.03  ? 172 PRO A C   1 
ATOM   1357 O O   . PRO A 1 178 ? 2.472   -3.908  15.108  1.00 23.65  ? 172 PRO A O   1 
ATOM   1358 C CB  . PRO A 1 178 ? 2.840   -1.960  17.148  1.00 26.90  ? 172 PRO A CB  1 
ATOM   1359 C CG  . PRO A 1 178 ? 1.755   -2.074  18.183  1.00 26.57  ? 172 PRO A CG  1 
ATOM   1360 C CD  . PRO A 1 178 ? 0.682   -1.090  17.746  1.00 31.22  ? 172 PRO A CD  1 
ATOM   1361 N N   . TYR A 1 179 ? 0.344   -3.138  14.971  1.00 26.57  ? 173 TYR A N   1 
ATOM   1362 C CA  . TYR A 1 179 ? -0.229  -4.406  14.517  1.00 26.12  ? 173 TYR A CA  1 
ATOM   1363 C C   . TYR A 1 179 ? 0.427   -4.950  13.240  1.00 24.78  ? 173 TYR A C   1 
ATOM   1364 O O   . TYR A 1 179 ? 0.847   -6.105  13.201  1.00 23.38  ? 173 TYR A O   1 
ATOM   1365 C CB  . TYR A 1 179 ? -1.757  -4.277  14.407  1.00 30.54  ? 173 TYR A CB  1 
ATOM   1366 C CG  . TYR A 1 179 ? -2.326  -3.727  15.701  1.00 32.65  ? 173 TYR A CG  1 
ATOM   1367 C CD1 . TYR A 1 179 ? -2.709  -2.398  15.816  1.00 32.26  ? 173 TYR A CD1 1 
ATOM   1368 C CD2 . TYR A 1 179 ? -2.391  -4.520  16.839  1.00 36.93  ? 173 TYR A CD2 1 
ATOM   1369 C CE1 . TYR A 1 179 ? -3.193  -1.887  17.013  1.00 32.65  ? 173 TYR A CE1 1 
ATOM   1370 C CE2 . TYR A 1 179 ? -2.870  -4.020  18.040  1.00 40.00  ? 173 TYR A CE2 1 
ATOM   1371 C CZ  . TYR A 1 179 ? -3.267  -2.703  18.124  1.00 40.93  ? 173 TYR A CZ  1 
ATOM   1372 O OH  . TYR A 1 179 ? -3.735  -2.214  19.328  1.00 44.64  ? 173 TYR A OH  1 
ATOM   1373 N N   . HIS A 1 180 ? 0.553   -4.112  12.216  1.00 26.85  ? 174 HIS A N   1 
ATOM   1374 C CA  . HIS A 1 180 ? 1.210   -4.511  10.974  1.00 23.55  ? 174 HIS A CA  1 
ATOM   1375 C C   . HIS A 1 180 ? 2.663   -4.966  11.217  1.00 23.51  ? 174 HIS A C   1 
ATOM   1376 O O   . HIS A 1 180 ? 3.117   -5.976  10.695  1.00 25.41  ? 174 HIS A O   1 
ATOM   1377 C CB  . HIS A 1 180 ? 1.192   -3.342  9.984   1.00 22.51  ? 174 HIS A CB  1 
ATOM   1378 C CG  . HIS A 1 180 ? 1.830   -3.649  8.667   1.00 26.28  ? 174 HIS A CG  1 
ATOM   1379 N ND1 . HIS A 1 180 ? 1.293   -4.550  7.774   1.00 26.64  ? 174 HIS A ND1 1 
ATOM   1380 C CD2 . HIS A 1 180 ? 2.951   -3.165  8.083   1.00 28.38  ? 174 HIS A CD2 1 
ATOM   1381 C CE1 . HIS A 1 180 ? 2.058   -4.609  6.697   1.00 29.26  ? 174 HIS A CE1 1 
ATOM   1382 N NE2 . HIS A 1 180 ? 3.073   -3.781  6.861   1.00 29.16  ? 174 HIS A NE2 1 
ATOM   1383 N N   . HIS A 1 181 ? 3.385   -4.197  12.020  1.00 22.87  ? 175 HIS A N   1 
ATOM   1384 C CA  . HIS A 1 181 ? 4.761   -4.499  12.360  1.00 25.00  ? 175 HIS A CA  1 
ATOM   1385 C C   . HIS A 1 181 ? 4.901   -5.918  12.923  1.00 25.20  ? 175 HIS A C   1 
ATOM   1386 O O   . HIS A 1 181 ? 5.847   -6.660  12.584  1.00 20.55  ? 175 HIS A O   1 
ATOM   1387 C CB  . HIS A 1 181 ? 5.243   -3.442  13.351  1.00 28.15  ? 175 HIS A CB  1 
ATOM   1388 C CG  . HIS A 1 181 ? 6.710   -3.450  13.584  1.00 34.94  ? 175 HIS A CG  1 
ATOM   1389 N ND1 . HIS A 1 181 ? 7.623   -3.611  12.568  1.00 38.71  ? 175 HIS A ND1 1 
ATOM   1390 C CD2 . HIS A 1 181 ? 7.431   -3.286  14.719  1.00 47.41  ? 175 HIS A CD2 1 
ATOM   1391 C CE1 . HIS A 1 181 ? 8.844   -3.565  13.068  1.00 41.92  ? 175 HIS A CE1 1 
ATOM   1392 N NE2 . HIS A 1 181 ? 8.756   -3.373  14.373  1.00 45.99  ? 175 HIS A NE2 1 
ATOM   1393 N N   . LEU A 1 182 ? 3.956   -6.284  13.789  1.00 23.85  ? 176 LEU A N   1 
ATOM   1394 C CA  . LEU A 1 182 ? 3.974   -7.606  14.404  1.00 23.69  ? 176 LEU A CA  1 
ATOM   1395 C C   . LEU A 1 182 ? 3.489   -8.701  13.437  1.00 23.52  ? 176 LEU A C   1 
ATOM   1396 O O   . LEU A 1 182 ? 4.031   -9.804  13.449  1.00 26.69  ? 176 LEU A O   1 
ATOM   1397 C CB  . LEU A 1 182 ? 3.164   -7.617  15.696  1.00 24.10  ? 176 LEU A CB  1 
ATOM   1398 C CG  . LEU A 1 182 ? 3.648   -6.667  16.808  1.00 28.59  ? 176 LEU A CG  1 
ATOM   1399 C CD1 . LEU A 1 182 ? 2.646   -6.609  17.960  1.00 40.39  ? 176 LEU A CD1 1 
ATOM   1400 C CD2 . LEU A 1 182 ? 5.028   -7.034  17.333  1.00 25.53  ? 176 LEU A CD2 1 
ATOM   1401 N N   . ASN A 1 183 ? 2.490   -8.407  12.598  1.00 21.87  ? 177 ASN A N   1 
ATOM   1402 C CA  . ASN A 1 183 ? 2.120   -9.335  11.529  1.00 25.85  ? 177 ASN A CA  1 
ATOM   1403 C C   . ASN A 1 183 ? 3.376   -9.662  10.736  1.00 22.68  ? 177 ASN A C   1 
ATOM   1404 O O   . ASN A 1 183 ? 3.711   -10.827 10.521  1.00 26.10  ? 177 ASN A O   1 
ATOM   1405 C CB  . ASN A 1 183 ? 1.044   -8.756  10.593  1.00 21.00  ? 177 ASN A CB  1 
ATOM   1406 C CG  . ASN A 1 183 ? -0.252  -8.436  11.317  1.00 23.97  ? 177 ASN A CG  1 
ATOM   1407 O OD1 . ASN A 1 183 ? -0.878  -7.407  11.072  1.00 29.11  ? 177 ASN A OD1 1 
ATOM   1408 N ND2 . ASN A 1 183 ? -0.646  -9.304  12.223  1.00 23.65  ? 177 ASN A ND2 1 
ATOM   1409 N N   . VAL A 1 184 ? 4.096   -8.622  10.335  1.00 22.02  ? 178 VAL A N   1 
ATOM   1410 C CA  . VAL A 1 184 ? 5.261   -8.804  9.489   1.00 21.24  ? 178 VAL A CA  1 
ATOM   1411 C C   . VAL A 1 184 ? 6.427   -9.519  10.201  1.00 29.05  ? 178 VAL A C   1 
ATOM   1412 O O   . VAL A 1 184 ? 6.988   -10.472 9.666   1.00 24.19  ? 178 VAL A O   1 
ATOM   1413 C CB  . VAL A 1 184 ? 5.754   -7.459  8.924   1.00 22.78  ? 178 VAL A CB  1 
ATOM   1414 C CG1 . VAL A 1 184 ? 7.102   -7.652  8.238   1.00 24.48  ? 178 VAL A CG1 1 
ATOM   1415 C CG2 . VAL A 1 184 ? 4.742   -6.883  7.914   1.00 26.50  ? 178 VAL A CG2 1 
ATOM   1416 N N   . LEU A 1 185 ? 6.820   -9.048  11.381  1.00 25.12  ? 179 LEU A N   1 
ATOM   1417 C CA  . LEU A 1 185 ? 8.049   -9.545  12.010  1.00 28.46  ? 179 LEU A CA  1 
ATOM   1418 C C   . LEU A 1 185 ? 7.947   -10.944 12.612  1.00 29.14  ? 179 LEU A C   1 
ATOM   1419 O O   . LEU A 1 185 ? 8.892   -11.715 12.527  1.00 33.45  ? 179 LEU A O   1 
ATOM   1420 C CB  . LEU A 1 185 ? 8.529   -8.583  13.099  1.00 26.81  ? 179 LEU A CB  1 
ATOM   1421 C CG  . LEU A 1 185 ? 9.269   -7.334  12.638  1.00 35.78  ? 179 LEU A CG  1 
ATOM   1422 C CD1 . LEU A 1 185 ? 9.539   -6.441  13.847  1.00 38.37  ? 179 LEU A CD1 1 
ATOM   1423 C CD2 . LEU A 1 185 ? 10.561  -7.737  11.917  1.00 30.67  ? 179 LEU A CD2 1 
ATOM   1424 N N   . ILE A 1 186 ? 6.819   -11.252 13.252  1.00 28.86  ? 180 ILE A N   1 
ATOM   1425 C CA  . ILE A 1 186 ? 6.659   -12.524 13.937  1.00 28.26  ? 180 ILE A CA  1 
ATOM   1426 C C   . ILE A 1 186 ? 5.369   -13.212 13.534  1.00 32.42  ? 180 ILE A C   1 
ATOM   1427 O O   . ILE A 1 186 ? 4.942   -14.158 14.176  1.00 34.46  ? 180 ILE A O   1 
ATOM   1428 C CB  . ILE A 1 186 ? 6.662   -12.371 15.466  1.00 33.11  ? 180 ILE A CB  1 
ATOM   1429 C CG1 . ILE A 1 186 ? 5.442   -11.577 15.921  1.00 33.05  ? 180 ILE A CG1 1 
ATOM   1430 C CG2 . ILE A 1 186 ? 7.954   -11.720 15.944  1.00 34.78  ? 180 ILE A CG2 1 
ATOM   1431 C CD1 . ILE A 1 186 ? 5.397   -11.360 17.418  1.00 34.81  ? 180 ILE A CD1 1 
ATOM   1432 N N   . ASN A 1 187 ? 4.760   -12.730 12.459  1.00 29.82  ? 181 ASN A N   1 
ATOM   1433 C CA  . ASN A 1 187 ? 3.544   -13.329 11.922  1.00 31.74  ? 181 ASN A CA  1 
ATOM   1434 C C   . ASN A 1 187 ? 2.417   -13.437 12.946  1.00 31.89  ? 181 ASN A C   1 
ATOM   1435 O O   . ASN A 1 187 ? 1.718   -14.450 13.009  1.00 30.56  ? 181 ASN A O   1 
ATOM   1436 C CB  . ASN A 1 187 ? 3.839   -14.693 11.273  1.00 39.14  ? 181 ASN A CB  1 
ATOM   1437 C CG  . ASN A 1 187 ? 2.757   -15.115 10.267  1.00 47.70  ? 181 ASN A CG  1 
ATOM   1438 O OD1 . ASN A 1 187 ? 2.026   -14.278 9.728   1.00 44.87  ? 181 ASN A OD1 1 
ATOM   1439 N ND2 . ASN A 1 187 ? 2.650   -16.419 10.021  1.00 43.12  ? 181 ASN A ND2 1 
ATOM   1440 N N   . ALA A 1 188 ? 2.255   -12.386 13.750  1.00 30.24  ? 182 ALA A N   1 
ATOM   1441 C CA  . ALA A 1 188 ? 1.109   -12.269 14.634  1.00 28.74  ? 182 ALA A CA  1 
ATOM   1442 C C   . ALA A 1 188 ? -0.193  -12.325 13.838  1.00 30.18  ? 182 ALA A C   1 
ATOM   1443 O O   . ALA A 1 188 ? -0.235  -11.974 12.659  1.00 28.39  ? 182 ALA A O   1 
ATOM   1444 C CB  . ALA A 1 188 ? 1.185   -10.977 15.456  1.00 26.42  ? 182 ALA A CB  1 
ATOM   1445 N N   . PRO A 1 189 ? -1.263  -12.787 14.485  1.00 36.46  ? 183 PRO A N   1 
ATOM   1446 C CA  . PRO A 1 189 ? -2.558  -12.960 13.829  1.00 34.08  ? 183 PRO A CA  1 
ATOM   1447 C C   . PRO A 1 189 ? -3.164  -11.640 13.345  1.00 32.41  ? 183 PRO A C   1 
ATOM   1448 O O   . PRO A 1 189 ? -3.020  -10.608 14.001  1.00 30.68  ? 183 PRO A O   1 
ATOM   1449 C CB  . PRO A 1 189 ? -3.426  -13.563 14.941  1.00 35.45  ? 183 PRO A CB  1 
ATOM   1450 C CG  . PRO A 1 189 ? -2.466  -14.180 15.881  1.00 36.37  ? 183 PRO A CG  1 
ATOM   1451 C CD  . PRO A 1 189 ? -1.276  -13.282 15.872  1.00 34.29  ? 183 PRO A CD  1 
ATOM   1452 N N   . LEU A 1 190 ? -3.833  -11.691 12.196  1.00 32.94  ? 184 LEU A N   1 
ATOM   1453 C CA  . LEU A 1 190 ? -4.563  -10.551 11.663  1.00 32.15  ? 184 LEU A CA  1 
ATOM   1454 C C   . LEU A 1 190 ? -5.805  -10.304 12.489  1.00 35.33  ? 184 LEU A C   1 
ATOM   1455 O O   . LEU A 1 190 ? -6.280  -11.186 13.184  1.00 37.55  ? 184 LEU A O   1 
ATOM   1456 C CB  . LEU A 1 190 ? -4.971  -10.809 10.210  1.00 30.98  ? 184 LEU A CB  1 
ATOM   1457 C CG  . LEU A 1 190 ? -3.790  -11.090 9.284   1.00 34.52  ? 184 LEU A CG  1 
ATOM   1458 C CD1 . LEU A 1 190 ? -4.248  -11.410 7.866   1.00 31.86  ? 184 LEU A CD1 1 
ATOM   1459 C CD2 . LEU A 1 190 ? -2.829  -9.907  9.325   1.00 31.30  ? 184 LEU A CD2 1 
ATOM   1460 N N   . LYS A 1 191 ? -6.333  -9.094  12.409  1.00 32.86  ? 185 LYS A N   1 
ATOM   1461 C CA  . LYS A 1 191 ? -7.604  -8.799  13.039  1.00 38.05  ? 185 LYS A CA  1 
ATOM   1462 C C   . LYS A 1 191 ? -8.729  -9.288  12.126  1.00 39.57  ? 185 LYS A C   1 
ATOM   1463 O O   . LYS A 1 191 ? -8.684  -9.071  10.918  1.00 38.82  ? 185 LYS A O   1 
ATOM   1464 C CB  . LYS A 1 191 ? -7.744  -7.293  13.272  1.00 37.58  ? 185 LYS A CB  1 
ATOM   1465 C CG  . LYS A 1 191 ? -6.871  -6.690  14.384  1.00 36.19  ? 185 LYS A CG  1 
ATOM   1466 C CD  . LYS A 1 191 ? -7.268  -5.217  14.591  1.00 34.24  ? 185 LYS A CD  1 
ATOM   1467 C CE  . LYS A 1 191 ? -6.252  -4.454  15.414  1.00 38.64  ? 185 LYS A CE  1 
ATOM   1468 N NZ  . LYS A 1 191 ? -5.983  -5.130  16.697  1.00 44.33  ? 185 LYS A NZ  1 
ATOM   1469 N N   . ASN A 1 192 ? -9.728  -9.962  12.694  1.00 42.32  ? 186 ASN A N   1 
ATOM   1470 C CA  . ASN A 1 192 ? -10.950 -10.268 11.949  1.00 46.94  ? 186 ASN A CA  1 
ATOM   1471 C C   . ASN A 1 192 ? -11.793 -9.003  11.798  1.00 44.69  ? 186 ASN A C   1 
ATOM   1472 O O   . ASN A 1 192 ? -11.449 -7.955  12.353  1.00 43.59  ? 186 ASN A O   1 
ATOM   1473 C CB  . ASN A 1 192 ? -11.762 -11.390 12.616  1.00 43.51  ? 186 ASN A CB  1 
ATOM   1474 C CG  . ASN A 1 192 ? -12.242 -11.024 14.007  1.00 47.09  ? 186 ASN A CG  1 
ATOM   1475 O OD1 . ASN A 1 192 ? -12.786 -9.935  14.232  1.00 43.99  ? 186 ASN A OD1 1 
ATOM   1476 N ND2 . ASN A 1 192 ? -12.038 -11.936 14.956  1.00 44.71  ? 186 ASN A ND2 1 
ATOM   1477 N N   . LYS A 1 193 ? -12.890 -9.093  11.054  1.00 44.56  ? 187 LYS A N   1 
ATOM   1478 C CA  . LYS A 1 193 ? -13.716 -7.916  10.766  1.00 42.42  ? 187 LYS A CA  1 
ATOM   1479 C C   . LYS A 1 193 ? -14.205 -7.163  11.997  1.00 39.18  ? 187 LYS A C   1 
ATOM   1480 O O   . LYS A 1 193 ? -14.261 -5.938  11.998  1.00 44.31  ? 187 LYS A O   1 
ATOM   1481 C CB  . LYS A 1 193 ? -14.905 -8.287  9.880   1.00 44.69  ? 187 LYS A CB  1 
ATOM   1482 C CG  . LYS A 1 193 ? -14.587 -8.257  8.402   1.00 44.19  ? 187 LYS A CG  1 
ATOM   1483 C CD  . LYS A 1 193 ? -14.424 -6.830  7.912   1.00 47.87  ? 187 LYS A CD  1 
ATOM   1484 C CE  . LYS A 1 193 ? -13.832 -6.799  6.515   1.00 50.38  ? 187 LYS A CE  1 
ATOM   1485 N NZ  . LYS A 1 193 ? -14.582 -7.682  5.578   1.00 43.98  ? 187 LYS A NZ  1 
ATOM   1486 N N   . LYS A 1 194 ? -14.567 -7.896  13.040  1.00 39.47  ? 188 LYS A N   1 
ATOM   1487 C CA  . LYS A 1 194 ? -15.126 -7.296  14.251  1.00 40.01  ? 188 LYS A CA  1 
ATOM   1488 C C   . LYS A 1 194 ? -14.093 -6.465  15.002  1.00 38.66  ? 188 LYS A C   1 
ATOM   1489 O O   . LYS A 1 194 ? -14.373 -5.347  15.444  1.00 39.97  ? 188 LYS A O   1 
ATOM   1490 C CB  . LYS A 1 194 ? -15.652 -8.400  15.168  1.00 41.39  ? 188 LYS A CB  1 
ATOM   1491 C CG  . LYS A 1 194 ? -15.627 -8.069  16.651  1.00 46.62  ? 188 LYS A CG  1 
ATOM   1492 C CD  . LYS A 1 194 ? -17.006 -7.727  17.198  1.00 47.56  ? 188 LYS A CD  1 
ATOM   1493 C CE  . LYS A 1 194 ? -17.015 -7.892  18.709  1.00 48.68  ? 188 LYS A CE  1 
ATOM   1494 N NZ  . LYS A 1 194 ? -18.341 -7.657  19.328  1.00 52.42  ? 188 LYS A NZ  1 
ATOM   1495 N N   . GLU A 1 195 ? -12.910 -7.046  15.165  1.00 41.50  ? 189 GLU A N   1 
ATOM   1496 C CA  . GLU A 1 195 ? -11.775 -6.383  15.800  1.00 43.00  ? 189 GLU A CA  1 
ATOM   1497 C C   . GLU A 1 195 ? -11.353 -5.142  15.009  1.00 35.38  ? 189 GLU A C   1 
ATOM   1498 O O   . GLU A 1 195 ? -11.020 -4.116  15.589  1.00 43.27  ? 189 GLU A O   1 
ATOM   1499 C CB  . GLU A 1 195 ? -10.615 -7.371  15.929  1.00 42.92  ? 189 GLU A CB  1 
ATOM   1500 C CG  . GLU A 1 195 ? -10.986 -8.627  16.710  1.00 44.90  ? 189 GLU A CG  1 
ATOM   1501 C CD  . GLU A 1 195 ? -9.922  -9.706  16.648  1.00 52.94  ? 189 GLU A CD  1 
ATOM   1502 O OE1 . GLU A 1 195 ? -9.469  -10.051 15.530  1.00 46.47  ? 189 GLU A OE1 1 
ATOM   1503 O OE2 . GLU A 1 195 ? -9.551  -10.220 17.725  1.00 54.24  ? 189 GLU A OE2 1 
ATOM   1504 N N   . GLN A 1 196 ? -11.382 -5.241  13.686  1.00 31.37  ? 190 GLN A N   1 
ATOM   1505 C CA  . GLN A 1 196 ? -11.141 -4.087  12.832  1.00 37.77  ? 190 GLN A CA  1 
ATOM   1506 C C   . GLN A 1 196 ? -12.072 -2.934  13.185  1.00 42.59  ? 190 GLN A C   1 
ATOM   1507 O O   . GLN A 1 196 ? -11.629 -1.817  13.486  1.00 36.81  ? 190 GLN A O   1 
ATOM   1508 C CB  . GLN A 1 196 ? -11.340 -4.462  11.366  1.00 33.09  ? 190 GLN A CB  1 
ATOM   1509 C CG  . GLN A 1 196 ? -10.199 -5.289  10.814  1.00 36.15  ? 190 GLN A CG  1 
ATOM   1510 C CD  . GLN A 1 196 ? -10.454 -5.775  9.409   1.00 33.76  ? 190 GLN A CD  1 
ATOM   1511 O OE1 . GLN A 1 196 ? -10.895 -5.019  8.541   1.00 30.89  ? 190 GLN A OE1 1 
ATOM   1512 N NE2 . GLN A 1 196 ? -10.151 -7.048  9.168   1.00 38.76  ? 190 GLN A NE2 1 
ATOM   1513 N N   . LYS A 1 197 ? -13.369 -3.224  13.120  1.00 41.25  ? 191 LYS A N   1 
ATOM   1514 C CA  . LYS A 1 197 ? -14.407 -2.270  13.457  1.00 40.83  ? 191 LYS A CA  1 
ATOM   1515 C C   . LYS A 1 197 ? -14.163 -1.681  14.843  1.00 32.06  ? 191 LYS A C   1 
ATOM   1516 O O   . LYS A 1 197 ? -14.199 -0.466  15.032  1.00 40.30  ? 191 LYS A O   1 
ATOM   1517 C CB  . LYS A 1 197 ? -15.762 -2.981  13.391  1.00 41.75  ? 191 LYS A CB  1 
ATOM   1518 C CG  . LYS A 1 197 ? -16.944 -2.224  13.978  1.00 47.37  ? 191 LYS A CG  1 
ATOM   1519 C CD  . LYS A 1 197 ? -17.607 -1.327  12.943  1.00 55.93  ? 191 LYS A CD  1 
ATOM   1520 C CE  . LYS A 1 197 ? -19.135 -1.376  13.060  1.00 48.83  ? 191 LYS A CE  1 
ATOM   1521 N NZ  . LYS A 1 197 ? -19.647 -1.143  14.446  1.00 47.28  ? 191 LYS A NZ  1 
ATOM   1522 N N   . GLU A 1 198 ? -13.909 -2.543  15.815  1.00 35.49  ? 192 GLU A N   1 
ATOM   1523 C CA  . GLU A 1 198 ? -13.667 -2.092  17.181  1.00 40.89  ? 192 GLU A CA  1 
ATOM   1524 C C   . GLU A 1 198 ? -12.468 -1.148  17.267  1.00 37.93  ? 192 GLU A C   1 
ATOM   1525 O O   . GLU A 1 198 ? -12.515 -0.127  17.957  1.00 36.80  ? 192 GLU A O   1 
ATOM   1526 C CB  . GLU A 1 198 ? -13.428 -3.284  18.105  1.00 39.74  ? 192 GLU A CB  1 
ATOM   1527 C CG  . GLU A 1 198 ? -14.674 -4.039  18.500  1.00 46.39  ? 192 GLU A CG  1 
ATOM   1528 C CD  . GLU A 1 198 ? -14.364 -5.158  19.474  1.00 51.41  ? 192 GLU A CD  1 
ATOM   1529 O OE1 . GLU A 1 198 ? -13.758 -6.166  19.053  1.00 57.52  ? 192 GLU A OE1 1 
ATOM   1530 O OE2 . GLU A 1 198 ? -14.722 -5.028  20.664  1.00 54.39  ? 192 GLU A OE2 1 
ATOM   1531 N N   . HIS A 1 199 ? -11.383 -1.510  16.590  1.00 33.68  ? 193 HIS A N   1 
ATOM   1532 C CA  . HIS A 1 199 ? -10.161 -0.712  16.665  1.00 38.49  ? 193 HIS A CA  1 
ATOM   1533 C C   . HIS A 1 199 ? -10.347 0.650   16.008  1.00 36.22  ? 193 HIS A C   1 
ATOM   1534 O O   . HIS A 1 199 ? -9.902  1.672   16.534  1.00 34.96  ? 193 HIS A O   1 
ATOM   1535 C CB  . HIS A 1 199 ? -8.973  -1.437  16.028  1.00 34.96  ? 193 HIS A CB  1 
ATOM   1536 C CG  . HIS A 1 199 ? -7.684  -0.693  16.170  1.00 28.87  ? 193 HIS A CG  1 
ATOM   1537 N ND1 . HIS A 1 199 ? -7.099  -0.450  17.397  1.00 38.13  ? 193 HIS A ND1 1 
ATOM   1538 C CD2 . HIS A 1 199 ? -6.879  -0.119  15.249  1.00 29.79  ? 193 HIS A CD2 1 
ATOM   1539 C CE1 . HIS A 1 199 ? -5.982  0.230   17.222  1.00 36.45  ? 193 HIS A CE1 1 
ATOM   1540 N NE2 . HIS A 1 199 ? -5.824  0.444   15.926  1.00 33.00  ? 193 HIS A NE2 1 
ATOM   1541 N N   . VAL A 1 200 ? -11.000 0.666   14.855  1.00 31.52  ? 194 VAL A N   1 
ATOM   1542 C CA  . VAL A 1 200 ? -11.231 1.922   14.171  1.00 34.75  ? 194 VAL A CA  1 
ATOM   1543 C C   . VAL A 1 200 ? -12.034 2.862   15.072  1.00 42.51  ? 194 VAL A C   1 
ATOM   1544 O O   . VAL A 1 200 ? -11.685 4.040   15.232  1.00 39.75  ? 194 VAL A O   1 
ATOM   1545 C CB  . VAL A 1 200 ? -11.961 1.705   12.854  1.00 37.98  ? 194 VAL A CB  1 
ATOM   1546 C CG1 . VAL A 1 200 ? -12.498 3.028   12.320  1.00 35.94  ? 194 VAL A CG1 1 
ATOM   1547 C CG2 . VAL A 1 200 ? -11.030 1.037   11.854  1.00 40.76  ? 194 VAL A CG2 1 
ATOM   1548 N N   . GLU A 1 201 ? -13.100 2.341   15.672  1.00 38.60  ? 195 GLU A N   1 
ATOM   1549 C CA  . GLU A 1 201 ? -13.947 3.169   16.521  1.00 41.12  ? 195 GLU A CA  1 
ATOM   1550 C C   . GLU A 1 201 ? -13.165 3.625   17.733  1.00 37.13  ? 195 GLU A C   1 
ATOM   1551 O O   . GLU A 1 201 ? -13.212 4.787   18.106  1.00 39.14  ? 195 GLU A O   1 
ATOM   1552 C CB  . GLU A 1 201 ? -15.224 2.429   16.944  1.00 40.06  ? 195 GLU A CB  1 
ATOM   1553 C CG  . GLU A 1 201 ? -16.212 2.215   15.805  1.00 43.79  ? 195 GLU A CG  1 
ATOM   1554 C CD  . GLU A 1 201 ? -17.352 1.273   16.170  1.00 55.93  ? 195 GLU A CD  1 
ATOM   1555 O OE1 . GLU A 1 201 ? -17.301 0.654   17.260  1.00 56.03  ? 195 GLU A OE1 1 
ATOM   1556 O OE2 . GLU A 1 201 ? -18.297 1.149   15.358  1.00 47.90  ? 195 GLU A OE2 1 
ATOM   1557 N N   . PHE A 1 202 ? -12.437 2.701   18.340  1.00 37.35  ? 196 PHE A N   1 
ATOM   1558 C CA  . PHE A 1 202 ? -11.604 3.044   19.478  1.00 38.40  ? 196 PHE A CA  1 
ATOM   1559 C C   . PHE A 1 202 ? -10.696 4.214   19.120  1.00 38.65  ? 196 PHE A C   1 
ATOM   1560 O O   . PHE A 1 202 ? -10.658 5.217   19.814  1.00 38.50  ? 196 PHE A O   1 
ATOM   1561 C CB  . PHE A 1 202 ? -10.765 1.841   19.894  1.00 37.55  ? 196 PHE A CB  1 
ATOM   1562 C CG  . PHE A 1 202 ? -9.869  2.112   21.054  1.00 41.63  ? 196 PHE A CG  1 
ATOM   1563 C CD1 . PHE A 1 202 ? -8.576  2.572   20.856  1.00 39.03  ? 196 PHE A CD1 1 
ATOM   1564 C CD2 . PHE A 1 202 ? -10.314 1.907   22.349  1.00 41.14  ? 196 PHE A CD2 1 
ATOM   1565 C CE1 . PHE A 1 202 ? -7.749  2.825   21.922  1.00 42.23  ? 196 PHE A CE1 1 
ATOM   1566 C CE2 . PHE A 1 202 ? -9.491  2.161   23.424  1.00 44.36  ? 196 PHE A CE2 1 
ATOM   1567 C CZ  . PHE A 1 202 ? -8.208  2.623   23.213  1.00 45.57  ? 196 PHE A CZ  1 
ATOM   1568 N N   . VAL A 1 203 ? -9.982  4.072   18.011  1.00 37.99  ? 197 VAL A N   1 
ATOM   1569 C CA  . VAL A 1 203 ? -9.026  5.068   17.553  1.00 32.24  ? 197 VAL A CA  1 
ATOM   1570 C C   . VAL A 1 203 ? -9.679  6.410   17.183  1.00 36.62  ? 197 VAL A C   1 
ATOM   1571 O O   . VAL A 1 203 ? -9.170  7.475   17.541  1.00 32.71  ? 197 VAL A O   1 
ATOM   1572 C CB  . VAL A 1 203 ? -8.241  4.530   16.353  1.00 30.41  ? 197 VAL A CB  1 
ATOM   1573 C CG1 . VAL A 1 203 ? -7.571  5.656   15.599  1.00 32.74  ? 197 VAL A CG1 1 
ATOM   1574 C CG2 . VAL A 1 203 ? -7.221  3.516   16.817  1.00 29.91  ? 197 VAL A CG2 1 
ATOM   1575 N N   . VAL A 1 204 ? -10.789 6.353   16.451  1.00 35.84  ? 198 VAL A N   1 
ATOM   1576 C CA  . VAL A 1 204 ? -11.523 7.559   16.059  1.00 39.33  ? 198 VAL A CA  1 
ATOM   1577 C C   . VAL A 1 204 ? -11.963 8.395   17.259  1.00 39.50  ? 198 VAL A C   1 
ATOM   1578 O O   . VAL A 1 204 ? -11.963 9.620   17.203  1.00 39.53  ? 198 VAL A O   1 
ATOM   1579 C CB  . VAL A 1 204 ? -12.762 7.231   15.192  1.00 37.16  ? 198 VAL A CB  1 
ATOM   1580 C CG1 . VAL A 1 204 ? -13.752 8.408   15.194  1.00 38.53  ? 198 VAL A CG1 1 
ATOM   1581 C CG2 . VAL A 1 204 ? -12.339 6.879   13.788  1.00 33.78  ? 198 VAL A CG2 1 
ATOM   1582 N N   . ASN A 1 205 ? -12.338 7.735   18.346  1.00 38.24  ? 199 ASN A N   1 
ATOM   1583 C CA  . ASN A 1 205 ? -12.755 8.467   19.532  1.00 43.58  ? 199 ASN A CA  1 
ATOM   1584 C C   . ASN A 1 205 ? -11.601 9.236   20.178  1.00 43.23  ? 199 ASN A C   1 
ATOM   1585 O O   . ASN A 1 205 ? -11.695 10.442  20.390  1.00 44.17  ? 199 ASN A O   1 
ATOM   1586 C CB  . ASN A 1 205 ? -13.423 7.541   20.549  1.00 42.77  ? 199 ASN A CB  1 
ATOM   1587 C CG  . ASN A 1 205 ? -13.769 8.258   21.833  1.00 50.11  ? 199 ASN A CG  1 
ATOM   1588 O OD1 . ASN A 1 205 ? -14.615 9.155   21.850  1.00 54.66  ? 199 ASN A OD1 1 
ATOM   1589 N ND2 . ASN A 1 205 ? -13.109 7.874   22.920  1.00 53.17  ? 199 ASN A ND2 1 
ATOM   1590 N N   . VAL A 1 206 ? -10.522 8.522   20.490  1.00 40.72  ? 200 VAL A N   1 
ATOM   1591 C CA  . VAL A 1 206 ? -9.305  9.121   21.032  1.00 40.87  ? 200 VAL A CA  1 
ATOM   1592 C C   . VAL A 1 206 ? -8.836  10.289  20.164  1.00 41.47  ? 200 VAL A C   1 
ATOM   1593 O O   . VAL A 1 206 ? -8.466  11.346  20.670  1.00 43.76  ? 200 VAL A O   1 
ATOM   1594 C CB  . VAL A 1 206 ? -8.166  8.075   21.123  1.00 39.50  ? 200 VAL A CB  1 
ATOM   1595 C CG1 . VAL A 1 206 ? -6.878  8.720   21.618  1.00 39.32  ? 200 VAL A CG1 1 
ATOM   1596 C CG2 . VAL A 1 206 ? -8.564  6.930   22.038  1.00 36.77  ? 200 VAL A CG2 1 
ATOM   1597 N N   . PHE A 1 207 ? -8.856  10.090  18.853  1.00 35.39  ? 201 PHE A N   1 
ATOM   1598 C CA  . PHE A 1 207 ? -8.396  11.091  17.897  1.00 36.78  ? 201 PHE A CA  1 
ATOM   1599 C C   . PHE A 1 207 ? -9.251  12.358  17.907  1.00 41.94  ? 201 PHE A C   1 
ATOM   1600 O O   . PHE A 1 207 ? -8.725  13.471  17.865  1.00 41.31  ? 201 PHE A O   1 
ATOM   1601 C CB  . PHE A 1 207 ? -8.407  10.480  16.495  1.00 35.32  ? 201 PHE A CB  1 
ATOM   1602 C CG  . PHE A 1 207 ? -7.700  11.302  15.453  1.00 35.01  ? 201 PHE A CG  1 
ATOM   1603 C CD1 . PHE A 1 207 ? -6.325  11.469  15.493  1.00 33.22  ? 201 PHE A CD1 1 
ATOM   1604 C CD2 . PHE A 1 207 ? -8.407  11.874  14.410  1.00 37.49  ? 201 PHE A CD2 1 
ATOM   1605 C CE1 . PHE A 1 207 ? -5.670  12.204  14.513  1.00 33.75  ? 201 PHE A CE1 1 
ATOM   1606 C CE2 . PHE A 1 207 ? -7.759  12.613  13.436  1.00 38.34  ? 201 PHE A CE2 1 
ATOM   1607 C CZ  . PHE A 1 207 ? -6.388  12.776  13.488  1.00 34.55  ? 201 PHE A CZ  1 
ATOM   1608 N N   . LEU A 1 208 ? -10.569 12.183  17.923  1.00 42.33  ? 202 LEU A N   1 
ATOM   1609 C CA  . LEU A 1 208 ? -11.491 13.313  17.840  1.00 40.78  ? 202 LEU A CA  1 
ATOM   1610 C C   . LEU A 1 208 ? -11.650 13.980  19.188  1.00 40.36  ? 202 LEU A C   1 
ATOM   1611 O O   . LEU A 1 208 ? -11.613 15.199  19.277  1.00 42.50  ? 202 LEU A O   1 
ATOM   1612 C CB  . LEU A 1 208 ? -12.855 12.872  17.314  1.00 40.59  ? 202 LEU A CB  1 
ATOM   1613 C CG  . LEU A 1 208 ? -12.914 12.489  15.837  1.00 36.37  ? 202 LEU A CG  1 
ATOM   1614 C CD1 . LEU A 1 208 ? -14.293 11.996  15.473  1.00 38.31  ? 202 LEU A CD1 1 
ATOM   1615 C CD2 . LEU A 1 208 ? -12.516 13.660  14.970  1.00 37.57  ? 202 LEU A CD2 1 
ATOM   1616 N N   . ASN A 1 209 ? -11.761 13.168  20.233  1.00 40.91  ? 203 ASN A N   1 
ATOM   1617 C CA  . ASN A 1 209 ? -12.172 13.640  21.554  1.00 44.16  ? 203 ASN A CA  1 
ATOM   1618 C C   . ASN A 1 209 ? -11.157 13.495  22.675  1.00 46.38  ? 203 ASN A C   1 
ATOM   1619 O O   . ASN A 1 209 ? -11.384 13.984  23.781  1.00 46.20  ? 203 ASN A O   1 
ATOM   1620 C CB  . ASN A 1 209 ? -13.454 12.917  21.983  1.00 47.01  ? 203 ASN A CB  1 
ATOM   1621 C CG  . ASN A 1 209 ? -14.488 12.884  20.888  1.00 46.10  ? 203 ASN A CG  1 
ATOM   1622 O OD1 . ASN A 1 209 ? -14.828 13.923  20.317  1.00 46.80  ? 203 ASN A OD1 1 
ATOM   1623 N ND2 . ASN A 1 209 ? -14.988 11.686  20.573  1.00 42.42  ? 203 ASN A ND2 1 
ATOM   1624 N N   . GLY A 1 210 ? -10.053 12.810  22.413  1.00 42.96  ? 204 GLY A N   1 
ATOM   1625 C CA  . GLY A 1 210 ? -9.048  12.613  23.441  1.00 40.76  ? 204 GLY A CA  1 
ATOM   1626 C C   . GLY A 1 210 ? -9.575  11.735  24.557  1.00 44.80  ? 204 GLY A C   1 
ATOM   1627 O O   . GLY A 1 210 ? -10.780 11.503  24.658  1.00 47.92  ? 204 GLY A O   1 
ATOM   1628 N N   . ILE A 1 211 ? -8.679  11.248  25.406  1.00 42.43  ? 205 ILE A N   1 
ATOM   1629 C CA  . ILE A 1 211 ? -9.092  10.392  26.503  1.00 44.96  ? 205 ILE A CA  1 
ATOM   1630 C C   . ILE A 1 211 ? -9.679  11.202  27.653  1.00 49.54  ? 205 ILE A C   1 
ATOM   1631 O O   . ILE A 1 211 ? -10.289 10.645  28.562  1.00 51.85  ? 205 ILE A O   1 
ATOM   1632 C CB  . ILE A 1 211 ? -7.931  9.532   27.024  1.00 44.87  ? 205 ILE A CB  1 
ATOM   1633 C CG1 . ILE A 1 211 ? -6.744  10.415  27.417  1.00 47.14  ? 205 ILE A CG1 1 
ATOM   1634 C CG2 . ILE A 1 211 ? -7.525  8.509   25.981  1.00 41.91  ? 205 ILE A CG2 1 
ATOM   1635 C CD1 . ILE A 1 211 ? -5.649  9.657   28.135  1.00 50.19  ? 205 ILE A CD1 1 
HETATM 1636 C C1  . TCH B 2 .   ? 0.704   -1.475  2.609   1.00 76.40  ? 211 TCH A C1  1 
HETATM 1637 C C2  . TCH B 2 .   ? -0.070  -0.998  1.385   1.00 75.72  ? 211 TCH A C2  1 
HETATM 1638 C C3  . TCH B 2 .   ? -0.267  -2.082  0.347   1.00 74.60  ? 211 TCH A C3  1 
HETATM 1639 O O3  . TCH B 2 .   ? -1.512  -2.807  0.557   1.00 77.21  ? 211 TCH A O3  1 
HETATM 1640 C C4  . TCH B 2 .   ? 1.059   -2.814  0.186   1.00 68.19  ? 211 TCH A C4  1 
HETATM 1641 C C5  . TCH B 2 .   ? 1.999   -1.771  0.758   1.00 69.70  ? 211 TCH A C5  1 
HETATM 1642 C C6  . TCH B 2 .   ? 3.420   -1.460  0.351   1.00 72.36  ? 211 TCH A C6  1 
HETATM 1643 C C7  . TCH B 2 .   ? 3.490   0.012   0.594   1.00 79.13  ? 211 TCH A C7  1 
HETATM 1644 O O7  . TCH B 2 .   ? 2.278   0.468   1.205   1.00 83.11  ? 211 TCH A O7  1 
HETATM 1645 C C8  . TCH B 2 .   ? 4.227   -0.224  1.811   1.00 72.21  ? 211 TCH A C8  1 
HETATM 1646 C C9  . TCH B 2 .   ? 3.263   -1.019  2.715   1.00 72.60  ? 211 TCH A C9  1 
HETATM 1647 C C10 . TCH B 2 .   ? 2.096   -1.919  2.217   1.00 72.06  ? 211 TCH A C10 1 
HETATM 1648 C C11 . TCH B 2 .   ? 3.953   -1.387  4.025   1.00 71.42  ? 211 TCH A C11 1 
HETATM 1649 C C12 . TCH B 2 .   ? 5.021   -0.358  4.444   1.00 68.39  ? 211 TCH A C12 1 
HETATM 1650 O O12 . TCH B 2 .   ? 5.135   -0.332  5.883   1.00 66.03  ? 211 TCH A O12 1 
HETATM 1651 C C13 . TCH B 2 .   ? 5.247   0.954   3.630   1.00 62.02  ? 211 TCH A C13 1 
HETATM 1652 C C14 . TCH B 2 .   ? 4.356   1.112   2.420   1.00 64.16  ? 211 TCH A C14 1 
HETATM 1653 C C15 . TCH B 2 .   ? 4.800   2.346   1.719   1.00 63.81  ? 211 TCH A C15 1 
HETATM 1654 C C16 . TCH B 2 .   ? 5.039   3.222   2.964   1.00 67.61  ? 211 TCH A C16 1 
HETATM 1655 C C17 . TCH B 2 .   ? 4.891   2.322   4.188   1.00 70.49  ? 211 TCH A C17 1 
HETATM 1656 C C18 . TCH B 2 .   ? 6.695   1.035   3.193   1.00 54.29  ? 211 TCH A C18 1 
HETATM 1657 C C19 . TCH B 2 .   ? 2.224   -3.406  2.546   1.00 66.15  ? 211 TCH A C19 1 
HETATM 1658 O O1S . TCH B 2 .   ? 6.394   10.960  4.333   1.00 95.73  ? 211 TCH A O1S 1 
HETATM 1659 C C20 . TCH B 2 .   ? 5.710   2.773   5.368   1.00 62.03  ? 211 TCH A C20 1 
HETATM 1660 C C21 . TCH B 2 .   ? 7.164   2.582   5.052   1.00 52.69  ? 211 TCH A C21 1 
HETATM 1661 C C22 . TCH B 2 .   ? 5.403   4.176   5.846   1.00 60.80  ? 211 TCH A C22 1 
HETATM 1662 C C23 . TCH B 2 .   ? 4.137   4.784   5.273   1.00 71.60  ? 211 TCH A C23 1 
HETATM 1663 C C24 . TCH B 2 .   ? 4.493   6.060   4.588   1.00 71.04  ? 211 TCH A C24 1 
HETATM 1664 N N24 . TCH B 2 .   ? 4.113   7.220   5.112   1.00 76.70  ? 211 TCH A N24 1 
HETATM 1665 O O24 . TCH B 2 .   ? 5.135   5.988   3.586   1.00 67.53  ? 211 TCH A O24 1 
HETATM 1666 C C25 . TCH B 2 .   ? 4.760   8.476   4.725   1.00 78.62  ? 211 TCH A C25 1 
HETATM 1667 C C26 . TCH B 2 .   ? 4.966   9.442   5.894   1.00 77.39  ? 211 TCH A C26 1 
HETATM 1668 S S26 . TCH B 2 .   ? 5.649   10.933  5.595   1.00 99.42  ? 211 TCH A S26 1 
HETATM 1669 O O2S . TCH B 2 .   ? 6.495   11.295  6.732   1.00 98.53  ? 211 TCH A O2S 1 
HETATM 1670 O O3S . TCH B 2 .   ? 4.654   12.003  5.519   1.00 99.85  ? 211 TCH A O3S 1 
HETATM 1671 O O   . HOH C 3 .   ? 18.554  -6.321  3.251   1.00 32.97  ? 212 HOH A O   1 
HETATM 1672 O O   . HOH C 3 .   ? 6.887   -12.416 1.802   1.00 27.04  ? 213 HOH A O   1 
HETATM 1673 O O   . HOH C 3 .   ? -0.463  -10.524 -20.451 1.00 34.16  ? 214 HOH A O   1 
HETATM 1674 O O   . HOH C 3 .   ? 10.179  0.007   -10.447 1.00 39.82  ? 215 HOH A O   1 
HETATM 1675 O O   . HOH C 3 .   ? 0.841   -13.847 -10.332 1.00 35.64  ? 216 HOH A O   1 
HETATM 1676 O O   . HOH C 3 .   ? 0.636   1.749   -30.941 1.00 22.20  ? 217 HOH A O   1 
HETATM 1677 O O   . HOH C 3 .   ? -1.098  3.534   1.871   1.00 52.16  ? 218 HOH A O   1 
HETATM 1678 O O   . HOH C 3 .   ? -1.811  18.511  19.036  1.00 39.95  ? 219 HOH A O   1 
HETATM 1679 O O   . HOH C 3 .   ? -2.394  1.866   17.607  1.00 30.09  ? 220 HOH A O   1 
HETATM 1680 O O   . HOH C 3 .   ? -3.214  0.328   20.305  1.00 40.14  ? 221 HOH A O   1 
HETATM 1681 O O   . HOH C 3 .   ? -0.654  -7.697  15.469  1.00 32.60  ? 222 HOH A O   1 
HETATM 1682 O O   . HOH C 3 .   ? -12.480 -2.977  8.156   1.00 36.22  ? 223 HOH A O   1 
HETATM 1683 O O   . HOH C 3 .   ? -15.943 5.495   15.023  1.00 45.77  ? 224 HOH A O   1 
HETATM 1684 O O   . HOH C 3 .   ? 0.206   -12.496 10.100  1.00 35.90  ? 225 HOH A O   1 
HETATM 1685 O O   . HOH C 3 .   ? -3.213  -6.683  12.053  1.00 29.08  ? 226 HOH A O   1 
HETATM 1686 O O   . HOH C 3 .   ? -3.047  -7.750  14.574  1.00 34.64  ? 227 HOH A O   1 
HETATM 1687 O O   . HOH C 3 .   ? -2.935  -7.394  18.988  1.00 52.17  ? 228 HOH A O   1 
HETATM 1688 O O   . HOH C 3 .   ? -4.790  -3.821  12.265  1.00 36.10  ? 229 HOH A O   1 
HETATM 1689 O O   . HOH C 3 .   ? -4.794  -7.553  16.919  1.00 40.71  ? 230 HOH A O   1 
HETATM 1690 O O   . HOH C 3 .   ? -0.912  -5.721  8.664   1.00 35.52  ? 231 HOH A O   1 
HETATM 1691 O O   . HOH C 3 .   ? -15.645 6.346   17.477  1.00 38.59  ? 232 HOH A O   1 
HETATM 1692 O O   . HOH C 3 .   ? -0.926  6.132   3.177   1.00 39.10  ? 233 HOH A O   1 
HETATM 1693 O O   . HOH C 3 .   ? 16.612  8.543   -2.786  1.00 45.54  ? 234 HOH A O   1 
HETATM 1694 O O   . HOH C 3 .   ? -4.144  -14.342 10.878  1.00 45.31  ? 235 HOH A O   1 
HETATM 1695 O O   . HOH C 3 .   ? 1.263   19.037  8.920   1.00 43.36  ? 236 HOH A O   1 
HETATM 1696 O O   . HOH C 3 .   ? 16.894  -16.720 -17.828 1.00 48.38  ? 237 HOH A O   1 
HETATM 1697 O O   . HOH C 3 .   ? 19.413  6.121   -7.352  1.00 45.08  ? 238 HOH A O   1 
HETATM 1698 O O   . HOH C 3 .   ? 12.618  2.546   -6.936  1.00 39.63  ? 239 HOH A O   1 
HETATM 1699 O O   . HOH C 3 .   ? -14.094 -0.096  20.305  1.00 44.54  ? 240 HOH A O   1 
HETATM 1700 O O   . HOH C 3 .   ? 8.267   1.622   -9.434  1.00 48.44  ? 241 HOH A O   1 
HETATM 1701 O O   . HOH C 3 .   ? -6.360  -11.019 15.763  1.00 51.67  ? 242 HOH A O   1 
HETATM 1702 O O   . HOH C 3 .   ? -11.023 -1.874  1.933   1.00 51.66  ? 243 HOH A O   1 
HETATM 1703 O O   . HOH C 3 .   ? 20.969  -17.687 -13.176 1.00 50.75  ? 244 HOH A O   1 
HETATM 1704 O O   . HOH C 3 .   ? -18.997 4.947   2.667   1.00 65.34  ? 245 HOH A O   1 
HETATM 1705 O O   . HOH C 3 .   ? -2.937  -4.687  -23.030 1.00 45.04  ? 246 HOH A O   1 
HETATM 1706 O O   . HOH C 3 .   ? 17.435  -1.263  -2.736  1.00 58.97  ? 247 HOH A O   1 
HETATM 1707 O O   . HOH C 3 .   ? 3.226   -15.118 16.563  1.00 39.34  ? 248 HOH A O   1 
HETATM 1708 O O   . HOH C 3 .   ? -16.142 9.252   18.859  1.00 52.43  ? 249 HOH A O   1 
HETATM 1709 O O   . HOH C 3 .   ? 11.902  -14.935 0.421   1.00 35.38  ? 250 HOH A O   1 
HETATM 1710 O O   . HOH C 3 .   ? 21.130  6.041   2.719   1.00 54.58  ? 251 HOH A O   1 
HETATM 1711 O O   . HOH C 3 .   ? -12.810 13.261  28.195  1.00 48.81  ? 252 HOH A O   1 
HETATM 1712 O O   . HOH C 3 .   ? -9.995  13.597  28.942  1.00 56.66  ? 253 HOH A O   1 
HETATM 1713 O O   . HOH C 3 .   ? -7.929  13.894  30.517  1.00 44.16  ? 254 HOH A O   1 
HETATM 1714 O O   . HOH C 3 .   ? -9.810  -8.369  6.750   1.00 46.68  ? 255 HOH A O   1 
HETATM 1715 O O   . HOH C 3 .   ? 0.176   -8.693  -14.043 1.00 45.59  ? 256 HOH A O   1 
HETATM 1716 O O   . HOH C 3 .   ? 1.372   2.547   2.893   1.00 58.52  ? 257 HOH A O   1 
HETATM 1717 O O   . HOH C 3 .   ? -13.776 10.780  28.058  1.00 56.85  ? 258 HOH A O   1 
HETATM 1718 O O   . HOH C 3 .   ? 0.043   20.815  20.213  1.00 45.12  ? 259 HOH A O   1 
HETATM 1719 O O   . HOH C 3 .   ? -0.809  -11.650 -17.684 1.00 48.89  ? 260 HOH A O   1 
HETATM 1720 O O   . HOH C 3 .   ? -14.570 -3.500  6.272   1.00 49.73  ? 261 HOH A O   1 
HETATM 1721 O O   . HOH C 3 .   ? 3.950   0.295   -14.014 1.00 49.71  ? 262 HOH A O   1 
HETATM 1722 O O   . HOH C 3 .   ? 17.746  -8.893  -9.734  1.00 49.76  ? 263 HOH A O   1 
HETATM 1723 O O   . HOH C 3 .   ? -1.086  -13.786 7.840   1.00 47.03  ? 264 HOH A O   1 
HETATM 1724 O O   . HOH C 3 .   ? 2.154   4.173   9.612   1.00 46.73  ? 265 HOH A O   1 
# 
